data_8F12
# 
_entry.id   8F12 
# 
_audit_conform.dict_name       mmcif_pdbx.dic 
_audit_conform.dict_version    5.381 
_audit_conform.dict_location   http://mmcif.pdb.org/dictionaries/ascii/mmcif_pdbx.dic 
# 
loop_
_database_2.database_id 
_database_2.database_code 
_database_2.pdbx_database_accession 
_database_2.pdbx_DOI 
PDB   8F12         pdb_00008f12 10.2210/pdb8f12/pdb 
WWPDB D_1000269793 ?            ?                   
# 
_pdbx_database_status.status_code                     REL 
_pdbx_database_status.status_code_sf                  REL 
_pdbx_database_status.status_code_mr                  ? 
_pdbx_database_status.entry_id                        8F12 
_pdbx_database_status.recvd_initial_deposition_date   2022-11-04 
_pdbx_database_status.SG_entry                        N 
_pdbx_database_status.deposit_site                    RCSB 
_pdbx_database_status.process_site                    RCSB 
_pdbx_database_status.status_code_cs                  ? 
_pdbx_database_status.status_code_nmr_data            ? 
_pdbx_database_status.methods_development_category    ? 
_pdbx_database_status.pdb_format_compatible           Y 
# 
loop_
_audit_author.name 
_audit_author.pdbx_ordinal 
_audit_author.identifier_ORCID 
'Li, K.'           1 0000-0002-9139-4257 
'Callahan, A.J.'   2 0000-0002-8414-1382 
'Travaline, T.L.'  3 0000-0002-7218-8650 
'Tokareva, O.S.'   4 0000-0002-5413-1650 
'Swiecicki, J.-M.' 5 0000-0002-7139-8621 
'Verdine, G.L.'    6 0000-0002-2195-364X 
'Pentelute, B.L.'  7 0000-0002-7242-801X 
'McGee, J.H.'      8 0000-0002-3440-5247 
# 
_citation.abstract                  ? 
_citation.abstract_id_CAS           ? 
_citation.book_id_ISBN              ? 
_citation.book_publisher            ? 
_citation.book_publisher_city       ? 
_citation.book_title                ? 
_citation.coordinate_linkage        ? 
_citation.country                   US 
_citation.database_id_Medline       ? 
_citation.details                   ? 
_citation.id                        primary 
_citation.journal_abbrev            Chemrxiv 
_citation.journal_id_ASTM           ? 
_citation.journal_id_CSD            ? 
_citation.journal_id_ISSN           2573-2293 
_citation.journal_full              ? 
_citation.journal_issue             ? 
_citation.journal_volume            ? 
_citation.language                  ? 
_citation.page_first                ? 
_citation.page_last                 ? 
_citation.title                     'Single-Shot Flow Synthesis of D-Proteins for Mirror-Image Phage Display' 
_citation.year                      2023 
_citation.database_id_CSD           ? 
_citation.pdbx_database_id_DOI      10.26434/chemrxiv-2023-x86xp 
_citation.pdbx_database_id_PubMed   ? 
_citation.pdbx_database_id_patent   ? 
_citation.unpublished_flag          ? 
# 
loop_
_citation_author.citation_id 
_citation_author.name 
_citation_author.ordinal 
_citation_author.identifier_ORCID 
primary 'Callahan, A.J.'     1  0000-0002-8414-1382 
primary 'Gandhesiri, S.'     2  ?                   
primary 'Travaline, T.L.'    3  0000-0002-7218-8650 
primary 'Lozano Salazar, L.' 4  ?                   
primary 'Hanna, S.'          5  ?                   
primary 'Lee, Y.-C.'         6  ?                   
primary 'Li, K.'             7  0000-0002-9139-4257 
primary 'Tokareva, O.S.'     8  0000-0002-5413-1650 
primary 'Swiecicki, J.-M.'   9  0000-0002-7139-8621 
primary 'Loas, A.'           10 ?                   
primary 'Verdine, G.L.'      11 0000-0002-2195-364X 
primary 'McGee, J.H.'        12 0000-0002-3440-5247 
primary 'Pentelute, B.L.'    13 0000-0002-7242-801X 
# 
_cell.angle_alpha                  90.000 
_cell.angle_alpha_esd              ? 
_cell.angle_beta                   90.000 
_cell.angle_beta_esd               ? 
_cell.angle_gamma                  90.000 
_cell.angle_gamma_esd              ? 
_cell.entry_id                     8F12 
_cell.details                      ? 
_cell.formula_units_Z              ? 
_cell.length_a                     60.310 
_cell.length_a_esd                 ? 
_cell.length_b                     60.310 
_cell.length_b_esd                 ? 
_cell.length_c                     84.590 
_cell.length_c_esd                 ? 
_cell.volume                       ? 
_cell.volume_esd                   ? 
_cell.Z_PDB                        8 
_cell.reciprocal_angle_alpha       ? 
_cell.reciprocal_angle_beta        ? 
_cell.reciprocal_angle_gamma       ? 
_cell.reciprocal_angle_alpha_esd   ? 
_cell.reciprocal_angle_beta_esd    ? 
_cell.reciprocal_angle_gamma_esd   ? 
_cell.reciprocal_length_a          ? 
_cell.reciprocal_length_b          ? 
_cell.reciprocal_length_c          ? 
_cell.reciprocal_length_a_esd      ? 
_cell.reciprocal_length_b_esd      ? 
_cell.reciprocal_length_c_esd      ? 
_cell.pdbx_unique_axis             ? 
_cell.pdbx_esd_method              ? 
# 
_symmetry.entry_id                         8F12 
_symmetry.cell_setting                     ? 
_symmetry.Int_Tables_number                96 
_symmetry.space_group_name_Hall            ? 
_symmetry.space_group_name_H-M             'P 43 21 2' 
_symmetry.pdbx_full_space_group_name_H-M   ? 
# 
loop_
_entity.id 
_entity.type 
_entity.src_method 
_entity.pdbx_description 
_entity.formula_weight 
_entity.pdbx_number_of_molecules 
_entity.pdbx_ec 
_entity.pdbx_mutation 
_entity.pdbx_fragment 
_entity.details 
1 polymer     man 'E3 ubiquitin-protein ligase Mdm2' 11099.000 1  2.3.2.27 ? ? ? 
2 polymer     syn H103                               1976.255  1  ?        ? ? ? 
3 non-polymer syn 'SULFATE ION'                      96.063    2  ?        ? ? ? 
4 non-polymer syn 'CHLORIDE ION'                     35.453    1  ?        ? ? ? 
5 non-polymer syn "N,N'-(1,4-phenylene)diacetamide"  192.214   1  ?        ? ? ? 
6 water       nat water                              18.015    77 ?        ? ? ? 
# 
_entity_name_com.entity_id   1 
_entity_name_com.name        
'Double minute 2 protein,Hdm2,Oncoprotein Mdm2,RING-type E3 ubiquitin transferase Mdm2,p53-binding protein Mdm2' 
# 
loop_
_entity_poly.entity_id 
_entity_poly.type 
_entity_poly.nstd_linkage 
_entity_poly.nstd_monomer 
_entity_poly.pdbx_seq_one_letter_code 
_entity_poly.pdbx_seq_one_letter_code_can 
_entity_poly.pdbx_strand_id 
_entity_poly.pdbx_target_identifier 
1 'polypeptide(L)' no no  
;SQIPASEQETLVRPKPLLLKLLKSVGAQKDTYTMKEVLFYLGQYIMTKRLYDEKQQHIVYCSNDLLGDLFGVPSFSVKEH
RKIYTMIYRNLVVVN
;
;SQIPASEQETLVRPKPLLLKLLKSVGAQKDTYTMKEVLFYLGQYIMTKRLYDEKQQHIVYCSNDLLGDLFGVPSFSVKEH
RKIYTMIYRNLVVVN
;
A ? 
2 'polypeptide(D)' no yes 
;(ACE)(DAS)(DPR)(DAL)(DTR)(DTY)(DGL)(DCY)(DNE)(DGL)(DAL)(DAL)(DNE)(DNE)(DCY)(DGN)
(DGN)(DVA)(NH2)
;
XDPAWYECLEAALLCQQVX                                                                                B ? 
# 
loop_
_entity_poly_seq.entity_id 
_entity_poly_seq.num 
_entity_poly_seq.mon_id 
_entity_poly_seq.hetero 
1 1  SER n 
1 2  GLN n 
1 3  ILE n 
1 4  PRO n 
1 5  ALA n 
1 6  SER n 
1 7  GLU n 
1 8  GLN n 
1 9  GLU n 
1 10 THR n 
1 11 LEU n 
1 12 VAL n 
1 13 ARG n 
1 14 PRO n 
1 15 LYS n 
1 16 PRO n 
1 17 LEU n 
1 18 LEU n 
1 19 LEU n 
1 20 LYS n 
1 21 LEU n 
1 22 LEU n 
1 23 LYS n 
1 24 SER n 
1 25 VAL n 
1 26 GLY n 
1 27 ALA n 
1 28 GLN n 
1 29 LYS n 
1 30 ASP n 
1 31 THR n 
1 32 TYR n 
1 33 THR n 
1 34 MET n 
1 35 LYS n 
1 36 GLU n 
1 37 VAL n 
1 38 LEU n 
1 39 PHE n 
1 40 TYR n 
1 41 LEU n 
1 42 GLY n 
1 43 GLN n 
1 44 TYR n 
1 45 ILE n 
1 46 MET n 
1 47 THR n 
1 48 LYS n 
1 49 ARG n 
1 50 LEU n 
1 51 TYR n 
1 52 ASP n 
1 53 GLU n 
1 54 LYS n 
1 55 GLN n 
1 56 GLN n 
1 57 HIS n 
1 58 ILE n 
1 59 VAL n 
1 60 TYR n 
1 61 CYS n 
1 62 SER n 
1 63 ASN n 
1 64 ASP n 
1 65 LEU n 
1 66 LEU n 
1 67 GLY n 
1 68 ASP n 
1 69 LEU n 
1 70 PHE n 
1 71 GLY n 
1 72 VAL n 
1 73 PRO n 
1 74 SER n 
1 75 PHE n 
1 76 SER n 
1 77 VAL n 
1 78 LYS n 
1 79 GLU n 
1 80 HIS n 
1 81 ARG n 
1 82 LYS n 
1 83 ILE n 
1 84 TYR n 
1 85 THR n 
1 86 MET n 
1 87 ILE n 
1 88 TYR n 
1 89 ARG n 
1 90 ASN n 
1 91 LEU n 
1 92 VAL n 
1 93 VAL n 
1 94 VAL n 
1 95 ASN n 
2 1  ACE n 
2 2  DAS n 
2 3  DPR n 
2 4  DAL n 
2 5  DTR n 
2 6  DTY n 
2 7  DGL n 
2 8  DCY n 
2 9  DNE n 
2 10 DGL n 
2 11 DAL n 
2 12 DAL n 
2 13 DNE n 
2 14 DNE n 
2 15 DCY n 
2 16 DGN n 
2 17 DGN n 
2 18 DVA n 
2 19 NH2 n 
# 
_entity_src_gen.entity_id                          1 
_entity_src_gen.pdbx_src_id                        1 
_entity_src_gen.pdbx_alt_source_flag               sample 
_entity_src_gen.pdbx_seq_type                      'Biological sequence' 
_entity_src_gen.pdbx_beg_seq_num                   1 
_entity_src_gen.pdbx_end_seq_num                   95 
_entity_src_gen.gene_src_common_name               human 
_entity_src_gen.gene_src_genus                     ? 
_entity_src_gen.pdbx_gene_src_gene                 MDM2 
_entity_src_gen.gene_src_species                   ? 
_entity_src_gen.gene_src_strain                    ? 
_entity_src_gen.gene_src_tissue                    ? 
_entity_src_gen.gene_src_tissue_fraction           ? 
_entity_src_gen.gene_src_details                   ? 
_entity_src_gen.pdbx_gene_src_fragment             ? 
_entity_src_gen.pdbx_gene_src_scientific_name      'Homo sapiens' 
_entity_src_gen.pdbx_gene_src_ncbi_taxonomy_id     9606 
_entity_src_gen.pdbx_gene_src_variant              ? 
_entity_src_gen.pdbx_gene_src_cell_line            ? 
_entity_src_gen.pdbx_gene_src_atcc                 ? 
_entity_src_gen.pdbx_gene_src_organ                ? 
_entity_src_gen.pdbx_gene_src_organelle            ? 
_entity_src_gen.pdbx_gene_src_cell                 ? 
_entity_src_gen.pdbx_gene_src_cellular_location    ? 
_entity_src_gen.host_org_common_name               ? 
_entity_src_gen.pdbx_host_org_scientific_name      'Escherichia coli' 
_entity_src_gen.pdbx_host_org_ncbi_taxonomy_id     562 
_entity_src_gen.host_org_genus                     ? 
_entity_src_gen.pdbx_host_org_gene                 ? 
_entity_src_gen.pdbx_host_org_organ                ? 
_entity_src_gen.host_org_species                   ? 
_entity_src_gen.pdbx_host_org_tissue               ? 
_entity_src_gen.pdbx_host_org_tissue_fraction      ? 
_entity_src_gen.pdbx_host_org_strain               ? 
_entity_src_gen.pdbx_host_org_variant              ? 
_entity_src_gen.pdbx_host_org_cell_line            ? 
_entity_src_gen.pdbx_host_org_atcc                 ? 
_entity_src_gen.pdbx_host_org_culture_collection   ? 
_entity_src_gen.pdbx_host_org_cell                 ? 
_entity_src_gen.pdbx_host_org_organelle            ? 
_entity_src_gen.pdbx_host_org_cellular_location    ? 
_entity_src_gen.pdbx_host_org_vector_type          ? 
_entity_src_gen.pdbx_host_org_vector               ? 
_entity_src_gen.host_org_details                   ? 
_entity_src_gen.expression_system_id               ? 
_entity_src_gen.plasmid_name                       ? 
_entity_src_gen.plasmid_details                    ? 
_entity_src_gen.pdbx_description                   ? 
# 
_pdbx_entity_src_syn.entity_id              2 
_pdbx_entity_src_syn.pdbx_src_id            1 
_pdbx_entity_src_syn.pdbx_alt_source_flag   sample 
_pdbx_entity_src_syn.pdbx_beg_seq_num       1 
_pdbx_entity_src_syn.pdbx_end_seq_num       19 
_pdbx_entity_src_syn.organism_scientific    'synthetic construct' 
_pdbx_entity_src_syn.organism_common_name   ? 
_pdbx_entity_src_syn.ncbi_taxonomy_id       32630 
_pdbx_entity_src_syn.details                ? 
# 
loop_
_struct_ref.id 
_struct_ref.db_name 
_struct_ref.db_code 
_struct_ref.pdbx_db_accession 
_struct_ref.pdbx_db_isoform 
_struct_ref.entity_id 
_struct_ref.pdbx_seq_one_letter_code 
_struct_ref.pdbx_align_begin 
1 UNP MDM2_HUMAN Q00987 ? 1 
;SQIPASEQETLVRPKPLLLKLLKSVGAQKDTYTMKEVLFYLGQYIMTKRLYDEKQQHIVYCSNDLLGDLFGVPSFSVKEH
RKIYTMIYRNLVVVN
;
17 
2 PDB 8F12       8F12   ? 2 ?                                                                                                  1  
# 
loop_
_struct_ref_seq.align_id 
_struct_ref_seq.ref_id 
_struct_ref_seq.pdbx_PDB_id_code 
_struct_ref_seq.pdbx_strand_id 
_struct_ref_seq.seq_align_beg 
_struct_ref_seq.pdbx_seq_align_beg_ins_code 
_struct_ref_seq.seq_align_end 
_struct_ref_seq.pdbx_seq_align_end_ins_code 
_struct_ref_seq.pdbx_db_accession 
_struct_ref_seq.db_align_beg 
_struct_ref_seq.pdbx_db_align_beg_ins_code 
_struct_ref_seq.db_align_end 
_struct_ref_seq.pdbx_db_align_end_ins_code 
_struct_ref_seq.pdbx_auth_seq_align_beg 
_struct_ref_seq.pdbx_auth_seq_align_end 
1 1 8F12 A 1 ? 95 ? Q00987 17 ? 111 ? 17 111 
2 2 8F12 B 1 ? 19 ? 8F12   0  ? 18  ? 0  18  
# 
loop_
_chem_comp.id 
_chem_comp.type 
_chem_comp.mon_nstd_flag 
_chem_comp.name 
_chem_comp.pdbx_synonyms 
_chem_comp.formula 
_chem_comp.formula_weight 
ACE non-polymer         . 'ACETYL GROUP'                    ? 'C2 H4 O'        44.053  
ALA 'L-peptide linking' y ALANINE                           ? 'C3 H7 N O2'     89.093  
ARG 'L-peptide linking' y ARGININE                          ? 'C6 H15 N4 O2 1' 175.209 
ASN 'L-peptide linking' y ASPARAGINE                        ? 'C4 H8 N2 O3'    132.118 
ASP 'L-peptide linking' y 'ASPARTIC ACID'                   ? 'C4 H7 N O4'     133.103 
CL  non-polymer         . 'CHLORIDE ION'                    ? 'Cl -1'          35.453  
CYS 'L-peptide linking' y CYSTEINE                          ? 'C3 H7 N O2 S'   121.158 
DAL 'D-peptide linking' . D-ALANINE                         ? 'C3 H7 N O2'     89.093  
DAS 'D-peptide linking' . 'D-ASPARTIC ACID'                 ? 'C4 H7 N O4'     133.103 
DCY 'D-peptide linking' . D-CYSTEINE                        ? 'C3 H7 N O2 S'   121.158 
DGL 'D-peptide linking' . 'D-GLUTAMIC ACID'                 ? 'C5 H9 N O4'     147.129 
DGN 'D-peptide linking' . D-GLUTAMINE                       ? 'C5 H10 N2 O3'   146.144 
DNE 'D-peptide linking' . D-NORLEUCINE                      ? 'C6 H13 N O2'    131.173 
DPR 'D-peptide linking' . D-PROLINE                         ? 'C5 H9 N O2'     115.130 
DTR 'D-peptide linking' . D-TRYPTOPHAN                      ? 'C11 H12 N2 O2'  204.225 
DTY 'D-peptide linking' . D-TYROSINE                        ? 'C9 H11 N O3'    181.189 
DVA 'D-peptide linking' . D-VALINE                          ? 'C5 H11 N O2'    117.146 
GLN 'L-peptide linking' y GLUTAMINE                         ? 'C5 H10 N2 O3'   146.144 
GLU 'L-peptide linking' y 'GLUTAMIC ACID'                   ? 'C5 H9 N O4'     147.129 
GLY 'peptide linking'   y GLYCINE                           ? 'C2 H5 N O2'     75.067  
HIS 'L-peptide linking' y HISTIDINE                         ? 'C6 H10 N3 O2 1' 156.162 
HOH non-polymer         . WATER                             ? 'H2 O'           18.015  
ILE 'L-peptide linking' y ISOLEUCINE                        ? 'C6 H13 N O2'    131.173 
LEU 'L-peptide linking' y LEUCINE                           ? 'C6 H13 N O2'    131.173 
LYS 'L-peptide linking' y LYSINE                            ? 'C6 H15 N2 O2 1' 147.195 
MET 'L-peptide linking' y METHIONINE                        ? 'C5 H11 N O2 S'  149.211 
NH2 non-polymer         . 'AMINO GROUP'                     ? 'H2 N'           16.023  
PHE 'L-peptide linking' y PHENYLALANINE                     ? 'C9 H11 N O2'    165.189 
PRO 'L-peptide linking' y PROLINE                           ? 'C5 H9 N O2'     115.130 
SER 'L-peptide linking' y SERINE                            ? 'C3 H7 N O3'     105.093 
SO4 non-polymer         . 'SULFATE ION'                     ? 'O4 S -2'        96.063  
THR 'L-peptide linking' y THREONINE                         ? 'C4 H9 N O3'     119.119 
TYR 'L-peptide linking' y TYROSINE                          ? 'C9 H11 N O3'    181.189 
VAL 'L-peptide linking' y VALINE                            ? 'C5 H11 N O2'    117.146 
WHL non-polymer         . "N,N'-(1,4-phenylene)diacetamide" ? 'C10 H12 N2 O2'  192.214 
# 
_exptl.absorpt_coefficient_mu     ? 
_exptl.absorpt_correction_T_max   ? 
_exptl.absorpt_correction_T_min   ? 
_exptl.absorpt_correction_type    ? 
_exptl.absorpt_process_details    ? 
_exptl.entry_id                   8F12 
_exptl.crystals_number            1 
_exptl.details                    ? 
_exptl.method                     'X-RAY DIFFRACTION' 
_exptl.method_details             ? 
# 
_exptl_crystal.colour                       ? 
_exptl_crystal.density_diffrn               ? 
_exptl_crystal.density_Matthews             2.94 
_exptl_crystal.density_method               ? 
_exptl_crystal.density_percent_sol          58.18 
_exptl_crystal.description                  ? 
_exptl_crystal.F_000                        ? 
_exptl_crystal.id                           1 
_exptl_crystal.preparation                  ? 
_exptl_crystal.size_max                     ? 
_exptl_crystal.size_mid                     ? 
_exptl_crystal.size_min                     ? 
_exptl_crystal.size_rad                     ? 
_exptl_crystal.colour_lustre                ? 
_exptl_crystal.colour_modifier              ? 
_exptl_crystal.colour_primary               ? 
_exptl_crystal.density_meas                 ? 
_exptl_crystal.density_meas_esd             ? 
_exptl_crystal.density_meas_gt              ? 
_exptl_crystal.density_meas_lt              ? 
_exptl_crystal.density_meas_temp            ? 
_exptl_crystal.density_meas_temp_esd        ? 
_exptl_crystal.density_meas_temp_gt         ? 
_exptl_crystal.density_meas_temp_lt         ? 
_exptl_crystal.pdbx_crystal_image_url       ? 
_exptl_crystal.pdbx_crystal_image_format    ? 
_exptl_crystal.pdbx_mosaicity               ? 
_exptl_crystal.pdbx_mosaicity_esd           ? 
_exptl_crystal.pdbx_mosaic_method           ? 
_exptl_crystal.pdbx_mosaic_block_size       ? 
_exptl_crystal.pdbx_mosaic_block_size_esd   ? 
# 
_exptl_crystal_grow.apparatus       ? 
_exptl_crystal_grow.atmosphere      ? 
_exptl_crystal_grow.crystal_id      1 
_exptl_crystal_grow.details         ? 
_exptl_crystal_grow.method          'VAPOR DIFFUSION, SITTING DROP' 
_exptl_crystal_grow.method_ref      ? 
_exptl_crystal_grow.pH              ? 
_exptl_crystal_grow.pressure        ? 
_exptl_crystal_grow.pressure_esd    ? 
_exptl_crystal_grow.seeding         ? 
_exptl_crystal_grow.seeding_ref     ? 
_exptl_crystal_grow.temp            291 
_exptl_crystal_grow.temp_details    ? 
_exptl_crystal_grow.temp_esd        ? 
_exptl_crystal_grow.time            ? 
_exptl_crystal_grow.pdbx_details    '3.2 M Ammonium sulfate, 0.1 M Citrate pH 5.0' 
_exptl_crystal_grow.pdbx_pH_range   ? 
# 
_diffrn.ambient_environment              ? 
_diffrn.ambient_temp                     100 
_diffrn.ambient_temp_details             ? 
_diffrn.ambient_temp_esd                 ? 
_diffrn.crystal_id                       1 
_diffrn.crystal_support                  ? 
_diffrn.crystal_treatment                ? 
_diffrn.details                          ? 
_diffrn.id                               1 
_diffrn.ambient_pressure                 ? 
_diffrn.ambient_pressure_esd             ? 
_diffrn.ambient_pressure_gt              ? 
_diffrn.ambient_pressure_lt              ? 
_diffrn.ambient_temp_gt                  ? 
_diffrn.ambient_temp_lt                  ? 
_diffrn.pdbx_serial_crystal_experiment   N 
# 
_diffrn_detector.details                      ? 
_diffrn_detector.detector                     PIXEL 
_diffrn_detector.diffrn_id                    1 
_diffrn_detector.type                         'DECTRIS EIGER X 16M' 
_diffrn_detector.area_resol_mean              ? 
_diffrn_detector.dtime                        ? 
_diffrn_detector.pdbx_frames_total            ? 
_diffrn_detector.pdbx_collection_time_total   ? 
_diffrn_detector.pdbx_collection_date         2021-03-07 
_diffrn_detector.pdbx_frequency               ? 
# 
_diffrn_radiation.collimation                      ? 
_diffrn_radiation.diffrn_id                        1 
_diffrn_radiation.filter_edge                      ? 
_diffrn_radiation.inhomogeneity                    ? 
_diffrn_radiation.monochromator                    ? 
_diffrn_radiation.polarisn_norm                    ? 
_diffrn_radiation.polarisn_ratio                   ? 
_diffrn_radiation.probe                            ? 
_diffrn_radiation.type                             ? 
_diffrn_radiation.xray_symbol                      ? 
_diffrn_radiation.wavelength_id                    1 
_diffrn_radiation.pdbx_monochromatic_or_laue_m_l   M 
_diffrn_radiation.pdbx_wavelength_list             ? 
_diffrn_radiation.pdbx_wavelength                  ? 
_diffrn_radiation.pdbx_diffrn_protocol             'SINGLE WAVELENGTH' 
_diffrn_radiation.pdbx_analyzer                    ? 
_diffrn_radiation.pdbx_scattering_type             x-ray 
# 
_diffrn_radiation_wavelength.id           1 
_diffrn_radiation_wavelength.wavelength   1.03317 
_diffrn_radiation_wavelength.wt           1.0 
# 
_diffrn_source.current                     ? 
_diffrn_source.details                     ? 
_diffrn_source.diffrn_id                   1 
_diffrn_source.power                       ? 
_diffrn_source.size                        ? 
_diffrn_source.source                      SYNCHROTRON 
_diffrn_source.target                      ? 
_diffrn_source.type                        'APS BEAMLINE 23-ID-B' 
_diffrn_source.voltage                     ? 
_diffrn_source.take-off_angle              ? 
_diffrn_source.pdbx_wavelength_list        1.03317 
_diffrn_source.pdbx_wavelength             ? 
_diffrn_source.pdbx_synchrotron_beamline   23-ID-B 
_diffrn_source.pdbx_synchrotron_site       APS 
# 
_reflns.B_iso_Wilson_estimate                          ? 
_reflns.entry_id                                       8F12 
_reflns.data_reduction_details                         ? 
_reflns.data_reduction_method                          ? 
_reflns.d_resolution_high                              1.86 
_reflns.d_resolution_low                               49.11 
_reflns.details                                        ? 
_reflns.limit_h_max                                    ? 
_reflns.limit_h_min                                    ? 
_reflns.limit_k_max                                    ? 
_reflns.limit_k_min                                    ? 
_reflns.limit_l_max                                    ? 
_reflns.limit_l_min                                    ? 
_reflns.number_all                                     ? 
_reflns.number_obs                                     13715 
_reflns.observed_criterion                             ? 
_reflns.observed_criterion_F_max                       ? 
_reflns.observed_criterion_F_min                       ? 
_reflns.observed_criterion_I_max                       ? 
_reflns.observed_criterion_I_min                       ? 
_reflns.observed_criterion_sigma_F                     ? 
_reflns.observed_criterion_sigma_I                     ? 
_reflns.percent_possible_obs                           99.8 
_reflns.R_free_details                                 ? 
_reflns.Rmerge_F_all                                   ? 
_reflns.Rmerge_F_obs                                   ? 
_reflns.Friedel_coverage                               ? 
_reflns.number_gt                                      ? 
_reflns.threshold_expression                           ? 
_reflns.pdbx_redundancy                                25.8 
_reflns.pdbx_Rmerge_I_obs                              ? 
_reflns.pdbx_Rmerge_I_all                              ? 
_reflns.pdbx_Rsym_value                                ? 
_reflns.pdbx_netI_over_av_sigmaI                       ? 
_reflns.pdbx_netI_over_sigmaI                          18.0 
_reflns.pdbx_res_netI_over_av_sigmaI_2                 ? 
_reflns.pdbx_res_netI_over_sigmaI_2                    ? 
_reflns.pdbx_chi_squared                               ? 
_reflns.pdbx_scaling_rejects                           ? 
_reflns.pdbx_d_res_high_opt                            ? 
_reflns.pdbx_d_res_low_opt                             ? 
_reflns.pdbx_d_res_opt_method                          ? 
_reflns.phase_calculation_details                      ? 
_reflns.pdbx_Rrim_I_all                                0.113 
_reflns.pdbx_Rpim_I_all                                ? 
_reflns.pdbx_d_opt                                     ? 
_reflns.pdbx_number_measured_all                       ? 
_reflns.pdbx_diffrn_id                                 1 
_reflns.pdbx_ordinal                                   1 
_reflns.pdbx_CC_half                                   ? 
_reflns.pdbx_CC_star                                   ? 
_reflns.pdbx_R_split                                   ? 
_reflns.pdbx_aniso_diffraction_limit_axis_1_ortho[1]   ? 
_reflns.pdbx_aniso_diffraction_limit_axis_1_ortho[2]   ? 
_reflns.pdbx_aniso_diffraction_limit_axis_1_ortho[3]   ? 
_reflns.pdbx_aniso_diffraction_limit_axis_2_ortho[1]   ? 
_reflns.pdbx_aniso_diffraction_limit_axis_2_ortho[2]   ? 
_reflns.pdbx_aniso_diffraction_limit_axis_2_ortho[3]   ? 
_reflns.pdbx_aniso_diffraction_limit_axis_3_ortho[1]   ? 
_reflns.pdbx_aniso_diffraction_limit_axis_3_ortho[2]   ? 
_reflns.pdbx_aniso_diffraction_limit_axis_3_ortho[3]   ? 
_reflns.pdbx_aniso_diffraction_limit_1                 ? 
_reflns.pdbx_aniso_diffraction_limit_2                 ? 
_reflns.pdbx_aniso_diffraction_limit_3                 ? 
_reflns.pdbx_aniso_B_tensor_eigenvector_1_ortho[1]     ? 
_reflns.pdbx_aniso_B_tensor_eigenvector_1_ortho[2]     ? 
_reflns.pdbx_aniso_B_tensor_eigenvector_1_ortho[3]     ? 
_reflns.pdbx_aniso_B_tensor_eigenvector_2_ortho[1]     ? 
_reflns.pdbx_aniso_B_tensor_eigenvector_2_ortho[2]     ? 
_reflns.pdbx_aniso_B_tensor_eigenvector_2_ortho[3]     ? 
_reflns.pdbx_aniso_B_tensor_eigenvector_3_ortho[1]     ? 
_reflns.pdbx_aniso_B_tensor_eigenvector_3_ortho[2]     ? 
_reflns.pdbx_aniso_B_tensor_eigenvector_3_ortho[3]     ? 
_reflns.pdbx_aniso_B_tensor_eigenvalue_1               ? 
_reflns.pdbx_aniso_B_tensor_eigenvalue_2               ? 
_reflns.pdbx_aniso_B_tensor_eigenvalue_3               ? 
_reflns.pdbx_orthogonalization_convention              ? 
_reflns.pdbx_percent_possible_ellipsoidal              ? 
_reflns.pdbx_percent_possible_spherical                ? 
_reflns.pdbx_percent_possible_ellipsoidal_anomalous    ? 
_reflns.pdbx_percent_possible_spherical_anomalous      ? 
_reflns.pdbx_redundancy_anomalous                      ? 
_reflns.pdbx_CC_half_anomalous                         ? 
_reflns.pdbx_absDiff_over_sigma_anomalous              ? 
_reflns.pdbx_percent_possible_anomalous                ? 
_reflns.pdbx_observed_signal_threshold                 ? 
_reflns.pdbx_signal_type                               ? 
_reflns.pdbx_signal_details                            ? 
_reflns.pdbx_signal_software_id                        ? 
_reflns.pdbx_CC_split_method                           ? 
# 
_reflns_shell.d_res_high                                    1.86 
_reflns_shell.d_res_low                                     1.90 
_reflns_shell.meanI_over_sigI_all                           ? 
_reflns_shell.meanI_over_sigI_obs                           ? 
_reflns_shell.number_measured_all                           ? 
_reflns_shell.number_measured_obs                           ? 
_reflns_shell.number_possible                               ? 
_reflns_shell.number_unique_all                             ? 
_reflns_shell.number_unique_obs                             817 
_reflns_shell.percent_possible_all                          98.2 
_reflns_shell.percent_possible_obs                          ? 
_reflns_shell.Rmerge_F_all                                  ? 
_reflns_shell.Rmerge_F_obs                                  ? 
_reflns_shell.Rmerge_I_all                                  ? 
_reflns_shell.Rmerge_I_obs                                  1.577 
_reflns_shell.meanI_over_sigI_gt                            ? 
_reflns_shell.meanI_over_uI_all                             ? 
_reflns_shell.meanI_over_uI_gt                              ? 
_reflns_shell.number_measured_gt                            ? 
_reflns_shell.number_unique_gt                              ? 
_reflns_shell.percent_possible_gt                           ? 
_reflns_shell.Rmerge_F_gt                                   ? 
_reflns_shell.Rmerge_I_gt                                   ? 
_reflns_shell.pdbx_redundancy                               23.7 
_reflns_shell.pdbx_Rsym_value                               ? 
_reflns_shell.pdbx_chi_squared                              ? 
_reflns_shell.pdbx_netI_over_sigmaI_all                     ? 
_reflns_shell.pdbx_netI_over_sigmaI_obs                     ? 
_reflns_shell.pdbx_Rrim_I_all                               ? 
_reflns_shell.pdbx_Rpim_I_all                               ? 
_reflns_shell.pdbx_rejects                                  ? 
_reflns_shell.pdbx_ordinal                                  1 
_reflns_shell.pdbx_diffrn_id                                1 
_reflns_shell.pdbx_CC_half                                  ? 
_reflns_shell.pdbx_CC_star                                  ? 
_reflns_shell.pdbx_R_split                                  ? 
_reflns_shell.pdbx_percent_possible_ellipsoidal             ? 
_reflns_shell.pdbx_percent_possible_spherical               ? 
_reflns_shell.pdbx_percent_possible_ellipsoidal_anomalous   ? 
_reflns_shell.pdbx_percent_possible_spherical_anomalous     ? 
_reflns_shell.pdbx_redundancy_anomalous                     ? 
_reflns_shell.pdbx_CC_half_anomalous                        ? 
_reflns_shell.pdbx_absDiff_over_sigma_anomalous             ? 
_reflns_shell.pdbx_percent_possible_anomalous               ? 
# 
_refine.aniso_B[1][1]                            ? 
_refine.aniso_B[1][2]                            ? 
_refine.aniso_B[1][3]                            ? 
_refine.aniso_B[2][2]                            ? 
_refine.aniso_B[2][3]                            ? 
_refine.aniso_B[3][3]                            ? 
_refine.B_iso_max                                94.210 
_refine.B_iso_mean                               37.1299 
_refine.B_iso_min                                20.780 
_refine.correlation_coeff_Fo_to_Fc               ? 
_refine.correlation_coeff_Fo_to_Fc_free          ? 
_refine.details                                  ? 
_refine.diff_density_max                         ? 
_refine.diff_density_max_esd                     ? 
_refine.diff_density_min                         ? 
_refine.diff_density_min_esd                     ? 
_refine.diff_density_rms                         ? 
_refine.diff_density_rms_esd                     ? 
_refine.entry_id                                 8F12 
_refine.pdbx_refine_id                           'X-RAY DIFFRACTION' 
_refine.ls_abs_structure_details                 ? 
_refine.ls_abs_structure_Flack                   ? 
_refine.ls_abs_structure_Flack_esd               ? 
_refine.ls_abs_structure_Rogers                  ? 
_refine.ls_abs_structure_Rogers_esd              ? 
_refine.ls_d_res_high                            1.8600 
_refine.ls_d_res_low                             49.1100 
_refine.ls_extinction_coef                       ? 
_refine.ls_extinction_coef_esd                   ? 
_refine.ls_extinction_expression                 ? 
_refine.ls_extinction_method                     ? 
_refine.ls_goodness_of_fit_all                   ? 
_refine.ls_goodness_of_fit_all_esd               ? 
_refine.ls_goodness_of_fit_obs                   ? 
_refine.ls_goodness_of_fit_obs_esd               ? 
_refine.ls_hydrogen_treatment                    ? 
_refine.ls_matrix_type                           ? 
_refine.ls_number_constraints                    ? 
_refine.ls_number_parameters                     ? 
_refine.ls_number_reflns_all                     ? 
_refine.ls_number_reflns_obs                     13668 
_refine.ls_number_reflns_R_free                  661 
_refine.ls_number_reflns_R_work                  13007 
_refine.ls_number_restraints                     ? 
_refine.ls_percent_reflns_obs                    99.7400 
_refine.ls_percent_reflns_R_free                 4.8400 
_refine.ls_R_factor_all                          ? 
_refine.ls_R_factor_obs                          0.2162 
_refine.ls_R_factor_R_free                       0.2415 
_refine.ls_R_factor_R_free_error                 ? 
_refine.ls_R_factor_R_free_error_details         ? 
_refine.ls_R_factor_R_work                       0.2148 
_refine.ls_R_Fsqd_factor_obs                     ? 
_refine.ls_R_I_factor_obs                        ? 
_refine.ls_redundancy_reflns_all                 ? 
_refine.ls_redundancy_reflns_obs                 ? 
_refine.ls_restrained_S_all                      ? 
_refine.ls_restrained_S_obs                      ? 
_refine.ls_shift_over_esd_max                    ? 
_refine.ls_shift_over_esd_mean                   ? 
_refine.ls_structure_factor_coef                 ? 
_refine.ls_weighting_details                     ? 
_refine.ls_weighting_scheme                      ? 
_refine.ls_wR_factor_all                         ? 
_refine.ls_wR_factor_obs                         ? 
_refine.ls_wR_factor_R_free                      ? 
_refine.ls_wR_factor_R_work                      ? 
_refine.occupancy_max                            ? 
_refine.occupancy_min                            ? 
_refine.solvent_model_details                    'FLAT BULK SOLVENT MODEL' 
_refine.solvent_model_param_bsol                 ? 
_refine.solvent_model_param_ksol                 ? 
_refine.pdbx_R_complete                          ? 
_refine.ls_R_factor_gt                           ? 
_refine.ls_goodness_of_fit_gt                    ? 
_refine.ls_goodness_of_fit_ref                   ? 
_refine.ls_shift_over_su_max                     ? 
_refine.ls_shift_over_su_max_lt                  ? 
_refine.ls_shift_over_su_mean                    ? 
_refine.ls_shift_over_su_mean_lt                 ? 
_refine.pdbx_ls_sigma_I                          ? 
_refine.pdbx_ls_sigma_F                          1.350 
_refine.pdbx_ls_sigma_Fsqd                       ? 
_refine.pdbx_data_cutoff_high_absF               ? 
_refine.pdbx_data_cutoff_high_rms_absF           ? 
_refine.pdbx_data_cutoff_low_absF                ? 
_refine.pdbx_isotropic_thermal_model             ? 
_refine.pdbx_ls_cross_valid_method               THROUGHOUT 
_refine.pdbx_method_to_determine_struct          'MOLECULAR REPLACEMENT' 
_refine.pdbx_starting_model                      3G03 
_refine.pdbx_stereochemistry_target_values       ML 
_refine.pdbx_R_Free_selection_details            ? 
_refine.pdbx_stereochem_target_val_spec_case     ? 
_refine.pdbx_overall_ESU_R                       ? 
_refine.pdbx_overall_ESU_R_Free                  ? 
_refine.pdbx_solvent_vdw_probe_radii             1.1100 
_refine.pdbx_solvent_ion_probe_radii             ? 
_refine.pdbx_solvent_shrinkage_radii             0.9000 
_refine.pdbx_real_space_R                        ? 
_refine.pdbx_density_correlation                 ? 
_refine.pdbx_pd_number_of_powder_patterns        ? 
_refine.pdbx_pd_number_of_points                 ? 
_refine.pdbx_pd_meas_number_of_points            ? 
_refine.pdbx_pd_proc_ls_prof_R_factor            ? 
_refine.pdbx_pd_proc_ls_prof_wR_factor           ? 
_refine.pdbx_pd_Marquardt_correlation_coeff      ? 
_refine.pdbx_pd_Fsqrd_R_factor                   ? 
_refine.pdbx_pd_ls_matrix_band_width             ? 
_refine.pdbx_overall_phase_error                 28.0900 
_refine.pdbx_overall_SU_R_free_Cruickshank_DPI   ? 
_refine.pdbx_overall_SU_R_free_Blow_DPI          ? 
_refine.pdbx_overall_SU_R_Blow_DPI               ? 
_refine.pdbx_TLS_residual_ADP_flag               ? 
_refine.pdbx_diffrn_id                           1 
_refine.overall_SU_B                             ? 
_refine.overall_SU_ML                            0.1600 
_refine.overall_SU_R_Cruickshank_DPI             ? 
_refine.overall_SU_R_free                        ? 
_refine.overall_FOM_free_R_set                   ? 
_refine.overall_FOM_work_R_set                   ? 
_refine.pdbx_average_fsc_overall                 ? 
_refine.pdbx_average_fsc_work                    ? 
_refine.pdbx_average_fsc_free                    ? 
# 
_refine_hist.pdbx_refine_id                   'X-RAY DIFFRACTION' 
_refine_hist.cycle_id                         final 
_refine_hist.details                          ? 
_refine_hist.d_res_high                       1.8600 
_refine_hist.d_res_low                        49.1100 
_refine_hist.number_atoms_solvent             77 
_refine_hist.number_atoms_total               1009 
_refine_hist.number_reflns_all                ? 
_refine_hist.number_reflns_obs                ? 
_refine_hist.number_reflns_R_free             ? 
_refine_hist.number_reflns_R_work             ? 
_refine_hist.R_factor_all                     ? 
_refine_hist.R_factor_obs                     ? 
_refine_hist.R_factor_R_free                  ? 
_refine_hist.R_factor_R_work                  ? 
_refine_hist.pdbx_number_residues_total       111 
_refine_hist.pdbx_B_iso_mean_ligand           54.29 
_refine_hist.pdbx_B_iso_mean_solvent          47.68 
_refine_hist.pdbx_number_atoms_protein        907 
_refine_hist.pdbx_number_atoms_nucleic_acid   0 
_refine_hist.pdbx_number_atoms_ligand         25 
_refine_hist.pdbx_number_atoms_lipid          ? 
_refine_hist.pdbx_number_atoms_carb           ? 
_refine_hist.pdbx_pseudo_atom_details         ? 
# 
loop_
_refine_ls_shell.pdbx_refine_id 
_refine_ls_shell.d_res_high 
_refine_ls_shell.d_res_low 
_refine_ls_shell.number_reflns_all 
_refine_ls_shell.number_reflns_obs 
_refine_ls_shell.number_reflns_R_free 
_refine_ls_shell.number_reflns_R_work 
_refine_ls_shell.percent_reflns_obs 
_refine_ls_shell.percent_reflns_R_free 
_refine_ls_shell.R_factor_all 
_refine_ls_shell.R_factor_obs 
_refine_ls_shell.R_factor_R_free 
_refine_ls_shell.R_factor_R_free_error 
_refine_ls_shell.R_factor_R_work 
_refine_ls_shell.redundancy_reflns_all 
_refine_ls_shell.redundancy_reflns_obs 
_refine_ls_shell.wR_factor_all 
_refine_ls_shell.wR_factor_obs 
_refine_ls_shell.wR_factor_R_free 
_refine_ls_shell.wR_factor_R_work 
_refine_ls_shell.pdbx_R_complete 
_refine_ls_shell.pdbx_total_number_of_bins_used 
_refine_ls_shell.pdbx_phase_error 
_refine_ls_shell.pdbx_fsc_work 
_refine_ls_shell.pdbx_fsc_free 
'X-RAY DIFFRACTION' 1.8600 2.0000  2655 . 121 2534 99.0000  . . . 0.2942 0.0000 0.2569 . . . . . . . 5 . . . 
'X-RAY DIFFRACTION' 2.0000 2.2100  2675 . 141 2534 100.0000 . . . 0.2989 0.0000 0.2358 . . . . . . . 5 . . . 
'X-RAY DIFFRACTION' 2.2100 2.5200  2715 . 133 2582 100.0000 . . . 0.3047 0.0000 0.2245 . . . . . . . 5 . . . 
'X-RAY DIFFRACTION' 2.5200 3.1800  2729 . 134 2595 100.0000 . . . 0.2570 0.0000 0.2282 . . . . . . . 5 . . . 
'X-RAY DIFFRACTION' 3.1800 49.1100 2894 . 132 2762 100.0000 . . . 0.2026 0.0000 0.1985 . . . . . . . 5 . . . 
# 
_struct.entry_id                     8F12 
_struct.title                        'Structure of the MDM2 P53 binding domain in complex with H103, an all-D Helicon Polypeptide' 
_struct.pdbx_model_details           ? 
_struct.pdbx_formula_weight          ? 
_struct.pdbx_formula_weight_method   ? 
_struct.pdbx_model_type_details      ? 
_struct.pdbx_CASP_flag               N 
# 
_struct_keywords.entry_id        8F12 
_struct_keywords.text            'E3 ligase, D-peptide, stapled peptide, LIGASE' 
_struct_keywords.pdbx_keywords   LIGASE 
# 
loop_
_struct_asym.id 
_struct_asym.pdbx_blank_PDB_chainid_flag 
_struct_asym.pdbx_modified 
_struct_asym.entity_id 
_struct_asym.details 
A N N 1 ? 
B N N 2 ? 
C N N 3 ? 
D N N 3 ? 
E N N 4 ? 
F N N 5 ? 
G N N 6 ? 
H N N 6 ? 
# 
loop_
_struct_conf.conf_type_id 
_struct_conf.id 
_struct_conf.pdbx_PDB_helix_id 
_struct_conf.beg_label_comp_id 
_struct_conf.beg_label_asym_id 
_struct_conf.beg_label_seq_id 
_struct_conf.pdbx_beg_PDB_ins_code 
_struct_conf.end_label_comp_id 
_struct_conf.end_label_asym_id 
_struct_conf.end_label_seq_id 
_struct_conf.pdbx_end_PDB_ins_code 
_struct_conf.beg_auth_comp_id 
_struct_conf.beg_auth_asym_id 
_struct_conf.beg_auth_seq_id 
_struct_conf.end_auth_comp_id 
_struct_conf.end_auth_asym_id 
_struct_conf.end_auth_seq_id 
_struct_conf.pdbx_PDB_helix_class 
_struct_conf.details 
_struct_conf.pdbx_PDB_helix_length 
HELX_P HELX_P1 AA1 PRO A 4  ? GLN A 8  ? PRO A 20 GLN A 24  5 ? 5  
HELX_P HELX_P2 AA2 LYS A 15 ? VAL A 25 ? LYS A 31 VAL A 41  1 ? 11 
HELX_P HELX_P3 AA3 MET A 34 ? ARG A 49 ? MET A 50 ARG A 65  1 ? 16 
HELX_P HELX_P4 AA4 ASP A 64 ? GLY A 71 ? ASP A 80 GLY A 87  1 ? 8  
HELX_P HELX_P5 AA5 GLU A 79 ? ARG A 89 ? GLU A 95 ARG A 105 1 ? 11 
HELX_P HELX_P6 AA6 DTY B 6  ? DVA B 18 ? DTY B 5  DVA B 17  1 ? 13 
# 
_struct_conf_type.id          HELX_P 
_struct_conf_type.criteria    ? 
_struct_conf_type.reference   ? 
# 
loop_
_struct_conn.id 
_struct_conn.conn_type_id 
_struct_conn.pdbx_leaving_atom_flag 
_struct_conn.pdbx_PDB_id 
_struct_conn.ptnr1_label_asym_id 
_struct_conn.ptnr1_label_comp_id 
_struct_conn.ptnr1_label_seq_id 
_struct_conn.ptnr1_label_atom_id 
_struct_conn.pdbx_ptnr1_label_alt_id 
_struct_conn.pdbx_ptnr1_PDB_ins_code 
_struct_conn.pdbx_ptnr1_standard_comp_id 
_struct_conn.ptnr1_symmetry 
_struct_conn.ptnr2_label_asym_id 
_struct_conn.ptnr2_label_comp_id 
_struct_conn.ptnr2_label_seq_id 
_struct_conn.ptnr2_label_atom_id 
_struct_conn.pdbx_ptnr2_label_alt_id 
_struct_conn.pdbx_ptnr2_PDB_ins_code 
_struct_conn.ptnr1_auth_asym_id 
_struct_conn.ptnr1_auth_comp_id 
_struct_conn.ptnr1_auth_seq_id 
_struct_conn.ptnr2_auth_asym_id 
_struct_conn.ptnr2_auth_comp_id 
_struct_conn.ptnr2_auth_seq_id 
_struct_conn.ptnr2_symmetry 
_struct_conn.pdbx_ptnr3_label_atom_id 
_struct_conn.pdbx_ptnr3_label_seq_id 
_struct_conn.pdbx_ptnr3_label_comp_id 
_struct_conn.pdbx_ptnr3_label_asym_id 
_struct_conn.pdbx_ptnr3_label_alt_id 
_struct_conn.pdbx_ptnr3_PDB_ins_code 
_struct_conn.details 
_struct_conn.pdbx_dist_value 
_struct_conn.pdbx_value_order 
_struct_conn.pdbx_role 
covale1  covale both ? B DPR 3  C  ? ? ? 1_555 B DAL 4  N  ? ? B DPR 2  B DAL 3   1_555 ? ? ? ? ? ? ? 1.323 ? ? 
covale2  covale both ? B DAL 4  C  ? ? ? 1_555 B DTR 5  N  ? ? B DAL 3  B DTR 4   1_555 ? ? ? ? ? ? ? 1.324 ? ? 
covale3  covale both ? B DTR 5  C  ? ? ? 1_555 B DTY 6  N  ? ? B DTR 4  B DTY 5   1_555 ? ? ? ? ? ? ? 1.331 ? ? 
covale4  covale both ? B DTY 6  C  ? ? ? 1_555 B DGL 7  N  ? ? B DTY 5  B DGL 6   1_555 ? ? ? ? ? ? ? 1.326 ? ? 
covale5  covale both ? B DGL 7  C  ? ? ? 1_555 B DCY 8  N  ? ? B DGL 6  B DCY 7   1_555 ? ? ? ? ? ? ? 1.325 ? ? 
covale6  covale both ? B DCY 8  C  ? ? ? 1_555 B DNE 9  N  ? ? B DCY 7  B DNE 8   1_555 ? ? ? ? ? ? ? 1.316 ? ? 
covale7  covale none ? B DCY 8  SG ? ? ? 1_555 F WHL .  CH ? ? B DCY 7  B WHL 101 1_555 ? ? ? ? ? ? ? 1.901 ? ? 
covale8  covale both ? B DNE 9  C  ? ? ? 1_555 B DGL 10 N  ? ? B DNE 8  B DGL 9   1_555 ? ? ? ? ? ? ? 1.326 ? ? 
covale9  covale both ? B DGL 10 C  ? ? ? 1_555 B DAL 11 N  ? ? B DGL 9  B DAL 10  1_555 ? ? ? ? ? ? ? 1.326 ? ? 
covale10 covale both ? B DAL 11 C  ? ? ? 1_555 B DAL 12 N  ? ? B DAL 10 B DAL 11  1_555 ? ? ? ? ? ? ? 1.326 ? ? 
covale11 covale both ? B DAL 12 C  ? ? ? 1_555 B DNE 13 N  ? ? B DAL 11 B DNE 12  1_555 ? ? ? ? ? ? ? 1.324 ? ? 
covale12 covale both ? B DNE 13 C  ? ? ? 1_555 B DNE 14 N  ? ? B DNE 12 B DNE 13  1_555 ? ? ? ? ? ? ? 1.327 ? ? 
covale13 covale both ? B DNE 14 C  ? ? ? 1_555 B DCY 15 N  ? ? B DNE 13 B DCY 14  1_555 ? ? ? ? ? ? ? 1.329 ? ? 
covale14 covale both ? B DCY 15 C  ? ? ? 1_555 B DGN 16 N  ? ? B DCY 14 B DGN 15  1_555 ? ? ? ? ? ? ? 1.333 ? ? 
covale15 covale none ? B DCY 15 SG ? ? ? 1_555 F WHL .  CK ? ? B DCY 14 B WHL 101 1_555 ? ? ? ? ? ? ? 1.708 ? ? 
covale16 covale both ? B DGN 16 C  ? ? ? 1_555 B DGN 17 N  ? ? B DGN 15 B DGN 16  1_555 ? ? ? ? ? ? ? 1.329 ? ? 
covale17 covale both ? B DGN 17 C  ? ? ? 1_555 B DVA 18 N  ? ? B DGN 16 B DVA 17  1_555 ? ? ? ? ? ? ? 1.327 ? ? 
# 
_struct_conn_type.id          covale 
_struct_conn_type.criteria    ? 
_struct_conn_type.reference   ? 
# 
loop_
_struct_sheet.id 
_struct_sheet.type 
_struct_sheet.number_strands 
_struct_sheet.details 
AA1 ? 3 ? 
AA2 ? 2 ? 
# 
loop_
_struct_sheet_order.sheet_id 
_struct_sheet_order.range_id_1 
_struct_sheet_order.range_id_2 
_struct_sheet_order.offset 
_struct_sheet_order.sense 
AA1 1 2 ? anti-parallel 
AA1 2 3 ? anti-parallel 
AA2 1 2 ? anti-parallel 
# 
loop_
_struct_sheet_range.sheet_id 
_struct_sheet_range.id 
_struct_sheet_range.beg_label_comp_id 
_struct_sheet_range.beg_label_asym_id 
_struct_sheet_range.beg_label_seq_id 
_struct_sheet_range.pdbx_beg_PDB_ins_code 
_struct_sheet_range.end_label_comp_id 
_struct_sheet_range.end_label_asym_id 
_struct_sheet_range.end_label_seq_id 
_struct_sheet_range.pdbx_end_PDB_ins_code 
_struct_sheet_range.beg_auth_comp_id 
_struct_sheet_range.beg_auth_asym_id 
_struct_sheet_range.beg_auth_seq_id 
_struct_sheet_range.end_auth_comp_id 
_struct_sheet_range.end_auth_asym_id 
_struct_sheet_range.end_auth_seq_id 
AA1 1 TYR A 32 ? THR A 33 ? TYR A 48  THR A 49  
AA1 2 LEU A 11 ? PRO A 14 ? LEU A 27  PRO A 30  
AA1 3 LEU A 91 ? VAL A 93 ? LEU A 107 VAL A 109 
AA2 1 ILE A 58 ? TYR A 60 ? ILE A 74  TYR A 76  
AA2 2 SER A 74 ? SER A 76 ? SER A 90  SER A 92  
# 
loop_
_pdbx_struct_sheet_hbond.sheet_id 
_pdbx_struct_sheet_hbond.range_id_1 
_pdbx_struct_sheet_hbond.range_id_2 
_pdbx_struct_sheet_hbond.range_1_label_atom_id 
_pdbx_struct_sheet_hbond.range_1_label_comp_id 
_pdbx_struct_sheet_hbond.range_1_label_asym_id 
_pdbx_struct_sheet_hbond.range_1_label_seq_id 
_pdbx_struct_sheet_hbond.range_1_PDB_ins_code 
_pdbx_struct_sheet_hbond.range_1_auth_atom_id 
_pdbx_struct_sheet_hbond.range_1_auth_comp_id 
_pdbx_struct_sheet_hbond.range_1_auth_asym_id 
_pdbx_struct_sheet_hbond.range_1_auth_seq_id 
_pdbx_struct_sheet_hbond.range_2_label_atom_id 
_pdbx_struct_sheet_hbond.range_2_label_comp_id 
_pdbx_struct_sheet_hbond.range_2_label_asym_id 
_pdbx_struct_sheet_hbond.range_2_label_seq_id 
_pdbx_struct_sheet_hbond.range_2_PDB_ins_code 
_pdbx_struct_sheet_hbond.range_2_auth_atom_id 
_pdbx_struct_sheet_hbond.range_2_auth_comp_id 
_pdbx_struct_sheet_hbond.range_2_auth_asym_id 
_pdbx_struct_sheet_hbond.range_2_auth_seq_id 
AA1 1 2 O TYR A 32 ? O TYR A 48 N VAL A 12 ? N VAL A 28  
AA1 2 3 N ARG A 13 ? N ARG A 29 O VAL A 92 ? O VAL A 108 
AA2 1 2 N VAL A 59 ? N VAL A 75 O PHE A 75 ? O PHE A 91  
# 
_atom_sites.entry_id                    8F12 
_atom_sites.Cartn_transf_matrix[1][1]   ? 
_atom_sites.Cartn_transf_matrix[1][2]   ? 
_atom_sites.Cartn_transf_matrix[1][3]   ? 
_atom_sites.Cartn_transf_matrix[2][1]   ? 
_atom_sites.Cartn_transf_matrix[2][2]   ? 
_atom_sites.Cartn_transf_matrix[2][3]   ? 
_atom_sites.Cartn_transf_matrix[3][1]   ? 
_atom_sites.Cartn_transf_matrix[3][2]   ? 
_atom_sites.Cartn_transf_matrix[3][3]   ? 
_atom_sites.Cartn_transf_vector[1]      ? 
_atom_sites.Cartn_transf_vector[2]      ? 
_atom_sites.Cartn_transf_vector[3]      ? 
_atom_sites.fract_transf_matrix[1][1]   -0.01224309 
_atom_sites.fract_transf_matrix[1][2]   -0.00489462 
_atom_sites.fract_transf_matrix[1][3]   0.01005381 
_atom_sites.fract_transf_matrix[2][1]   -0.00559671 
_atom_sites.fract_transf_matrix[2][2]   -0.01022412 
_atom_sites.fract_transf_matrix[2][3]   -0.01179296 
_atom_sites.fract_transf_matrix[3][1]   0.00690209 
_atom_sites.fract_transf_matrix[3][2]   -0.00862799 
_atom_sites.fract_transf_matrix[3][3]   0.00420459 
_atom_sites.fract_transf_vector[1]      0.230762 
_atom_sites.fract_transf_vector[2]      -0.043649 
_atom_sites.fract_transf_vector[3]      -0.110298 
_atom_sites.solution_primary            ? 
_atom_sites.solution_secondary          ? 
_atom_sites.solution_hydrogens          ? 
_atom_sites.special_details             ? 
# 
loop_
_atom_type.symbol 
C  
CL 
N  
O  
S  
# 
loop_
_atom_site.group_PDB 
_atom_site.id 
_atom_site.type_symbol 
_atom_site.label_atom_id 
_atom_site.label_alt_id 
_atom_site.label_comp_id 
_atom_site.label_asym_id 
_atom_site.label_entity_id 
_atom_site.label_seq_id 
_atom_site.pdbx_PDB_ins_code 
_atom_site.Cartn_x 
_atom_site.Cartn_y 
_atom_site.Cartn_z 
_atom_site.occupancy 
_atom_site.B_iso_or_equiv 
_atom_site.pdbx_formal_charge 
_atom_site.auth_seq_id 
_atom_site.auth_comp_id 
_atom_site.auth_asym_id 
_atom_site.auth_atom_id 
_atom_site.pdbx_PDB_model_num 
ATOM   1    N  N   . SER A 1 1  ? 11.665  -13.480 -26.212 1.00 37.69 ?  17  SER A N   1 
ATOM   2    C  CA  . SER A 1 1  ? 10.630  -12.443 -26.341 1.00 47.54 ?  17  SER A CA  1 
ATOM   3    C  C   . SER A 1 1  ? 10.396  -11.813 -24.993 1.00 40.67 ?  17  SER A C   1 
ATOM   4    O  O   . SER A 1 1  ? 10.377  -12.522 -24.005 1.00 35.89 ?  17  SER A O   1 
ATOM   5    C  CB  . SER A 1 1  ? 9.317   -13.025 -26.884 1.00 42.03 ?  17  SER A CB  1 
ATOM   6    O  OG  . SER A 1 1  ? 9.591   -13.790 -28.040 1.00 55.31 ?  17  SER A OG  1 
ATOM   7    N  N   . GLN A 1 2  ? 10.237  -10.490 -24.958 1.00 37.82 ?  18  GLN A N   1 
ATOM   8    C  CA  . GLN A 1 2  ? 10.104  -9.795  -23.688 1.00 34.39 ?  18  GLN A CA  1 
ATOM   9    C  C   . GLN A 1 2  ? 8.821   -10.227 -22.974 1.00 38.83 ?  18  GLN A C   1 
ATOM   10   O  O   . GLN A 1 2  ? 7.772   -10.435 -23.599 1.00 35.00 ?  18  GLN A O   1 
ATOM   11   C  CB  . GLN A 1 2  ? 10.135  -8.276  -23.917 1.00 41.82 ?  18  GLN A CB  1 
ATOM   12   C  CG  . GLN A 1 2  ? 10.002  -7.436  -22.645 1.00 39.72 ?  18  GLN A CG  1 
ATOM   13   C  CD  . GLN A 1 2  ? 10.334  -5.952  -22.870 1.00 48.18 ?  18  GLN A CD  1 
ATOM   14   O  OE1 . GLN A 1 2  ? 10.166  -5.120  -21.971 1.00 54.48 ?  18  GLN A OE1 1 
ATOM   15   N  NE2 . GLN A 1 2  ? 10.811  -5.621  -24.070 1.00 52.26 ?  18  GLN A NE2 1 
ATOM   16   N  N   . ILE A 1 3  ? 8.911   -10.400 -21.659 1.00 36.13 ?  19  ILE A N   1 
ATOM   17   C  CA  . ILE A 1 3  ? 7.698   -10.579 -20.844 1.00 27.77 ?  19  ILE A CA  1 
ATOM   18   C  C   . ILE A 1 3  ? 6.683   -9.518  -21.265 1.00 27.50 ?  19  ILE A C   1 
ATOM   19   O  O   . ILE A 1 3  ? 7.075   -8.358  -21.492 1.00 34.52 ?  19  ILE A O   1 
ATOM   20   C  CB  . ILE A 1 3  ? 8.027   -10.459 -19.349 1.00 30.84 ?  19  ILE A CB  1 
ATOM   21   C  CG1 . ILE A 1 3  ? 8.990   -11.581 -18.918 1.00 32.76 ?  19  ILE A CG1 1 
ATOM   22   C  CG2 . ILE A 1 3  ? 6.763   -10.539 -18.478 1.00 27.75 ?  19  ILE A CG2 1 
ATOM   23   C  CD1 . ILE A 1 3  ? 9.438   -11.449 -17.462 1.00 32.78 ?  19  ILE A CD1 1 
ATOM   24   N  N   . PRO A 1 4  ? 5.392   -9.853  -21.397 1.00 34.50 ?  20  PRO A N   1 
ATOM   25   C  CA  . PRO A 1 4  ? 4.389   -8.826  -21.701 1.00 34.67 ?  20  PRO A CA  1 
ATOM   26   C  C   . PRO A 1 4  ? 4.500   -7.692  -20.686 1.00 27.27 ?  20  PRO A C   1 
ATOM   27   O  O   . PRO A 1 4  ? 4.612   -7.922  -19.488 1.00 25.04 ?  20  PRO A O   1 
ATOM   28   C  CB  . PRO A 1 4  ? 3.052   -9.583  -21.575 1.00 35.66 ?  20  PRO A CB  1 
ATOM   29   C  CG  . PRO A 1 4  ? 3.379   -11.025 -21.929 1.00 37.67 ?  20  PRO A CG  1 
ATOM   30   C  CD  . PRO A 1 4  ? 4.820   -11.220 -21.386 1.00 33.53 ?  20  PRO A CD  1 
ATOM   31   N  N   . ALA A 1 5  ? 4.433   -6.443  -21.169 1.00 31.76 ?  21  ALA A N   1 
ATOM   32   C  CA  . ALA A 1 5  ? 4.593   -5.306  -20.253 1.00 30.06 ?  21  ALA A CA  1 
ATOM   33   C  C   . ALA A 1 5  ? 3.732   -5.436  -19.001 1.00 29.30 ?  21  ALA A C   1 
ATOM   34   O  O   . ALA A 1 5  ? 4.186   -5.180  -17.889 1.00 32.89 ?  21  ALA A O   1 
ATOM   35   C  CB  . ALA A 1 5  ? 4.243   -4.000  -20.982 1.00 39.02 ?  21  ALA A CB  1 
ATOM   36   N  N   A SER A 1 6  ? 2.471   -5.833  -19.153 0.46 33.14 ?  22  SER A N   1 
ATOM   37   N  N   B SER A 1 6  ? 2.482   -5.858  -19.189 0.54 33.12 ?  22  SER A N   1 
ATOM   38   C  CA  A SER A 1 6  ? 1.619   -5.890  -17.970 0.46 35.84 ?  22  SER A CA  1 
ATOM   39   C  CA  B SER A 1 6  ? 1.529   -5.992  -18.095 0.54 36.12 ?  22  SER A CA  1 
ATOM   40   C  C   A SER A 1 6  ? 2.062   -6.980  -16.995 0.46 34.63 ?  22  SER A C   1 
ATOM   41   C  C   B SER A 1 6  ? 2.003   -7.004  -17.051 0.54 34.66 ?  22  SER A C   1 
ATOM   42   O  O   A SER A 1 6  ? 1.737   -6.914  -15.802 0.46 33.63 ?  22  SER A O   1 
ATOM   43   O  O   B SER A 1 6  ? 1.661   -6.899  -15.867 0.54 33.71 ?  22  SER A O   1 
ATOM   44   C  CB  A SER A 1 6  ? 0.163   -6.097  -18.398 0.46 36.61 ?  22  SER A CB  1 
ATOM   45   C  CB  B SER A 1 6  ? 0.175   -6.384  -18.705 0.54 35.80 ?  22  SER A CB  1 
ATOM   46   O  OG  A SER A 1 6  ? -0.149  -7.476  -18.479 0.46 35.89 ?  22  SER A OG  1 
ATOM   47   O  OG  B SER A 1 6  ? -0.894  -6.331  -17.772 0.54 31.81 ?  22  SER A OG  1 
ATOM   48   N  N   . GLU A 1 7  ? 2.822   -7.967  -17.463 1.00 32.73 ?  23  GLU A N   1 
ATOM   49   C  CA  . GLU A 1 7  ? 3.213   -9.095  -16.623 1.00 28.60 ?  23  GLU A CA  1 
ATOM   50   C  C   . GLU A 1 7  ? 4.539   -8.866  -15.910 1.00 28.27 ?  23  GLU A C   1 
ATOM   51   O  O   . GLU A 1 7  ? 4.880   -9.617  -14.993 1.00 29.53 ?  23  GLU A O   1 
ATOM   52   C  CB  . GLU A 1 7  ? 3.304   -10.366 -17.476 1.00 31.61 ?  23  GLU A CB  1 
ATOM   53   C  CG  . GLU A 1 7  ? 1.930   -10.958 -17.729 1.00 33.28 ?  23  GLU A CG  1 
ATOM   54   C  CD  . GLU A 1 7  ? 1.343   -11.450 -16.413 1.00 33.50 ?  23  GLU A CD  1 
ATOM   55   O  OE1 . GLU A 1 7  ? 1.933   -12.357 -15.779 1.00 36.29 ?  23  GLU A OE1 1 
ATOM   56   O  OE2 . GLU A 1 7  ? 0.371   -10.835 -15.961 1.00 34.85 -1 23  GLU A OE2 1 
ATOM   57   N  N   . GLN A 1 8  ? 5.282   -7.851  -16.310 1.00 30.39 ?  24  GLN A N   1 
ATOM   58   C  CA  . GLN A 1 8  ? 6.539   -7.553  -15.644 1.00 29.92 ?  24  GLN A CA  1 
ATOM   59   C  C   . GLN A 1 8  ? 6.272   -7.002  -14.236 1.00 32.75 ?  24  GLN A C   1 
ATOM   60   O  O   . GLN A 1 8  ? 5.341   -6.225  -14.012 1.00 31.36 ?  24  GLN A O   1 
ATOM   61   C  CB  . GLN A 1 8  ? 7.334   -6.551  -16.508 1.00 36.79 ?  24  GLN A CB  1 
ATOM   62   C  CG  . GLN A 1 8  ? 7.639   -7.066  -17.953 1.00 32.46 ?  24  GLN A CG  1 
ATOM   63   C  CD  . GLN A 1 8  ? 8.277   -6.011  -18.820 1.00 39.36 ?  24  GLN A CD  1 
ATOM   64   O  OE1 . GLN A 1 8  ? 8.298   -6.128  -20.044 1.00 38.32 ?  24  GLN A OE1 1 
ATOM   65   N  NE2 . GLN A 1 8  ? 8.774   -4.952  -18.190 1.00 33.43 ?  24  GLN A NE2 1 
ATOM   66   N  N   . GLU A 1 9  ? 7.058   -7.446  -13.280 1.00 25.94 ?  25  GLU A N   1 
ATOM   67   C  CA  . GLU A 1 9  ? 6.856   -7.043  -11.903 1.00 37.14 ?  25  GLU A CA  1 
ATOM   68   C  C   . GLU A 1 9  ? 7.293   -5.592  -11.692 1.00 32.33 ?  25  GLU A C   1 
ATOM   69   O  O   . GLU A 1 9  ? 8.283   -5.154  -12.254 1.00 33.67 ?  25  GLU A O   1 
ATOM   70   C  CB  . GLU A 1 9  ? 7.652   -7.956  -10.994 1.00 39.75 ?  25  GLU A CB  1 
ATOM   71   C  CG  . GLU A 1 9  ? 6.994   -8.150  -9.654  1.00 38.20 ?  25  GLU A CG  1 
ATOM   72   C  CD  . GLU A 1 9  ? 6.128   -9.385  -9.579  1.00 38.18 ?  25  GLU A CD  1 
ATOM   73   O  OE1 . GLU A 1 9  ? 4.981   -9.246  -10.022 1.00 63.69 ?  25  GLU A OE1 1 
ATOM   74   O  OE2 . GLU A 1 9  ? 6.550   -10.473 -9.080  1.00 39.17 -1 25  GLU A OE2 1 
ATOM   75   N  N   . THR A 1 10 ? 6.541   -4.846  -10.878 1.00 32.41 ?  26  THR A N   1 
ATOM   76   C  CA  . THR A 1 10 ? 6.908   -3.465  -10.541 1.00 31.80 ?  26  THR A CA  1 
ATOM   77   C  C   . THR A 1 10 ? 7.775   -3.496  -9.289  1.00 24.51 ?  26  THR A C   1 
ATOM   78   O  O   . THR A 1 10 ? 7.291   -3.823  -8.197  1.00 28.76 ?  26  THR A O   1 
ATOM   79   C  CB  . THR A 1 10 ? 5.653   -2.629  -10.323 1.00 45.47 ?  26  THR A CB  1 
ATOM   80   O  OG1 . THR A 1 10 ? 4.844   -2.710  -11.498 1.00 40.52 ?  26  THR A OG1 1 
ATOM   81   C  CG2 . THR A 1 10 ? 6.013   -1.182  -10.066 1.00 40.25 ?  26  THR A CG2 1 
ATOM   82   N  N   . LEU A 1 11 ? 9.065   -3.203  -9.440  1.00 26.38 ?  27  LEU A N   1 
ATOM   83   C  CA  . LEU A 1 11 ? 9.982   -3.251  -8.313  1.00 23.06 ?  27  LEU A CA  1 
ATOM   84   C  C   . LEU A 1 11 ? 10.152  -1.832  -7.792  1.00 25.54 ?  27  LEU A C   1 
ATOM   85   O  O   . LEU A 1 11 ? 10.288  -0.889  -8.586  1.00 29.42 ?  27  LEU A O   1 
ATOM   86   C  CB  . LEU A 1 11 ? 11.333  -3.858  -8.721  1.00 24.29 ?  27  LEU A CB  1 
ATOM   87   C  CG  . LEU A 1 11 ? 11.166  -5.247  -9.365  1.00 28.24 ?  27  LEU A CG  1 
ATOM   88   C  CD1 . LEU A 1 11 ? 12.529  -5.878  -9.648  1.00 33.11 ?  27  LEU A CD1 1 
ATOM   89   C  CD2 . LEU A 1 11 ? 10.357  -6.120  -8.447  1.00 26.41 ?  27  LEU A CD2 1 
ATOM   90   N  N   . VAL A 1 12 ? 10.127  -1.674  -6.478  1.00 25.91 ?  28  VAL A N   1 
ATOM   91   C  CA  . VAL A 1 12 ? 9.945   -0.338  -5.912  1.00 31.09 ?  28  VAL A CA  1 
ATOM   92   C  C   . VAL A 1 12 ? 10.729  -0.199  -4.618  1.00 25.78 ?  28  VAL A C   1 
ATOM   93   O  O   . VAL A 1 12 ? 10.860  -1.148  -3.839  1.00 28.52 ?  28  VAL A O   1 
ATOM   94   C  CB  . VAL A 1 12 ? 8.465   0.000   -5.614  1.00 31.78 ?  28  VAL A CB  1 
ATOM   95   C  CG1 . VAL A 1 12 ? 7.654   0.077   -6.860  1.00 27.71 ?  28  VAL A CG1 1 
ATOM   96   C  CG2 . VAL A 1 12 ? 7.882   -1.025  -4.623  1.00 28.12 ?  28  VAL A CG2 1 
ATOM   97   N  N   . ARG A 1 13 ? 11.187  1.036   -4.369  1.00 24.92 ?  29  ARG A N   1 
ATOM   98   C  CA  . ARG A 1 13 ? 11.933  1.417   -3.178  1.00 26.93 ?  29  ARG A CA  1 
ATOM   99   C  C   . ARG A 1 13 ? 11.143  2.475   -2.431  1.00 32.16 ?  29  ARG A C   1 
ATOM   100  O  O   . ARG A 1 13 ? 11.091  3.629   -2.889  1.00 29.11 ?  29  ARG A O   1 
ATOM   101  C  CB  . ARG A 1 13 ? 13.296  1.982   -3.551  1.00 31.71 ?  29  ARG A CB  1 
ATOM   102  C  CG  . ARG A 1 13 ? 14.364  0.944   -3.457  1.00 41.86 ?  29  ARG A CG  1 
ATOM   103  C  CD  . ARG A 1 13 ? 15.727  1.523   -3.707  1.00 53.07 ?  29  ARG A CD  1 
ATOM   104  N  NE  . ARG A 1 13 ? 16.727  0.460   -3.641  1.00 50.89 ?  29  ARG A NE  1 
ATOM   105  C  CZ  . ARG A 1 13 ? 17.535  0.135   -4.640  1.00 61.93 ?  29  ARG A CZ  1 
ATOM   106  N  NH1 . ARG A 1 13 ? 17.474  0.806   -5.794  1.00 54.59 ?  29  ARG A NH1 1 
ATOM   107  N  NH2 . ARG A 1 13 ? 18.420  -0.849  -4.475  1.00 61.96 ?  29  ARG A NH2 1 
ATOM   108  N  N   . PRO A 1 14 ? 10.508  2.140   -1.316  1.00 31.95 ?  30  PRO A N   1 
ATOM   109  C  CA  . PRO A 1 14 ? 9.733   3.146   -0.581  1.00 28.02 ?  30  PRO A CA  1 
ATOM   110  C  C   . PRO A 1 14 ? 10.628  4.308   -0.151  1.00 28.54 ?  30  PRO A C   1 
ATOM   111  O  O   . PRO A 1 14 ? 11.762  4.112   0.291   1.00 30.80 ?  30  PRO A O   1 
ATOM   112  C  CB  . PRO A 1 14 ? 9.204   2.363   0.627   1.00 29.79 ?  30  PRO A CB  1 
ATOM   113  C  CG  . PRO A 1 14 ? 9.049   0.902   0.048   1.00 29.74 ?  30  PRO A CG  1 
ATOM   114  C  CD  . PRO A 1 14 ? 10.265  0.762   -0.839  1.00 29.55 ?  30  PRO A CD  1 
ATOM   115  N  N   . LYS A 1 15 ? 10.127  5.519   -0.353  1.00 32.52 ?  31  LYS A N   1 
ATOM   116  C  CA  . LYS A 1 15 ? 10.800  6.692   0.179   1.00 35.77 ?  31  LYS A CA  1 
ATOM   117  C  C   . LYS A 1 15 ? 10.824  6.590   1.707   1.00 37.71 ?  31  LYS A C   1 
ATOM   118  O  O   . LYS A 1 15 ? 10.133  5.749   2.284   1.00 32.15 ?  31  LYS A O   1 
ATOM   119  C  CB  . LYS A 1 15 ? 10.084  7.936   -0.326  1.00 30.74 ?  31  LYS A CB  1 
ATOM   120  C  CG  . LYS A 1 15 ? 10.203  8.137   -1.835  1.00 36.27 ?  31  LYS A CG  1 
ATOM   121  C  CD  . LYS A 1 15 ? 9.487   9.395   -2.309  1.00 34.05 ?  31  LYS A CD  1 
ATOM   122  C  CE  . LYS A 1 15 ? 9.355   9.412   -3.830  1.00 41.30 ?  31  LYS A CE  1 
ATOM   123  N  NZ  . LYS A 1 15 ? 8.558   10.561  -4.327  1.00 47.90 ?  31  LYS A NZ  1 
ATOM   124  N  N   . PRO A 1 16 ? 11.630  7.406   2.398   1.00 35.79 ?  32  PRO A N   1 
ATOM   125  C  CA  . PRO A 1 16 ? 11.924  7.075   3.806   1.00 34.44 ?  32  PRO A CA  1 
ATOM   126  C  C   . PRO A 1 16 ? 10.722  7.077   4.733   1.00 26.42 ?  32  PRO A C   1 
ATOM   127  O  O   . PRO A 1 16 ? 10.697  6.288   5.676   1.00 32.35 ?  32  PRO A O   1 
ATOM   128  C  CB  . PRO A 1 16 ? 12.953  8.151   4.204   1.00 39.87 ?  32  PRO A CB  1 
ATOM   129  C  CG  . PRO A 1 16 ? 13.674  8.438   2.904   1.00 40.13 ?  32  PRO A CG  1 
ATOM   130  C  CD  . PRO A 1 16 ? 12.581  8.414   1.872   1.00 40.48 ?  32  PRO A CD  1 
ATOM   131  N  N   . LEU A 1 17 ? 9.737   7.948   4.526   1.00 30.13 ?  33  LEU A N   1 
ATOM   132  C  CA  . LEU A 1 17 ? 8.597   7.946   5.436   1.00 34.10 ?  33  LEU A CA  1 
ATOM   133  C  C   . LEU A 1 17 ? 7.725   6.697   5.239   1.00 29.18 ?  33  LEU A C   1 
ATOM   134  O  O   . LEU A 1 17 ? 7.313   6.071   6.219   1.00 28.80 ?  33  LEU A O   1 
ATOM   135  C  CB  . LEU A 1 17 ? 7.797   9.233   5.264   1.00 39.10 ?  33  LEU A CB  1 
ATOM   136  C  CG  . LEU A 1 17 ? 8.528   10.447  5.882   1.00 47.48 ?  33  LEU A CG  1 
ATOM   137  C  CD1 . LEU A 1 17 ? 7.852   11.792  5.621   1.00 51.49 ?  33  LEU A CD1 1 
ATOM   138  C  CD2 . LEU A 1 17 ? 8.756   10.253  7.385   1.00 41.13 ?  33  LEU A CD2 1 
ATOM   139  N  N   . LEU A 1 18 ? 7.448   6.297   3.986   1.00 32.48 ?  34  LEU A N   1 
ATOM   140  C  CA  . LEU A 1 18 ? 6.734   5.027   3.800   1.00 25.50 ?  34  LEU A CA  1 
ATOM   141  C  C   . LEU A 1 18 ? 7.558   3.836   4.291   1.00 29.55 ?  34  LEU A C   1 
ATOM   142  O  O   . LEU A 1 18 ? 7.005   2.892   4.877   1.00 26.78 ?  34  LEU A O   1 
ATOM   143  C  CB  . LEU A 1 18 ? 6.311   4.866   2.350   1.00 28.51 ?  34  LEU A CB  1 
ATOM   144  C  CG  . LEU A 1 18 ? 5.642   3.548   1.952   1.00 30.12 ?  34  LEU A CG  1 
ATOM   145  C  CD1 . LEU A 1 18 ? 4.294   3.351   2.696   1.00 30.96 ?  34  LEU A CD1 1 
ATOM   146  C  CD2 . LEU A 1 18 ? 5.458   3.487   0.467   1.00 26.02 ?  34  LEU A CD2 1 
ATOM   147  N  N   . LEU A 1 19 ? 8.880   3.852   4.090   1.00 27.27 ?  35  LEU A N   1 
ATOM   148  C  CA  . LEU A 1 19 ? 9.688   2.747   4.596   1.00 29.05 ?  35  LEU A CA  1 
ATOM   149  C  C   . LEU A 1 19 ? 9.547   2.629   6.099   1.00 31.51 ?  35  LEU A C   1 
ATOM   150  O  O   . LEU A 1 19 ? 9.380   1.529   6.641   1.00 28.51 ?  35  LEU A O   1 
ATOM   151  C  CB  . LEU A 1 19 ? 11.163  2.937   4.188   1.00 29.30 ?  35  LEU A CB  1 
ATOM   152  C  CG  . LEU A 1 19 ? 12.059  1.711   4.357   1.00 36.05 ?  35  LEU A CG  1 
ATOM   153  C  CD1 . LEU A 1 19 ? 11.478  0.577   3.549   1.00 29.69 ?  35  LEU A CD1 1 
ATOM   154  C  CD2 . LEU A 1 19 ? 13.485  2.023   3.874   1.00 34.96 ?  35  LEU A CD2 1 
ATOM   155  N  N   . LYS A 1 20 ? 9.590   3.761   6.801   1.00 29.95 ?  36  LYS A N   1 
ATOM   156  C  CA  . LYS A 1 20 ? 9.391   3.717   8.243   1.00 30.07 ?  36  LYS A CA  1 
ATOM   157  C  C   . LYS A 1 20 ? 8.037   3.084   8.592   1.00 30.91 ?  36  LYS A C   1 
ATOM   158  O  O   . LYS A 1 20 ? 7.936   2.263   9.509   1.00 30.48 ?  36  LYS A O   1 
ATOM   159  C  CB  . LYS A 1 20 ? 9.519   5.158   8.797   1.00 34.69 ?  36  LYS A CB  1 
ATOM   160  C  CG  . LYS A 1 20 ? 8.709   5.456   10.037  1.00 55.21 ?  36  LYS A CG  1 
ATOM   161  C  CD  . LYS A 1 20 ? 8.629   6.970   10.292  1.00 54.64 ?  36  LYS A CD  1 
ATOM   162  C  CE  . LYS A 1 20 ? 8.115   7.262   11.707  1.00 62.68 ?  36  LYS A CE  1 
ATOM   163  N  NZ  . LYS A 1 20 ? 9.060   6.869   12.800  1.00 69.50 ?  36  LYS A NZ  1 
ATOM   164  N  N   . LEU A 1 21 ? 6.994   3.422   7.844   1.00 29.81 ?  37  LEU A N   1 
ATOM   165  C  CA  . LEU A 1 21 ? 5.688   2.823   8.108   1.00 26.99 ?  37  LEU A CA  1 
ATOM   166  C  C   . LEU A 1 21 ? 5.703   1.316   7.870   1.00 31.74 ?  37  LEU A C   1 
ATOM   167  O  O   . LEU A 1 21 ? 5.170   0.532   8.679   1.00 27.93 ?  37  LEU A O   1 
ATOM   168  C  CB  . LEU A 1 21 ? 4.650   3.509   7.230   1.00 33.35 ?  37  LEU A CB  1 
ATOM   169  C  CG  . LEU A 1 21 ? 3.159   3.229   7.390   1.00 39.43 ?  37  LEU A CG  1 
ATOM   170  C  CD1 . LEU A 1 21 ? 2.340   4.480   7.020   1.00 35.51 ?  37  LEU A CD1 1 
ATOM   171  C  CD2 . LEU A 1 21 ? 2.796   2.066   6.500   1.00 37.95 ?  37  LEU A CD2 1 
ATOM   172  N  N   . LEU A 1 22 ? 6.337   0.882   6.778   1.00 31.09 ?  38  LEU A N   1 
ATOM   173  C  CA  . LEU A 1 22 ? 6.401   -0.548  6.507   1.00 28.35 ?  38  LEU A CA  1 
ATOM   174  C  C   . LEU A 1 22 ? 7.245   -1.262  7.558   1.00 29.06 ?  38  LEU A C   1 
ATOM   175  O  O   . LEU A 1 22 ? 6.848   -2.323  8.062   1.00 28.48 ?  38  LEU A O   1 
ATOM   176  C  CB  . LEU A 1 22 ? 6.931   -0.794  5.092   1.00 29.38 ?  38  LEU A CB  1 
ATOM   177  C  CG  . LEU A 1 22 ? 6.150   -0.162  3.920   1.00 32.33 ?  38  LEU A CG  1 
ATOM   178  C  CD1 . LEU A 1 22 ? 6.722   -0.576  2.550   1.00 39.44 ?  38  LEU A CD1 1 
ATOM   179  C  CD2 . LEU A 1 22 ? 4.642   -0.394  3.953   1.00 30.75 ?  38  LEU A CD2 1 
ATOM   180  N  N   . LYS A 1 23 ? 8.389   -0.679  7.944   1.00 27.94 ?  39  LYS A N   1 
ATOM   181  C  CA  . LYS A 1 23 ? 9.208   -1.299  8.980   1.00 28.47 ?  39  LYS A CA  1 
ATOM   182  C  C   . LYS A 1 23 ? 8.448   -1.471  10.286  1.00 31.83 ?  39  LYS A C   1 
ATOM   183  O  O   . LYS A 1 23 ? 8.726   -2.401  11.053  1.00 32.09 ?  39  LYS A O   1 
ATOM   184  C  CB  . LYS A 1 23 ? 10.484  -0.469  9.225   1.00 30.92 ?  39  LYS A CB  1 
ATOM   185  C  CG  . LYS A 1 23 ? 11.322  -0.301  7.938   1.00 48.49 ?  39  LYS A CG  1 
ATOM   186  C  CD  . LYS A 1 23 ? 12.789  -0.654  8.109   1.00 45.28 ?  39  LYS A CD  1 
ATOM   187  C  CE  . LYS A 1 23 ? 13.324  -1.291  6.828   1.00 44.99 ?  39  LYS A CE  1 
ATOM   188  N  NZ  . LYS A 1 23 ? 14.731  -0.865  6.557   1.00 56.41 ?  39  LYS A NZ  1 
ATOM   189  N  N   . SER A 1 24 ? 7.468   -0.608  10.550  1.00 31.30 ?  40  SER A N   1 
ATOM   190  C  CA  . SER A 1 24 ? 6.773   -0.669  11.828  1.00 32.49 ?  40  SER A CA  1 
ATOM   191  C  C   . SER A 1 24 ? 5.919   -1.912  11.930  1.00 33.09 ?  40  SER A C   1 
ATOM   192  O  O   . SER A 1 24 ? 5.606   -2.349  13.046  1.00 35.78 ?  40  SER A O   1 
ATOM   193  C  CB  . SER A 1 24 ? 5.924   0.604   12.059  1.00 30.65 ?  40  SER A CB  1 
ATOM   194  O  OG  . SER A 1 24 ? 4.647   0.568   11.394  1.00 33.93 ?  40  SER A OG  1 
ATOM   195  N  N   . VAL A 1 25 ? 5.591   -2.540  10.800  1.00 28.62 ?  41  VAL A N   1 
ATOM   196  C  CA  . VAL A 1 25 ? 4.860   -3.795  10.877  1.00 27.49 ?  41  VAL A CA  1 
ATOM   197  C  C   . VAL A 1 25 ? 5.733   -4.939  10.348  1.00 28.42 ?  41  VAL A C   1 
ATOM   198  O  O   . VAL A 1 25 ? 5.224   -5.944  9.840   1.00 32.94 ?  41  VAL A O   1 
ATOM   199  C  CB  . VAL A 1 25 ? 3.501   -3.692  10.145  1.00 33.48 ?  41  VAL A CB  1 
ATOM   200  C  CG1 . VAL A 1 25 ? 2.508   -2.919  11.020  1.00 33.44 ?  41  VAL A CG1 1 
ATOM   201  C  CG2 . VAL A 1 25 ? 3.632   -2.993  8.784   1.00 30.97 ?  41  VAL A CG2 1 
ATOM   202  N  N   . GLY A 1 26 ? 7.056   -4.800  10.475  1.00 31.41 ?  42  GLY A N   1 
ATOM   203  C  CA  . GLY A 1 26 ? 7.958   -5.927  10.295  1.00 34.40 ?  42  GLY A CA  1 
ATOM   204  C  C   . GLY A 1 26 ? 8.743   -5.953  9.002   1.00 37.07 ?  42  GLY A C   1 
ATOM   205  O  O   . GLY A 1 26 ? 9.596   -6.848  8.847   1.00 35.15 ?  42  GLY A O   1 
ATOM   206  N  N   . ALA A 1 27 ? 8.506   -5.029  8.069   1.00 29.14 ?  43  ALA A N   1 
ATOM   207  C  CA  . ALA A 1 27 ? 9.231   -5.070  6.802   1.00 27.90 ?  43  ALA A CA  1 
ATOM   208  C  C   . ALA A 1 27 ? 10.698  -4.771  7.091   1.00 38.65 ?  43  ALA A C   1 
ATOM   209  O  O   . ALA A 1 27 ? 11.005  -3.879  7.876   1.00 35.76 ?  43  ALA A O   1 
ATOM   210  C  CB  . ALA A 1 27 ? 8.664   -4.058  5.819   1.00 27.33 ?  43  ALA A CB  1 
ATOM   211  N  N   A GLN A 1 28 ? 11.593  -5.533  6.465   0.59 34.60 ?  44  GLN A N   1 
ATOM   212  N  N   B GLN A 1 28 ? 11.610  -5.555  6.511   0.41 34.64 ?  44  GLN A N   1 
ATOM   213  C  CA  A GLN A 1 28 ? 13.008  -5.487  6.824   0.59 36.27 ?  44  GLN A CA  1 
ATOM   214  C  CA  B GLN A 1 28 ? 13.033  -5.420  6.833   0.41 36.26 ?  44  GLN A CA  1 
ATOM   215  C  C   A GLN A 1 28 ? 13.918  -5.228  5.628   0.59 37.49 ?  44  GLN A C   1 
ATOM   216  C  C   B GLN A 1 28 ? 13.908  -5.030  5.646   0.41 37.65 ?  44  GLN A C   1 
ATOM   217  O  O   A GLN A 1 28 ? 15.143  -5.268  5.775   0.59 39.93 ?  44  GLN A O   1 
ATOM   218  O  O   B GLN A 1 28 ? 15.093  -4.733  5.842   0.41 39.07 ?  44  GLN A O   1 
ATOM   219  C  CB  A GLN A 1 28 ? 13.398  -6.796  7.524   0.59 39.87 ?  44  GLN A CB  1 
ATOM   220  C  CB  B GLN A 1 28 ? 13.567  -6.723  7.458   0.41 39.77 ?  44  GLN A CB  1 
ATOM   221  C  CG  A GLN A 1 28 ? 14.020  -7.859  6.631   0.59 38.95 ?  44  GLN A CG  1 
ATOM   222  C  CG  B GLN A 1 28 ? 13.521  -6.764  8.992   0.41 40.26 ?  44  GLN A CG  1 
ATOM   223  C  CD  A GLN A 1 28 ? 13.070  -8.483  5.618   0.59 41.69 ?  44  GLN A CD  1 
ATOM   224  C  CD  B GLN A 1 28 ? 13.848  -8.138  9.578   0.41 38.30 ?  44  GLN A CD  1 
ATOM   225  O  OE1 A GLN A 1 28 ? 11.880  -8.123  5.521   0.59 30.65 ?  44  GLN A OE1 1 
ATOM   226  O  OE1 B GLN A 1 28 ? 14.505  -8.957  8.949   0.41 39.37 ?  44  GLN A OE1 1 
ATOM   227  N  NE2 A GLN A 1 28 ? 13.597  -9.463  4.867   0.59 31.51 ?  44  GLN A NE2 1 
ATOM   228  N  NE2 B GLN A 1 28 ? 13.379  -8.389  10.789  0.41 37.90 ?  44  GLN A NE2 1 
ATOM   229  N  N   A LYS A 1 29 ? 13.369  -4.910  4.465   0.59 34.62 ?  45  LYS A N   1 
ATOM   230  N  N   B LYS A 1 29 ? 13.367  -4.978  4.435   0.41 34.66 ?  45  LYS A N   1 
ATOM   231  C  CA  A LYS A 1 29 ? 14.167  -4.675  3.269   0.59 37.76 ?  45  LYS A CA  1 
ATOM   232  C  CA  B LYS A 1 29 ? 14.151  -4.704  3.236   0.41 37.73 ?  45  LYS A CA  1 
ATOM   233  C  C   A LYS A 1 29 ? 14.009  -3.233  2.811   0.59 36.36 ?  45  LYS A C   1 
ATOM   234  C  C   B LYS A 1 29 ? 14.014  -3.245  2.814   0.41 36.32 ?  45  LYS A C   1 
ATOM   235  O  O   A LYS A 1 29 ? 13.183  -2.467  3.325   0.59 32.43 ?  45  LYS A O   1 
ATOM   236  O  O   B LYS A 1 29 ? 13.211  -2.480  3.358   0.41 32.50 ?  45  LYS A O   1 
ATOM   237  C  CB  A LYS A 1 29 ? 13.758  -5.650  2.145   0.59 34.87 ?  45  LYS A CB  1 
ATOM   238  C  CB  B LYS A 1 29 ? 13.711  -5.635  2.093   0.41 34.85 ?  45  LYS A CB  1 
ATOM   239  C  CG  A LYS A 1 29 ? 13.857  -7.110  2.549   0.59 36.60 ?  45  LYS A CG  1 
ATOM   240  C  CG  B LYS A 1 29 ? 13.619  -7.086  2.511   0.41 36.71 ?  45  LYS A CG  1 
ATOM   241  C  CD  A LYS A 1 29 ? 13.175  -8.023  1.520   0.59 36.26 ?  45  LYS A CD  1 
ATOM   242  C  CD  B LYS A 1 29 ? 13.040  -7.960  1.402   0.41 36.02 ?  45  LYS A CD  1 
ATOM   243  C  CE  A LYS A 1 29 ? 13.854  -7.933  0.164   0.59 31.37 ?  45  LYS A CE  1 
ATOM   244  C  CE  B LYS A 1 29 ? 14.042  -8.189  0.280   0.41 32.68 ?  45  LYS A CE  1 
ATOM   245  N  NZ  A LYS A 1 29 ? 13.391  -9.067  -0.715  0.59 32.54 ?  45  LYS A NZ  1 
ATOM   246  N  NZ  B LYS A 1 29 ? 13.793  -7.396  -0.955  0.41 30.33 ?  45  LYS A NZ  1 
ATOM   247  N  N   . ASP A 1 30 ? 14.820  -2.861  1.820   1.00 29.07 ?  46  ASP A N   1 
ATOM   248  C  CA  . ASP A 1 30 ? 14.672  -1.573  1.164   1.00 27.80 ?  46  ASP A CA  1 
ATOM   249  C  C   . ASP A 1 30 ? 13.878  -1.632  -0.128  1.00 35.69 ?  46  ASP A C   1 
ATOM   250  O  O   . ASP A 1 30 ? 13.355  -0.598  -0.556  1.00 29.65 ?  46  ASP A O   1 
ATOM   251  C  CB  . ASP A 1 30 ? 16.048  -0.970  0.801   1.00 36.70 ?  46  ASP A CB  1 
ATOM   252  C  CG  . ASP A 1 30 ? 16.821  -0.475  1.998   1.00 47.90 ?  46  ASP A CG  1 
ATOM   253  O  OD1 . ASP A 1 30 ? 16.226  -0.135  3.029   1.00 38.15 ?  46  ASP A OD1 1 
ATOM   254  O  OD2 . ASP A 1 30 ? 18.058  -0.405  1.896   1.00 45.82 -1 46  ASP A OD2 1 
ATOM   255  N  N   . THR A 1 31 ? 13.814  -2.798  -0.783  1.00 30.08 ?  47  THR A N   1 
ATOM   256  C  CA  . THR A 1 31 ? 13.231  -2.924  -2.109  1.00 22.34 ?  47  THR A CA  1 
ATOM   257  C  C   . THR A 1 31 ? 12.195  -4.054  -2.064  1.00 25.34 ?  47  THR A C   1 
ATOM   258  O  O   . THR A 1 31 ? 12.447  -5.095  -1.457  1.00 28.15 ?  47  THR A O   1 
ATOM   259  C  CB  . THR A 1 31 ? 14.311  -3.251  -3.160  1.00 30.06 ?  47  THR A CB  1 
ATOM   260  O  OG1 . THR A 1 31 ? 15.391  -2.306  -3.077  1.00 29.44 ?  47  THR A OG1 1 
ATOM   261  C  CG2 . THR A 1 31 ? 13.747  -3.180  -4.540  1.00 27.17 ?  47  THR A CG2 1 
ATOM   262  N  N   . TYR A 1 32 ? 11.056  -3.847  -2.727  1.00 30.11 ?  48  TYR A N   1 
ATOM   263  C  CA  . TYR A 1 32 ? 9.883   -4.726  -2.658  1.00 25.01 ?  48  TYR A CA  1 
ATOM   264  C  C   . TYR A 1 32 ? 9.277   -4.860  -4.047  1.00 23.61 ?  48  TYR A C   1 
ATOM   265  O  O   . TYR A 1 32 ? 9.537   -4.057  -4.948  1.00 25.80 ?  48  TYR A O   1 
ATOM   266  C  CB  . TYR A 1 32 ? 8.801   -4.132  -1.713  1.00 25.70 ?  48  TYR A CB  1 
ATOM   267  C  CG  . TYR A 1 32 ? 9.320   -4.007  -0.324  1.00 26.47 ?  48  TYR A CG  1 
ATOM   268  C  CD1 . TYR A 1 32 ? 9.259   -5.076  0.553   1.00 25.28 ?  48  TYR A CD1 1 
ATOM   269  C  CD2 . TYR A 1 32 ? 9.958   -2.821  0.097   1.00 30.80 ?  48  TYR A CD2 1 
ATOM   270  C  CE1 . TYR A 1 32 ? 9.766   -4.979  1.849   1.00 30.12 ?  48  TYR A CE1 1 
ATOM   271  C  CE2 . TYR A 1 32 ? 10.468  -2.718  1.375   1.00 29.90 ?  48  TYR A CE2 1 
ATOM   272  C  CZ  . TYR A 1 32 ? 10.381  -3.780  2.251   1.00 30.02 ?  48  TYR A CZ  1 
ATOM   273  O  OH  . TYR A 1 32 ? 10.904  -3.686  3.535   1.00 26.60 ?  48  TYR A OH  1 
ATOM   274  N  N   . THR A 1 33 ? 8.372   -5.828  -4.209  1.00 25.05 ?  49  THR A N   1 
ATOM   275  C  CA  . THR A 1 33 ? 7.414   -5.689  -5.293  1.00 27.02 ?  49  THR A CA  1 
ATOM   276  C  C   . THR A 1 33 ? 6.247   -4.847  -4.827  1.00 24.21 ?  49  THR A C   1 
ATOM   277  O  O   . THR A 1 33 ? 6.026   -4.677  -3.640  1.00 25.28 ?  49  THR A O   1 
ATOM   278  C  CB  . THR A 1 33 ? 6.857   -7.036  -5.753  1.00 25.75 ?  49  THR A CB  1 
ATOM   279  O  OG1 . THR A 1 33 ? 6.079   -7.586  -4.683  1.00 25.29 ?  49  THR A OG1 1 
ATOM   280  C  CG2 . THR A 1 33 ? 8.008   -7.958  -6.066  1.00 26.14 ?  49  THR A CG2 1 
ATOM   281  N  N   . MET A 1 34 ? 5.431   -4.400  -5.785  1.00 28.72 ?  50  MET A N   1 
ATOM   282  C  CA  . MET A 1 34 ? 4.256   -3.633  -5.403  1.00 32.23 ?  50  MET A CA  1 
ATOM   283  C  C   . MET A 1 34 ? 3.295   -4.473  -4.555  1.00 32.33 ?  50  MET A C   1 
ATOM   284  O  O   . MET A 1 34 ? 2.718   -3.960  -3.590  1.00 28.45 ?  50  MET A O   1 
ATOM   285  C  CB  . MET A 1 34 ? 3.604   -3.053  -6.666  1.00 31.95 ?  50  MET A CB  1 
ATOM   286  C  CG  . MET A 1 34 ? 2.301   -2.350  -6.419  1.00 46.18 ?  50  MET A CG  1 
ATOM   287  S  SD  . MET A 1 34 ? 2.481   -0.846  -5.406  1.00 45.96 ?  50  MET A SD  1 
ATOM   288  C  CE  . MET A 1 34 ? 3.815   -0.114  -6.245  1.00 40.20 ?  50  MET A CE  1 
ATOM   289  N  N   . LYS A 1 35 ? 3.184   -5.797  -4.823  1.00 26.30 ?  51  LYS A N   1 
ATOM   290  C  CA  . LYS A 1 35 ? 2.314   -6.650  -3.996  1.00 28.01 ?  51  LYS A CA  1 
ATOM   291  C  C   . LYS A 1 35 ? 2.741   -6.655  -2.541  1.00 28.35 ?  51  LYS A C   1 
ATOM   292  O  O   . LYS A 1 35 ? 1.903   -6.756  -1.631  1.00 27.51 ?  51  LYS A O   1 
ATOM   293  C  CB  . LYS A 1 35 ? 2.313   -8.118  -4.459  1.00 31.35 ?  51  LYS A CB  1 
ATOM   294  C  CG  . LYS A 1 35 ? 2.223   -8.446  -5.921  1.00 48.25 ?  51  LYS A CG  1 
ATOM   295  C  CD  . LYS A 1 35 ? 2.387   -9.994  -6.106  1.00 45.52 ?  51  LYS A CD  1 
ATOM   296  C  CE  . LYS A 1 35 ? 2.983   -10.361 -7.466  1.00 59.48 ?  51  LYS A CE  1 
ATOM   297  N  NZ  . LYS A 1 35 ? 3.320   -11.819 -7.637  1.00 52.14 ?  51  LYS A NZ  1 
ATOM   298  N  N   . GLU A 1 36 ? 4.053   -6.654  -2.295  1.00 21.57 ?  52  GLU A N   1 
ATOM   299  C  CA  . GLU A 1 36 ? 4.542   -6.704  -0.925  1.00 20.78 ?  52  GLU A CA  1 
ATOM   300  C  C   . GLU A 1 36 ? 4.263   -5.398  -0.183  1.00 23.04 ?  52  GLU A C   1 
ATOM   301  O  O   . GLU A 1 36 ? 3.986   -5.422  1.014   1.00 23.24 ?  52  GLU A O   1 
ATOM   302  C  CB  . GLU A 1 36 ? 6.032   -6.989  -0.924  1.00 25.00 ?  52  GLU A CB  1 
ATOM   303  C  CG  . GLU A 1 36 ? 6.367   -8.406  -1.490  1.00 25.80 ?  52  GLU A CG  1 
ATOM   304  C  CD  . GLU A 1 36 ? 7.862   -8.620  -1.572  1.00 38.71 ?  52  GLU A CD  1 
ATOM   305  O  OE1 . GLU A 1 36 ? 8.290   -9.675  -1.089  1.00 36.20 ?  52  GLU A OE1 1 
ATOM   306  O  OE2 . GLU A 1 36 ? 8.607   -7.728  -2.072  1.00 29.39 -1 52  GLU A OE2 1 
ATOM   307  N  N   . VAL A 1 37 ? 4.423   -4.259  -0.862  1.00 25.46 ?  53  VAL A N   1 
ATOM   308  C  CA  . VAL A 1 37 ? 4.056   -2.961  -0.262  1.00 24.07 ?  53  VAL A CA  1 
ATOM   309  C  C   . VAL A 1 37 ? 2.583   -2.958  0.148   1.00 25.85 ?  53  VAL A C   1 
ATOM   310  O  O   . VAL A 1 37 ? 2.213   -2.539  1.267   1.00 22.88 ?  53  VAL A O   1 
ATOM   311  C  CB  . VAL A 1 37 ? 4.356   -1.829  -1.245  1.00 22.04 ?  53  VAL A CB  1 
ATOM   312  C  CG1 . VAL A 1 37 ? 3.853   -0.521  -0.655  1.00 25.09 ?  53  VAL A CG1 1 
ATOM   313  C  CG2 . VAL A 1 37 ? 5.894   -1.747  -1.555  1.00 24.05 ?  53  VAL A CG2 1 
ATOM   314  N  N   . LEU A 1 38 ? 1.714   -3.460  -0.739  1.00 23.83 ?  54  LEU A N   1 
ATOM   315  C  CA  . LEU A 1 38 ? 0.285   -3.526  -0.416  1.00 27.14 ?  54  LEU A CA  1 
ATOM   316  C  C   . LEU A 1 38 ? 0.019   -4.432  0.779   1.00 27.41 ?  54  LEU A C   1 
ATOM   317  O  O   . LEU A 1 38 ? -0.851  -4.143  1.620   1.00 25.32 ?  54  LEU A O   1 
ATOM   318  C  CB  . LEU A 1 38 ? -0.489  -4.022  -1.653  1.00 25.92 ?  54  LEU A CB  1 
ATOM   319  C  CG  . LEU A 1 38 ? -0.535  -2.988  -2.771  1.00 30.84 ?  54  LEU A CG  1 
ATOM   320  C  CD1 . LEU A 1 38 ? -0.943  -3.627  -4.089  1.00 29.82 ?  54  LEU A CD1 1 
ATOM   321  C  CD2 . LEU A 1 38 ? -1.536  -1.873  -2.351  1.00 34.75 ?  54  LEU A CD2 1 
ATOM   322  N  N   . PHE A 1 39 ? 0.711   -5.579  0.838   1.00 25.82 ?  55  PHE A N   1 
ATOM   323  C  CA  . PHE A 1 39 ? 0.583   -6.459  1.996   1.00 25.84 ?  55  PHE A CA  1 
ATOM   324  C  C   . PHE A 1 39 ? 0.897   -5.709  3.292   1.00 22.24 ?  55  PHE A C   1 
ATOM   325  O  O   . PHE A 1 39 ? 0.164   -5.805  4.295   1.00 27.89 ?  55  PHE A O   1 
ATOM   326  C  CB  . PHE A 1 39 ? 1.537   -7.681  1.847   1.00 25.01 ?  55  PHE A CB  1 
ATOM   327  C  CG  . PHE A 1 39 ? 1.652   -8.508  3.101   1.00 25.33 ?  55  PHE A CG  1 
ATOM   328  C  CD1 . PHE A 1 39 ? 2.564   -8.196  4.104   1.00 30.21 ?  55  PHE A CD1 1 
ATOM   329  C  CD2 . PHE A 1 39 ? 0.811   -9.597  3.298   1.00 39.95 ?  55  PHE A CD2 1 
ATOM   330  C  CE1 . PHE A 1 39 ? 2.649   -8.939  5.278   1.00 30.77 ?  55  PHE A CE1 1 
ATOM   331  C  CE2 . PHE A 1 39 ? 0.893   -10.367 4.471   1.00 38.16 ?  55  PHE A CE2 1 
ATOM   332  C  CZ  . PHE A 1 39 ? 1.809   -10.040 5.469   1.00 30.12 ?  55  PHE A CZ  1 
ATOM   333  N  N   . TYR A 1 40 ? 2.042   -5.037  3.324   1.00 22.98 ?  56  TYR A N   1 
ATOM   334  C  CA  . TYR A 1 40 ? 2.404   -4.355  4.555   1.00 24.32 ?  56  TYR A CA  1 
ATOM   335  C  C   . TYR A 1 40 ? 1.440   -3.218  4.880   1.00 20.85 ?  56  TYR A C   1 
ATOM   336  O  O   . TYR A 1 40 ? 1.248   -2.910  6.052   1.00 23.49 ?  56  TYR A O   1 
ATOM   337  C  CB  . TYR A 1 40 ? 3.852   -3.869  4.460   1.00 23.90 ?  56  TYR A CB  1 
ATOM   338  C  CG  . TYR A 1 40 ? 4.842   -5.008  4.738   1.00 24.59 ?  56  TYR A CG  1 
ATOM   339  C  CD1 . TYR A 1 40 ? 4.829   -5.700  5.959   1.00 30.07 ?  56  TYR A CD1 1 
ATOM   340  C  CD2 . TYR A 1 40 ? 5.739   -5.414  3.757   1.00 26.54 ?  56  TYR A CD2 1 
ATOM   341  C  CE1 . TYR A 1 40 ? 5.719   -6.740  6.194   1.00 27.65 ?  56  TYR A CE1 1 
ATOM   342  C  CE2 . TYR A 1 40 ? 6.656   -6.434  3.995   1.00 26.94 ?  56  TYR A CE2 1 
ATOM   343  C  CZ  . TYR A 1 40 ? 6.639   -7.086  5.199   1.00 28.96 ?  56  TYR A CZ  1 
ATOM   344  O  OH  . TYR A 1 40 ? 7.551   -8.092  5.383   1.00 31.96 ?  56  TYR A OH  1 
ATOM   345  N  N   . LEU A 1 41 ? 0.869   -2.554  3.867   1.00 23.14 ?  57  LEU A N   1 
ATOM   346  C  CA  . LEU A 1 41 ? -0.071  -1.456  4.137   1.00 26.50 ?  57  LEU A CA  1 
ATOM   347  C  C   . LEU A 1 41 ? -1.335  -2.006  4.775   1.00 27.62 ?  57  LEU A C   1 
ATOM   348  O  O   . LEU A 1 41 ? -1.855  -1.456  5.767   1.00 24.38 ?  57  LEU A O   1 
ATOM   349  C  CB  . LEU A 1 41 ? -0.399  -0.722  2.839   1.00 25.91 ?  57  LEU A CB  1 
ATOM   350  C  CG  . LEU A 1 41 ? 0.669   0.207   2.254   1.00 26.43 ?  57  LEU A CG  1 
ATOM   351  C  CD1 . LEU A 1 41 ? 0.272   0.677   0.854   1.00 29.60 ?  57  LEU A CD1 1 
ATOM   352  C  CD2 . LEU A 1 41 ? 0.797   1.396   3.188   1.00 29.85 ?  57  LEU A CD2 1 
ATOM   353  N  N   . GLY A 1 42 ? -1.751  -3.166  4.290   1.00 25.21 ?  58  GLY A N   1 
ATOM   354  C  CA  . GLY A 1 42 ? -2.838  -3.897  4.916   1.00 24.99 ?  58  GLY A CA  1 
ATOM   355  C  C   . GLY A 1 42 ? -2.564  -4.226  6.365   1.00 27.27 ?  58  GLY A C   1 
ATOM   356  O  O   . GLY A 1 42 ? -3.434  -4.020  7.225   1.00 24.74 ?  58  GLY A O   1 
ATOM   357  N  N   . GLN A 1 43 ? -1.346  -4.747  6.661   1.00 26.40 ?  59  GLN A N   1 
ATOM   358  C  CA  . GLN A 1 43 ? -0.941  -5.108  8.018   1.00 26.09 ?  59  GLN A CA  1 
ATOM   359  C  C   . GLN A 1 43 ? -0.915  -3.883  8.925   1.00 25.17 ?  59  GLN A C   1 
ATOM   360  O  O   . GLN A 1 43 ? -1.349  -3.942  10.082  1.00 25.83 ?  59  GLN A O   1 
ATOM   361  C  CB  . GLN A 1 43 ? 0.462   -5.756  8.015   1.00 28.38 ?  59  GLN A CB  1 
ATOM   362  C  CG  . GLN A 1 43 ? 0.500   -7.178  7.462   1.00 28.24 ?  59  GLN A CG  1 
ATOM   363  C  CD  . GLN A 1 43 ? 0.067   -8.202  8.518   1.00 35.49 ?  59  GLN A CD  1 
ATOM   364  O  OE1 . GLN A 1 43 ? 0.551   -8.181  9.661   1.00 38.84 ?  59  GLN A OE1 1 
ATOM   365  N  NE2 . GLN A 1 43 ? -0.819  -9.105  8.133   1.00 37.54 ?  59  GLN A NE2 1 
ATOM   366  N  N   . TYR A 1 44 ? -0.467  -2.760  8.376   1.00 22.02 ?  60  TYR A N   1 
ATOM   367  C  CA  . TYR A 1 44 ? -0.381  -1.516  9.145   1.00 25.66 ?  60  TYR A CA  1 
ATOM   368  C  C   . TYR A 1 44 ? -1.767  -1.012  9.513   1.00 28.42 ?  60  TYR A C   1 
ATOM   369  O  O   . TYR A 1 44 ? -2.069  -0.769  10.701  1.00 25.81 ?  60  TYR A O   1 
ATOM   370  C  CB  . TYR A 1 44 ? 0.388   -0.472  8.320   1.00 27.72 ?  60  TYR A CB  1 
ATOM   371  C  CG  . TYR A 1 44 ? 0.522   0.872   9.050   1.00 25.42 ?  60  TYR A CG  1 
ATOM   372  C  CD1 . TYR A 1 44 ? 1.585   1.103   9.928   1.00 27.08 ?  60  TYR A CD1 1 
ATOM   373  C  CD2 . TYR A 1 44 ? -0.400  1.908   8.811   1.00 24.48 ?  60  TYR A CD2 1 
ATOM   374  C  CE1 . TYR A 1 44 ? 1.718   2.342   10.556  1.00 26.48 ?  60  TYR A CE1 1 
ATOM   375  C  CE2 . TYR A 1 44 ? -0.280  3.165   9.451   1.00 27.03 ?  60  TYR A CE2 1 
ATOM   376  C  CZ  . TYR A 1 44 ? 0.776   3.347   10.321  1.00 28.39 ?  60  TYR A CZ  1 
ATOM   377  O  OH  . TYR A 1 44 ? 0.929   4.548   10.953  1.00 30.88 ?  60  TYR A OH  1 
ATOM   378  N  N   . ILE A 1 45 ? -2.659  -0.917  8.521   1.00 28.04 ?  61  ILE A N   1 
ATOM   379  C  CA  . ILE A 1 45 ? -4.024  -0.465  8.795   1.00 27.29 ?  61  ILE A CA  1 
ATOM   380  C  C   . ILE A 1 45 ? -4.712  -1.417  9.774   1.00 27.93 ?  61  ILE A C   1 
ATOM   381  O  O   . ILE A 1 45 ? -5.403  -0.982  10.715  1.00 32.81 ?  61  ILE A O   1 
ATOM   382  C  CB  . ILE A 1 45 ? -4.811  -0.319  7.468   1.00 24.56 ?  61  ILE A CB  1 
ATOM   383  C  CG1 . ILE A 1 45 ? -4.231  0.828   6.638   1.00 26.27 ?  61  ILE A CG1 1 
ATOM   384  C  CG2 . ILE A 1 45 ? -6.333  -0.094  7.742   1.00 24.61 ?  61  ILE A CG2 1 
ATOM   385  C  CD1 . ILE A 1 45 ? -4.639  0.779   5.154   1.00 22.02 ?  61  ILE A CD1 1 
ATOM   386  N  N   A MET A 1 46 ? -4.531  -2.722  9.582   0.70 29.46 ?  62  MET A N   1 
ATOM   387  N  N   B MET A 1 46 ? -4.528  -2.724  9.578   0.30 29.43 ?  62  MET A N   1 
ATOM   388  C  CA  A MET A 1 46 ? -5.159  -3.696  10.465  0.70 29.63 ?  62  MET A CA  1 
ATOM   389  C  CA  B MET A 1 46 ? -5.155  -3.708  10.455  0.30 29.69 ?  62  MET A CA  1 
ATOM   390  C  C   A MET A 1 46 ? -4.618  -3.586  11.879  0.70 31.78 ?  62  MET A C   1 
ATOM   391  C  C   B MET A 1 46 ? -4.612  -3.613  11.874  0.30 31.83 ?  62  MET A C   1 
ATOM   392  O  O   A MET A 1 46 ? -5.388  -3.607  12.850  0.70 34.05 ?  62  MET A O   1 
ATOM   393  O  O   B MET A 1 46 ? -5.383  -3.659  12.842  0.30 34.08 ?  62  MET A O   1 
ATOM   394  C  CB  A MET A 1 46 ? -4.941  -5.118  9.932   0.70 26.21 ?  62  MET A CB  1 
ATOM   395  C  CB  B MET A 1 46 ? -4.945  -5.123  9.899   0.30 26.40 ?  62  MET A CB  1 
ATOM   396  C  CG  A MET A 1 46 ? -5.528  -6.194  10.848  0.70 34.65 ?  62  MET A CG  1 
ATOM   397  C  CG  B MET A 1 46 ? -5.653  -6.231  10.689  0.30 34.69 ?  62  MET A CG  1 
ATOM   398  S  SD  A MET A 1 46 ? -5.190  -7.791  10.093  0.70 41.74 ?  62  MET A SD  1 
ATOM   399  S  SD  B MET A 1 46 ? -4.724  -6.883  12.094  0.30 36.78 ?  62  MET A SD  1 
ATOM   400  C  CE  A MET A 1 46 ? -3.419  -7.879  10.262  0.70 40.34 ?  62  MET A CE  1 
ATOM   401  C  CE  B MET A 1 46 ? -3.147  -7.312  11.354  0.30 34.84 ?  62  MET A CE  1 
ATOM   402  N  N   . THR A 1 47 ? -3.291  -3.473  12.013  1.00 29.94 ?  63  THR A N   1 
ATOM   403  C  CA  . THR A 1 47 ? -2.657  -3.473  13.332  1.00 34.63 ?  63  THR A CA  1 
ATOM   404  C  C   . THR A 1 47 ? -3.114  -2.283  14.158  1.00 37.16 ?  63  THR A C   1 
ATOM   405  O  O   . THR A 1 47 ? -3.415  -2.424  15.349  1.00 33.61 ?  63  THR A O   1 
ATOM   406  C  CB  . THR A 1 47 ? -1.132  -3.444  13.180  1.00 35.38 ?  63  THR A CB  1 
ATOM   407  O  OG1 . THR A 1 47 ? -0.688  -4.644  12.513  1.00 44.78 ?  63  THR A OG1 1 
ATOM   408  C  CG2 . THR A 1 47 ? -0.421  -3.342  14.549  1.00 43.04 ?  63  THR A CG2 1 
ATOM   409  N  N   . LYS A 1 48 ? -3.101  -1.093  13.557  1.00 34.91 ?  64  LYS A N   1 
ATOM   410  C  CA  . LYS A 1 48 ? -3.501  0.139   14.224  1.00 34.37 ?  64  LYS A CA  1 
ATOM   411  C  C   . LYS A 1 48 ? -5.009  0.331   14.235  1.00 31.38 ?  64  LYS A C   1 
ATOM   412  O  O   . LYS A 1 48 ? -5.501  1.326   14.807  1.00 35.90 ?  64  LYS A O   1 
ATOM   413  C  CB  . LYS A 1 48 ? -2.833  1.331   13.555  1.00 30.00 ?  64  LYS A CB  1 
ATOM   414  C  CG  . LYS A 1 48 ? -1.318  1.294   13.553  1.00 31.06 ?  64  LYS A CG  1 
ATOM   415  C  CD  . LYS A 1 48 ? -0.754  2.641   13.221  1.00 30.41 ?  64  LYS A CD  1 
ATOM   416  C  CE  . LYS A 1 48 ? -0.892  3.688   14.336  1.00 34.62 ?  64  LYS A CE  1 
ATOM   417  N  NZ  . LYS A 1 48 ? -0.211  4.970   13.944  1.00 35.23 ?  64  LYS A NZ  1 
ATOM   418  N  N   . ARG A 1 49 ? -5.745  -0.602  13.648  1.00 32.68 ?  65  ARG A N   1 
ATOM   419  C  CA  . ARG A 1 49 ? -7.206  -0.573  13.658  1.00 31.38 ?  65  ARG A CA  1 
ATOM   420  C  C   . ARG A 1 49 ? -7.743  0.755   13.141  1.00 34.39 ?  65  ARG A C   1 
ATOM   421  O  O   . ARG A 1 49 ? -8.656  1.337   13.727  1.00 31.49 ?  65  ARG A O   1 
ATOM   422  C  CB  . ARG A 1 49 ? -7.746  -0.827  15.076  1.00 41.69 ?  65  ARG A CB  1 
ATOM   423  C  CG  . ARG A 1 49 ? -7.247  -2.107  15.716  1.00 42.43 ?  65  ARG A CG  1 
ATOM   424  C  CD  . ARG A 1 49 ? -8.021  -3.254  15.167  1.00 51.54 ?  65  ARG A CD  1 
ATOM   425  N  NE  . ARG A 1 49 ? -7.798  -4.509  15.889  1.00 65.66 ?  65  ARG A NE  1 
ATOM   426  C  CZ  . ARG A 1 49 ? -7.480  -5.660  15.302  1.00 69.10 ?  65  ARG A CZ  1 
ATOM   427  N  NH1 . ARG A 1 49 ? -7.331  -5.718  13.982  1.00 58.13 ?  65  ARG A NH1 1 
ATOM   428  N  NH2 . ARG A 1 49 ? -7.315  -6.757  16.033  1.00 69.10 ?  65  ARG A NH2 1 
ATOM   429  N  N   . LEU A 1 50 ? -7.198  1.225   12.017  1.00 28.17 ?  66  LEU A N   1 
ATOM   430  C  CA  . LEU A 1 50 ? -7.613  2.507   11.443  1.00 30.43 ?  66  LEU A CA  1 
ATOM   431  C  C   . LEU A 1 50 ? -8.945  2.418   10.708  1.00 30.35 ?  66  LEU A C   1 
ATOM   432  O  O   . LEU A 1 50 ? -9.517  3.458   10.345  1.00 28.48 ?  66  LEU A O   1 
ATOM   433  C  CB  . LEU A 1 50 ? -6.529  3.038   10.484  1.00 24.38 ?  66  LEU A CB  1 
ATOM   434  C  CG  . LEU A 1 50 ? -5.110  3.261   11.024  1.00 26.84 ?  66  LEU A CG  1 
ATOM   435  C  CD1 . LEU A 1 50 ? -4.164  3.819   9.999   1.00 30.81 ?  66  LEU A CD1 1 
ATOM   436  C  CD2 . LEU A 1 50 ? -5.162  4.200   12.212  1.00 31.55 ?  66  LEU A CD2 1 
ATOM   437  N  N   . TYR A 1 51 ? -9.467  1.221   10.497  1.00 30.80 ?  67  TYR A N   1 
ATOM   438  C  CA  . TYR A 1 51 ? -10.658 1.044   9.686   1.00 26.48 ?  67  TYR A CA  1 
ATOM   439  C  C   . TYR A 1 51 ? -11.905 1.193   10.544  1.00 32.61 ?  67  TYR A C   1 
ATOM   440  O  O   . TYR A 1 51 ? -11.887 0.980   11.751  1.00 30.71 ?  67  TYR A O   1 
ATOM   441  C  CB  . TYR A 1 51 ? -10.670 -0.332  8.994   1.00 24.99 ?  67  TYR A CB  1 
ATOM   442  C  CG  . TYR A 1 51 ? -10.529 -1.479  9.967   1.00 29.52 ?  67  TYR A CG  1 
ATOM   443  C  CD1 . TYR A 1 51 ? -11.659 -2.069  10.550  1.00 36.72 ?  67  TYR A CD1 1 
ATOM   444  C  CD2 . TYR A 1 51 ? -9.267  -1.938  10.350  1.00 28.17 ?  67  TYR A CD2 1 
ATOM   445  C  CE1 . TYR A 1 51 ? -11.530 -3.089  11.463  1.00 37.37 ?  67  TYR A CE1 1 
ATOM   446  C  CE2 . TYR A 1 51 ? -9.118  -2.986  11.241  1.00 30.21 ?  67  TYR A CE2 1 
ATOM   447  C  CZ  . TYR A 1 51 ? -10.270 -3.553  11.799  1.00 40.01 ?  67  TYR A CZ  1 
ATOM   448  O  OH  . TYR A 1 51 ? -10.168 -4.580  12.710  1.00 36.70 ?  67  TYR A OH  1 
ATOM   449  N  N   . ASP A 1 52 ? -12.982 1.584   9.893   1.00 31.00 ?  68  ASP A N   1 
ATOM   450  C  CA  . ASP A 1 52 ? -14.269 1.706   10.566  1.00 33.86 ?  68  ASP A CA  1 
ATOM   451  C  C   . ASP A 1 52 ? -14.765 0.313   10.999  1.00 40.11 ?  68  ASP A C   1 
ATOM   452  O  O   . ASP A 1 52 ? -14.836 -0.614  10.194  1.00 35.27 ?  68  ASP A O   1 
ATOM   453  C  CB  . ASP A 1 52 ? -15.231 2.408   9.599   1.00 31.56 ?  68  ASP A CB  1 
ATOM   454  C  CG  . ASP A 1 52 ? -16.566 2.787   10.242  1.00 44.77 ?  68  ASP A CG  1 
ATOM   455  O  OD1 . ASP A 1 52 ? -17.310 1.866   10.581  1.00 40.61 ?  68  ASP A OD1 1 
ATOM   456  O  OD2 . ASP A 1 52 ? -16.855 3.999   10.404  1.00 41.90 -1 68  ASP A OD2 1 
ATOM   457  N  N   . GLU A 1 53 ? -15.058 0.137   12.284  1.00 39.94 ?  69  GLU A N   1 
ATOM   458  C  CA  . GLU A 1 53 ? -15.454 -1.203  12.720  1.00 44.56 ?  69  GLU A CA  1 
ATOM   459  C  C   . GLU A 1 53 ? -16.661 -1.735  11.951  1.00 44.61 ?  69  GLU A C   1 
ATOM   460  O  O   . GLU A 1 53 ? -16.748 -2.944  11.711  1.00 48.86 ?  69  GLU A O   1 
ATOM   461  C  CB  . GLU A 1 53 ? -15.734 -1.220  14.218  1.00 51.64 ?  69  GLU A CB  1 
ATOM   462  C  CG  . GLU A 1 53 ? -16.197 -2.589  14.742  1.00 67.07 ?  69  GLU A CG  1 
ATOM   463  C  CD  . GLU A 1 53 ? -15.267 -3.735  14.359  1.00 73.53 ?  69  GLU A CD  1 
ATOM   464  O  OE1 . GLU A 1 53 ? -14.062 -3.481  14.132  1.00 65.45 ?  69  GLU A OE1 1 
ATOM   465  O  OE2 . GLU A 1 53 ? -15.740 -4.895  14.298  1.00 73.03 -1 69  GLU A OE2 1 
ATOM   466  N  N   . LYS A 1 54 ? -17.573 -0.863  11.497  1.00 43.19 ?  70  LYS A N   1 
ATOM   467  C  CA  . LYS A 1 54 ? -18.764 -1.370  10.801  1.00 44.22 ?  70  LYS A CA  1 
ATOM   468  C  C   . LYS A 1 54 ? -18.633 -1.401  9.281   1.00 48.59 ?  70  LYS A C   1 
ATOM   469  O  O   . LYS A 1 54 ? -19.129 -2.328  8.627   1.00 52.55 ?  70  LYS A O   1 
ATOM   470  C  CB  . LYS A 1 54 ? -19.998 -0.537  11.150  1.00 50.46 ?  70  LYS A CB  1 
ATOM   471  C  CG  . LYS A 1 54 ? -20.430 -0.594  12.582  1.00 57.92 ?  70  LYS A CG  1 
ATOM   472  C  CD  . LYS A 1 54 ? -21.929 -0.518  12.731  1.00 64.11 ?  70  LYS A CD  1 
ATOM   473  C  CE  . LYS A 1 54 ? -22.291 -0.110  14.148  1.00 73.31 ?  70  LYS A CE  1 
ATOM   474  N  NZ  . LYS A 1 54 ? -23.432 -0.925  14.665  1.00 75.03 ?  70  LYS A NZ  1 
ATOM   475  N  N   . GLN A 1 55 ? -18.032 -0.378  8.689   1.00 40.67 ?  71  GLN A N   1 
ATOM   476  C  CA  . GLN A 1 55 ? -17.851 -0.313  7.239   1.00 38.72 ?  71  GLN A CA  1 
ATOM   477  C  C   . GLN A 1 55 ? -16.350 -0.472  7.039   1.00 42.68 ?  71  GLN A C   1 
ATOM   478  O  O   . GLN A 1 55 ? -15.620 0.512   6.979   1.00 33.23 ?  71  GLN A O   1 
ATOM   479  C  CB  . GLN A 1 55 ? -18.366 1.064   6.622   1.00 39.72 ?  71  GLN A CB  1 
ATOM   480  C  CG  . GLN A 1 55 ? -19.727 1.552   7.126   1.00 53.03 ?  71  GLN A CG  1 
ATOM   481  C  CD  . GLN A 1 55 ? -19.851 3.083   7.047   1.00 47.88 ?  71  GLN A CD  1 
ATOM   482  O  OE1 . GLN A 1 55 ? -19.673 3.796   8.047   1.00 56.35 ?  71  GLN A OE1 1 
ATOM   483  N  NE2 . GLN A 1 55 ? -20.136 3.582   5.852   1.00 59.62 ?  71  GLN A NE2 1 
ATOM   484  N  N   . GLN A 1 56 ? -15.882 -1.722  7.011   1.00 36.09 ?  72  GLN A N   1 
ATOM   485  C  CA  . GLN A 1 56 ? -14.449 -1.968  7.206   1.00 37.29 ?  72  GLN A CA  1 
ATOM   486  C  C   . GLN A 1 56 ? -13.608 -1.658  5.979   1.00 29.80 ?  72  GLN A C   1 
ATOM   487  O  O   . GLN A 1 56 ? -12.362 -1.734  6.062   1.00 31.49 ?  72  GLN A O   1 
ATOM   488  C  CB  . GLN A 1 56 ? -14.229 -3.412  7.668   1.00 36.86 ?  72  GLN A CB  1 
ATOM   489  C  CG  . GLN A 1 56 ? -14.845 -3.704  9.058   1.00 37.13 ?  72  GLN A CG  1 
ATOM   490  C  CD  . GLN A 1 56 ? -14.449 -5.057  9.592   1.00 44.70 ?  72  GLN A CD  1 
ATOM   491  O  OE1 . GLN A 1 56 ? -13.844 -5.852  8.867   1.00 43.42 ?  72  GLN A OE1 1 
ATOM   492  N  NE2 . GLN A 1 56 ? -14.770 -5.332  10.860  1.00 43.85 ?  72  GLN A NE2 1 
ATOM   493  N  N   . HIS A 1 57 ? -14.227 -1.271  4.863   1.00 29.49 ?  73  HIS A N   1 
ATOM   494  C  CA  . HIS A 1 57 ? -13.475 -0.766  3.723   1.00 34.03 ?  73  HIS A CA  1 
ATOM   495  C  C   . HIS A 1 57 ? -12.990 0.659   3.964   1.00 25.82 ?  73  HIS A C   1 
ATOM   496  O  O   . HIS A 1 57 ? -12.097 1.125   3.260   1.00 28.70 ?  73  HIS A O   1 
ATOM   497  C  CB  . HIS A 1 57 ? -14.341 -0.761  2.456   1.00 39.37 ?  73  HIS A CB  1 
ATOM   498  C  CG  . HIS A 1 57 ? -14.627 -2.129  1.893   1.00 44.62 ?  73  HIS A CG  1 
ATOM   499  N  ND1 . HIS A 1 57 ? -15.625 -2.941  2.387   1.00 49.36 ?  73  HIS A ND1 1 
ATOM   500  C  CD2 . HIS A 1 57 ? -14.067 -2.802  0.861   1.00 42.05 ?  73  HIS A CD2 1 
ATOM   501  C  CE1 . HIS A 1 57 ? -15.654 -4.069  1.690   1.00 51.06 ?  73  HIS A CE1 1 
ATOM   502  N  NE2 . HIS A 1 57 ? -14.719 -4.010  0.762   1.00 44.40 ?  73  HIS A NE2 1 
ATOM   503  N  N   . ILE A 1 58 ? -13.528 1.312   4.960   1.00 30.72 ?  74  ILE A N   1 
ATOM   504  C  CA  . ILE A 1 58 ? -13.267 2.724   5.188   1.00 28.12 ?  74  ILE A CA  1 
ATOM   505  C  C   . ILE A 1 58 ? -12.110 2.852   6.156   1.00 24.65 ?  74  ILE A C   1 
ATOM   506  O  O   . ILE A 1 58 ? -12.101 2.208   7.202   1.00 28.46 ?  74  ILE A O   1 
ATOM   507  C  CB  . ILE A 1 58 ? -14.504 3.426   5.765   1.00 28.48 ?  74  ILE A CB  1 
ATOM   508  C  CG1 . ILE A 1 58 ? -15.736 3.249   4.865   1.00 32.55 ?  74  ILE A CG1 1 
ATOM   509  C  CG2 . ILE A 1 58 ? -14.159 4.905   5.987   1.00 31.80 ?  74  ILE A CG2 1 
ATOM   510  C  CD1 . ILE A 1 58 ? -15.600 3.795   3.538   1.00 36.76 ?  74  ILE A CD1 1 
ATOM   511  N  N   . VAL A 1 59 ? -11.116 3.649   5.789   1.00 26.47 ?  75  VAL A N   1 
ATOM   512  C  CA  . VAL A 1 59 ? -9.923  3.828   6.603   1.00 25.04 ?  75  VAL A CA  1 
ATOM   513  C  C   . VAL A 1 59 ? -9.864  5.284   7.005   1.00 23.75 ?  75  VAL A C   1 
ATOM   514  O  O   . VAL A 1 59 ? -9.970  6.155   6.134   1.00 26.87 ?  75  VAL A O   1 
ATOM   515  C  CB  . VAL A 1 59 ? -8.661  3.438   5.819   1.00 29.54 ?  75  VAL A CB  1 
ATOM   516  C  CG1 . VAL A 1 59 ? -7.397  3.684   6.687   1.00 24.36 ?  75  VAL A CG1 1 
ATOM   517  C  CG2 . VAL A 1 59 ? -8.758  1.931   5.362   1.00 26.20 ?  75  VAL A CG2 1 
ATOM   518  N  N   . TYR A 1 60 ? -9.620  5.544   8.302   1.00 23.87 ?  76  TYR A N   1 
ATOM   519  C  CA  . TYR A 1 60 ? -9.443  6.903   8.825   1.00 26.11 ?  76  TYR A CA  1 
ATOM   520  C  C   . TYR A 1 60 ? -7.971  7.143   9.144   1.00 25.24 ?  76  TYR A C   1 
ATOM   521  O  O   . TYR A 1 60 ? -7.348  6.354   9.872   1.00 30.58 ?  76  TYR A O   1 
ATOM   522  C  CB  . TYR A 1 60 ? -10.291 7.145   10.080  1.00 27.99 ?  76  TYR A CB  1 
ATOM   523  C  CG  . TYR A 1 60 ? -11.757 6.907   9.822   1.00 29.62 ?  76  TYR A CG  1 
ATOM   524  C  CD1 . TYR A 1 60 ? -12.461 7.704   8.938   1.00 29.80 ?  76  TYR A CD1 1 
ATOM   525  C  CD2 . TYR A 1 60 ? -12.424 5.871   10.460  1.00 29.04 ?  76  TYR A CD2 1 
ATOM   526  C  CE1 . TYR A 1 60 ? -13.803 7.480   8.699   1.00 33.87 ?  76  TYR A CE1 1 
ATOM   527  C  CE2 . TYR A 1 60 ? -13.756 5.642   10.215  1.00 32.23 ?  76  TYR A CE2 1 
ATOM   528  C  CZ  . TYR A 1 60 ? -14.425 6.447   9.343   1.00 35.88 ?  76  TYR A CZ  1 
ATOM   529  O  OH  . TYR A 1 60 ? -15.735 6.220   9.103   1.00 35.77 ?  76  TYR A OH  1 
ATOM   530  N  N   . CYS A 1 61 ? -7.414  8.243   8.619   1.00 27.18 ?  77  CYS A N   1 
ATOM   531  C  CA  . CYS A 1 61 ? -5.970  8.434   8.723   1.00 29.04 ?  77  CYS A CA  1 
ATOM   532  C  C   . CYS A 1 61 ? -5.583  9.915   8.867   1.00 30.01 ?  77  CYS A C   1 
ATOM   533  O  O   . CYS A 1 61 ? -4.407  10.249  8.697   1.00 29.74 ?  77  CYS A O   1 
ATOM   534  C  CB  . CYS A 1 61 ? -5.263  7.788   7.484   1.00 23.76 ?  77  CYS A CB  1 
ATOM   535  S  SG  . CYS A 1 61 ? -5.918  8.231   5.875   1.00 28.39 ?  77  CYS A SG  1 
ATOM   536  N  N   . SER A 1 62 ? -6.505  10.815  9.208   1.00 29.86 ?  78  SER A N   1 
ATOM   537  C  CA  . SER A 1 62 ? -6.100  12.222  9.256   1.00 31.05 ?  78  SER A CA  1 
ATOM   538  C  C   . SER A 1 62 ? -5.115  12.472  10.397  1.00 35.29 ?  78  SER A C   1 
ATOM   539  O  O   . SER A 1 62 ? -4.255  13.354  10.288  1.00 36.64 ?  78  SER A O   1 
ATOM   540  C  CB  . SER A 1 62 ? -7.330  13.122  9.396   1.00 35.99 ?  78  SER A CB  1 
ATOM   541  O  OG  . SER A 1 62 ? -7.903  12.944  10.688  1.00 40.19 ?  78  SER A OG  1 
ATOM   542  N  N   A ASN A 1 63 ? -5.214  11.713  11.484  0.48 26.51 ?  79  ASN A N   1 
ATOM   543  N  N   B ASN A 1 63 ? -5.189  11.680  11.463  0.52 26.50 ?  79  ASN A N   1 
ATOM   544  C  CA  A ASN A 1 63 ? -4.244  11.774  12.577  0.48 28.69 ?  79  ASN A CA  1 
ATOM   545  C  CA  B ASN A 1 63 ? -4.268  11.775  12.588  0.52 28.66 ?  79  ASN A CA  1 
ATOM   546  C  C   A ASN A 1 63 ? -3.266  10.609  12.525  0.48 30.21 ?  79  ASN A C   1 
ATOM   547  C  C   B ASN A 1 63 ? -3.129  10.749  12.500  0.52 30.14 ?  79  ASN A C   1 
ATOM   548  O  O   A ASN A 1 63 ? -2.874  10.058  13.562  0.48 30.46 ?  79  ASN A O   1 
ATOM   549  O  O   B ASN A 1 63 ? -2.468  10.465  13.500  0.52 26.87 ?  79  ASN A O   1 
ATOM   550  C  CB  A ASN A 1 63 ? -4.953  11.829  13.915  0.48 31.92 ?  79  ASN A CB  1 
ATOM   551  C  CB  B ASN A 1 63 ? -5.035  11.613  13.890  0.52 32.18 ?  79  ASN A CB  1 
ATOM   552  C  CG  A ASN A 1 63 ? -5.521  13.192  14.194  0.48 30.74 ?  79  ASN A CG  1 
ATOM   553  C  CG  B ASN A 1 63 ? -4.277  12.138  15.076  0.52 33.50 ?  79  ASN A CG  1 
ATOM   554  O  OD1 A ASN A 1 63 ? -4.910  14.213  13.853  0.48 33.07 ?  79  ASN A OD1 1 
ATOM   555  O  OD1 B ASN A 1 63 ? -3.593  13.162  14.991  0.52 28.30 ?  79  ASN A OD1 1 
ATOM   556  N  ND2 A ASN A 1 63 ? -6.706  13.231  14.784  0.48 35.78 ?  79  ASN A ND2 1 
ATOM   557  N  ND2 B ASN A 1 63 ? -4.362  11.428  16.184  0.52 33.72 ?  79  ASN A ND2 1 
ATOM   558  N  N   . ASP A 1 64 ? -2.861  10.225  11.311  1.00 27.39 ?  80  ASP A N   1 
ATOM   559  C  CA  . ASP A 1 64 ? -1.883  9.157   11.116  1.00 25.41 ?  80  ASP A CA  1 
ATOM   560  C  C   . ASP A 1 64 ? -0.810  9.574   10.123  1.00 27.94 ?  80  ASP A C   1 
ATOM   561  O  O   . ASP A 1 64 ? -1.054  10.350  9.187   1.00 29.08 ?  80  ASP A O   1 
ATOM   562  C  CB  . ASP A 1 64 ? -2.532  7.839   10.605  1.00 24.58 ?  80  ASP A CB  1 
ATOM   563  C  CG  . ASP A 1 64 ? -1.651  6.623   10.901  1.00 31.39 ?  80  ASP A CG  1 
ATOM   564  O  OD1 . ASP A 1 64 ? -0.763  6.320   10.082  1.00 29.62 ?  80  ASP A OD1 1 
ATOM   565  O  OD2 . ASP A 1 64 ? -1.774  6.064   12.004  1.00 32.33 -1 80  ASP A OD2 1 
ATOM   566  N  N   . LEU A 1 65 ? 0.385   9.051   10.336  1.00 26.90 ?  81  LEU A N   1 
ATOM   567  C  CA  . LEU A 1 65 ? 1.408   9.218   9.316   1.00 29.31 ?  81  LEU A CA  1 
ATOM   568  C  C   . LEU A 1 65 ? 0.885   8.778   7.948   1.00 23.99 ?  81  LEU A C   1 
ATOM   569  O  O   . LEU A 1 65 ? 1.262   9.354   6.931   1.00 27.19 ?  81  LEU A O   1 
ATOM   570  C  CB  . LEU A 1 65 ? 2.654   8.428   9.719   1.00 32.17 ?  81  LEU A CB  1 
ATOM   571  C  CG  . LEU A 1 65 ? 3.824   8.464   8.710   1.00 41.32 ?  81  LEU A CG  1 
ATOM   572  C  CD1 . LEU A 1 65 ? 4.331   9.875   8.441   1.00 35.27 ?  81  LEU A CD1 1 
ATOM   573  C  CD2 . LEU A 1 65 ? 4.958   7.572   9.207   1.00 43.15 ?  81  LEU A CD2 1 
ATOM   574  N  N   . LEU A 1 66 ? -0.017  7.794   7.912   1.00 27.87 ?  82  LEU A N   1 
ATOM   575  C  CA  . LEU A 1 66 ? -0.558  7.326   6.625   1.00 26.45 ?  82  LEU A CA  1 
ATOM   576  C  C   . LEU A 1 66 ? -1.297  8.434   5.898   1.00 27.78 ?  82  LEU A C   1 
ATOM   577  O  O   . LEU A 1 66 ? -1.175  8.577   4.677   1.00 25.71 ?  82  LEU A O   1 
ATOM   578  C  CB  . LEU A 1 66 ? -1.490  6.132   6.836   1.00 25.87 ?  82  LEU A CB  1 
ATOM   579  C  CG  . LEU A 1 66 ? -2.135  5.582   5.550   1.00 29.01 ?  82  LEU A CG  1 
ATOM   580  C  CD1 . LEU A 1 66 ? -1.090  5.016   4.556   1.00 26.72 ?  82  LEU A CD1 1 
ATOM   581  C  CD2 . LEU A 1 66 ? -3.199  4.550   5.947   1.00 31.56 ?  82  LEU A CD2 1 
ATOM   582  N  N   . GLY A 1 67 ? -2.002  9.294   6.632   1.00 29.33 ?  83  GLY A N   1 
ATOM   583  C  CA  . GLY A 1 67 ? -2.674  10.401  5.977   1.00 23.80 ?  83  GLY A CA  1 
ATOM   584  C  C   . GLY A 1 67 ? -1.727  11.462  5.439   1.00 27.04 ?  83  GLY A C   1 
ATOM   585  O  O   . GLY A 1 67 ? -1.993  12.070  4.395   1.00 30.70 ?  83  GLY A O   1 
ATOM   586  N  N   . ASP A 1 68 ? -0.607  11.686  6.127   1.00 29.63 ?  84  ASP A N   1 
ATOM   587  C  CA  . ASP A 1 68 ? 0.403   12.575  5.582   1.00 27.61 ?  84  ASP A CA  1 
ATOM   588  C  C   . ASP A 1 68 ? 1.022   11.996  4.317   1.00 31.25 ?  84  ASP A C   1 
ATOM   589  O  O   . ASP A 1 68 ? 1.300   12.731  3.364   1.00 35.42 ?  84  ASP A O   1 
ATOM   590  C  CB  . ASP A 1 68 ? 1.484   12.830  6.623   1.00 32.07 ?  84  ASP A CB  1 
ATOM   591  C  CG  . ASP A 1 68 ? 1.015   13.785  7.718   1.00 31.73 ?  84  ASP A CG  1 
ATOM   592  O  OD1 . ASP A 1 68 ? -0.086  14.420  7.580   1.00 33.17 ?  84  ASP A OD1 1 
ATOM   593  O  OD2 . ASP A 1 68 ? 1.750   13.875  8.716   1.00 34.43 -1 84  ASP A OD2 1 
ATOM   594  N  N   . LEU A 1 69 ? 1.224   10.685  4.287   1.00 31.91 ?  85  LEU A N   1 
ATOM   595  C  CA  . LEU A 1 69 ? 1.868   10.074  3.128   1.00 31.16 ?  85  LEU A CA  1 
ATOM   596  C  C   . LEU A 1 69 ? 0.918   10.001  1.936   1.00 29.40 ?  85  LEU A C   1 
ATOM   597  O  O   . LEU A 1 69 ? 1.305   10.319  0.807   1.00 36.09 ?  85  LEU A O   1 
ATOM   598  C  CB  . LEU A 1 69 ? 2.382   8.694   3.505   1.00 33.44 ?  85  LEU A CB  1 
ATOM   599  C  CG  . LEU A 1 69 ? 3.457   8.806   4.585   1.00 37.38 ?  85  LEU A CG  1 
ATOM   600  C  CD1 . LEU A 1 69 ? 4.163   7.465   4.723   1.00 39.95 ?  85  LEU A CD1 1 
ATOM   601  C  CD2 . LEU A 1 69 ? 4.463   9.940   4.355   1.00 38.34 ?  85  LEU A CD2 1 
ATOM   602  N  N   . PHE A 1 70 ? -0.318  9.580   2.162   1.00 24.30 ?  86  PHE A N   1 
ATOM   603  C  CA  . PHE A 1 70 ? -1.332  9.533   1.109   1.00 28.62 ?  86  PHE A CA  1 
ATOM   604  C  C   . PHE A 1 70 ? -1.929  10.893  0.782   1.00 37.95 ?  86  PHE A C   1 
ATOM   605  O  O   . PHE A 1 70 ? -2.550  11.041  -0.277  1.00 30.97 ?  86  PHE A O   1 
ATOM   606  C  CB  . PHE A 1 70 ? -2.491  8.614   1.519   1.00 29.96 ?  86  PHE A CB  1 
ATOM   607  C  CG  . PHE A 1 70 ? -2.203  7.124   1.340   1.00 28.94 ?  86  PHE A CG  1 
ATOM   608  C  CD1 . PHE A 1 70 ? -0.922  6.677   1.055   1.00 28.60 ?  86  PHE A CD1 1 
ATOM   609  C  CD2 . PHE A 1 70 ? -3.239  6.206   1.446   1.00 26.28 ?  86  PHE A CD2 1 
ATOM   610  C  CE1 . PHE A 1 70 ? -0.659  5.269   0.856   1.00 29.43 ?  86  PHE A CE1 1 
ATOM   611  C  CE2 . PHE A 1 70 ? -3.008  4.818   1.249   1.00 31.03 ?  86  PHE A CE2 1 
ATOM   612  C  CZ  . PHE A 1 70 ? -1.717  4.358   0.972   1.00 35.46 ?  86  PHE A CZ  1 
ATOM   613  N  N   . GLY A 1 71 ? -1.827  11.860  1.695   1.00 28.77 ?  87  GLY A N   1 
ATOM   614  C  CA  . GLY A 1 71 ? -2.415  13.175  1.443   1.00 30.10 ?  87  GLY A CA  1 
ATOM   615  C  C   . GLY A 1 71 ? -3.918  13.235  1.503   1.00 32.61 ?  87  GLY A C   1 
ATOM   616  O  O   . GLY A 1 71 ? -4.524  14.028  0.760   1.00 38.98 ?  87  GLY A O   1 
ATOM   617  N  N   . VAL A 1 72 ? -4.553  12.417  2.342   1.00 31.40 ?  88  VAL A N   1 
ATOM   618  C  CA  . VAL A 1 72 ? -6.015  12.399  2.478   1.00 27.03 ?  88  VAL A CA  1 
ATOM   619  C  C   . VAL A 1 72 ? -6.366  12.151  3.928   1.00 28.82 ?  88  VAL A C   1 
ATOM   620  O  O   . VAL A 1 72 ? -5.580  11.576  4.695   1.00 25.74 ?  88  VAL A O   1 
ATOM   621  C  CB  . VAL A 1 72 ? -6.698  11.316  1.607   1.00 30.43 ?  88  VAL A CB  1 
ATOM   622  C  CG1 . VAL A 1 72 ? -6.481  11.573  0.083   1.00 31.98 ?  88  VAL A CG1 1 
ATOM   623  C  CG2 . VAL A 1 72 ? -6.279  9.880   2.094   1.00 25.15 ?  88  VAL A CG2 1 
ATOM   624  N  N   . PRO A 1 73 ? -7.561  12.593  4.354   1.00 31.46 ?  89  PRO A N   1 
ATOM   625  C  CA  . PRO A 1 73 ? -7.982  12.330  5.734   1.00 27.43 ?  89  PRO A CA  1 
ATOM   626  C  C   . PRO A 1 73 ? -8.598  10.954  5.917   1.00 27.78 ?  89  PRO A C   1 
ATOM   627  O  O   . PRO A 1 73 ? -8.656  10.475  7.047   1.00 28.12 ?  89  PRO A O   1 
ATOM   628  C  CB  . PRO A 1 73 ? -9.029  13.440  6.009   1.00 30.72 ?  89  PRO A CB  1 
ATOM   629  C  CG  . PRO A 1 73 ? -9.597  13.777  4.647   1.00 35.50 ?  89  PRO A CG  1 
ATOM   630  C  CD  . PRO A 1 73 ? -8.439  13.563  3.660   1.00 36.17 ?  89  PRO A CD  1 
ATOM   631  N  N   . SER A 1 74 ? -9.111  10.335  4.853   1.00 28.29 ?  90  SER A N   1 
ATOM   632  C  CA  . SER A 1 74 ? -9.710  9.006   4.929   1.00 27.36 ?  90  SER A CA  1 
ATOM   633  C  C   . SER A 1 74 ? -9.848  8.507   3.495   1.00 31.10 ?  90  SER A C   1 
ATOM   634  O  O   . SER A 1 74 ? -9.684  9.272   2.549   1.00 26.57 ?  90  SER A O   1 
ATOM   635  C  CB  . SER A 1 74 ? -11.068 9.038   5.616   1.00 33.30 ?  90  SER A CB  1 
ATOM   636  O  OG  . SER A 1 74 ? -11.910 9.897   4.888   1.00 36.83 ?  90  SER A OG  1 
ATOM   637  N  N   . PHE A 1 75 ? -10.135 7.223   3.349   1.00 27.73 ?  91  PHE A N   1 
ATOM   638  C  CA  . PHE A 1 75 ? -10.334 6.637   2.021   1.00 28.71 ?  91  PHE A CA  1 
ATOM   639  C  C   . PHE A 1 75 ? -10.993 5.278   2.182   1.00 25.45 ?  91  PHE A C   1 
ATOM   640  O  O   . PHE A 1 75 ? -11.074 4.723   3.283   1.00 26.68 ?  91  PHE A O   1 
ATOM   641  C  CB  . PHE A 1 75 ? -9.028  6.517   1.226   1.00 33.03 ?  91  PHE A CB  1 
ATOM   642  C  CG  . PHE A 1 75 ? -8.006  5.578   1.852   1.00 27.43 ?  91  PHE A CG  1 
ATOM   643  C  CD1 . PHE A 1 75 ? -7.123  6.040   2.838   1.00 29.39 ?  91  PHE A CD1 1 
ATOM   644  C  CD2 . PHE A 1 75 ? -7.933  4.245   1.459   1.00 29.09 ?  91  PHE A CD2 1 
ATOM   645  C  CE1 . PHE A 1 75 ? -6.187  5.183   3.418   1.00 25.93 ?  91  PHE A CE1 1 
ATOM   646  C  CE2 . PHE A 1 75 ? -6.993  3.393   2.037   1.00 31.46 ?  91  PHE A CE2 1 
ATOM   647  C  CZ  . PHE A 1 75 ? -6.141  3.848   3.011   1.00 28.70 ?  91  PHE A CZ  1 
ATOM   648  N  N   . SER A 1 76 ? -11.493 4.770   1.058   1.00 32.44 ?  92  SER A N   1 
ATOM   649  C  CA  . SER A 1 76 ? -12.038 3.430   0.966   1.00 27.02 ?  92  SER A CA  1 
ATOM   650  C  C   . SER A 1 76 ? -11.057 2.525   0.227   1.00 23.17 ?  92  SER A C   1 
ATOM   651  O  O   . SER A 1 76 ? -10.491 2.914   -0.797  1.00 29.60 ?  92  SER A O   1 
ATOM   652  C  CB  . SER A 1 76 ? -13.355 3.405   0.196   1.00 31.21 ?  92  SER A CB  1 
ATOM   653  O  OG  . SER A 1 76 ? -13.805 2.069   0.208   1.00 29.20 ?  92  SER A OG  1 
ATOM   654  N  N   . VAL A 1 77 ? -10.905 1.312   0.744   1.00 30.66 ?  93  VAL A N   1 
ATOM   655  C  CA  . VAL A 1 77 ? -10.135 0.267   0.079   1.00 28.67 ?  93  VAL A CA  1 
ATOM   656  C  C   . VAL A 1 77 ? -10.646 0.016   -1.327  1.00 33.08 ?  93  VAL A C   1 
ATOM   657  O  O   . VAL A 1 77 ? -9.902  -0.477  -2.189  1.00 31.13 ?  93  VAL A O   1 
ATOM   658  C  CB  . VAL A 1 77 ? -10.241 -0.988  0.962   1.00 34.53 ?  93  VAL A CB  1 
ATOM   659  C  CG1 . VAL A 1 77 ? -9.932  -2.258  0.179   1.00 36.30 ?  93  VAL A CG1 1 
ATOM   660  C  CG2 . VAL A 1 77 ? -9.316  -0.825  2.135   1.00 37.15 ?  93  VAL A CG2 1 
ATOM   661  N  N   . LYS A 1 78 ? -11.920 0.336   -1.581  1.00 32.10 ?  94  LYS A N   1 
ATOM   662  C  CA  . LYS A 1 78 ? -12.515 0.154   -2.904  1.00 32.90 ?  94  LYS A CA  1 
ATOM   663  C  C   . LYS A 1 78 ? -11.983 1.133   -3.922  1.00 31.72 ?  94  LYS A C   1 
ATOM   664  O  O   . LYS A 1 78 ? -12.144 0.885   -5.124  1.00 38.05 ?  94  LYS A O   1 
ATOM   665  C  CB  . LYS A 1 78 ? -14.051 0.272   -2.834  1.00 30.56 ?  94  LYS A CB  1 
ATOM   666  C  CG  . LYS A 1 78 ? -14.719 -0.660  -1.879  1.00 41.82 ?  94  LYS A CG  1 
ATOM   667  C  CD  . LYS A 1 78 ? -16.220 -0.646  -2.115  1.00 51.67 ?  94  LYS A CD  1 
ATOM   668  C  CE  . LYS A 1 78 ? -16.977 -1.535  -1.148  1.00 50.24 ?  94  LYS A CE  1 
ATOM   669  N  NZ  . LYS A 1 78 ? -18.403 -1.721  -1.605  1.00 51.81 ?  94  LYS A NZ  1 
ATOM   670  N  N   . GLU A 1 79 ? -11.300 2.210   -3.494  1.00 28.16 ?  95  GLU A N   1 
ATOM   671  C  CA  . GLU A 1 79 ? -10.735 3.196   -4.423  1.00 27.95 ?  95  GLU A CA  1 
ATOM   672  C  C   . GLU A 1 79 ? -9.383  2.736   -4.989  1.00 35.18 ?  95  GLU A C   1 
ATOM   673  O  O   . GLU A 1 79 ? -8.328  3.327   -4.742  1.00 33.62 ?  95  GLU A O   1 
ATOM   674  C  CB  . GLU A 1 79 ? -10.594 4.542   -3.726  1.00 36.60 ?  95  GLU A CB  1 
ATOM   675  C  CG  . GLU A 1 79 ? -11.925 5.098   -3.245  1.00 33.88 ?  95  GLU A CG  1 
ATOM   676  C  CD  . GLU A 1 79 ? -11.745 6.409   -2.492  1.00 44.71 ?  95  GLU A CD  1 
ATOM   677  O  OE1 . GLU A 1 79 ? -11.627 6.401   -1.235  1.00 37.46 ?  95  GLU A OE1 1 
ATOM   678  O  OE2 . GLU A 1 79 ? -11.690 7.450   -3.181  1.00 46.27 -1 95  GLU A OE2 1 
ATOM   679  N  N   . HIS A 1 80 ? -9.444  1.700   -5.829  1.00 34.29 ?  96  HIS A N   1 
ATOM   680  C  CA  . HIS A 1 80 ? -8.227  1.004   -6.250  1.00 31.40 ?  96  HIS A CA  1 
ATOM   681  C  C   . HIS A 1 80 ? -7.257  1.943   -6.945  1.00 34.79 ?  96  HIS A C   1 
ATOM   682  O  O   . HIS A 1 80 ? -6.066  1.983   -6.609  1.00 31.57 ?  96  HIS A O   1 
ATOM   683  C  CB  . HIS A 1 80 ? -8.588  -0.176  -7.143  1.00 34.50 ?  96  HIS A CB  1 
ATOM   684  C  CG  . HIS A 1 80 ? -9.475  -1.172  -6.470  1.00 35.91 ?  96  HIS A CG  1 
ATOM   685  N  ND1 . HIS A 1 80 ? -10.393 -1.935  -7.162  1.00 34.95 ?  96  HIS A ND1 1 
ATOM   686  C  CD2 . HIS A 1 80 ? -9.613  -1.514  -5.167  1.00 32.08 ?  96  HIS A CD2 1 
ATOM   687  C  CE1 . HIS A 1 80 ? -11.058 -2.699  -6.318  1.00 35.70 ?  96  HIS A CE1 1 
ATOM   688  N  NE2 . HIS A 1 80 ? -10.595 -2.471  -5.100  1.00 34.11 ?  96  HIS A NE2 1 
ATOM   689  N  N   . ARG A 1 81 ? -7.746  2.714   -7.918  1.00 37.57 ?  97  ARG A N   1 
ATOM   690  C  CA  . ARG A 1 81 ? -6.841  3.596   -8.706  1.00 42.21 ?  97  ARG A CA  1 
ATOM   691  C  C   . ARG A 1 81 ? -6.252  4.697   -7.816  1.00 35.43 ?  97  ARG A C   1 
ATOM   692  O  O   . ARG A 1 81 ? -5.038  4.938   -7.914  1.00 36.89 ?  97  ARG A O   1 
ATOM   693  C  CB  . ARG A 1 81 ? -7.581  4.186   -9.909  1.00 54.24 ?  97  ARG A CB  1 
ATOM   694  C  CG  . ARG A 1 81 ? -7.103  3.650   -11.250 1.00 71.88 ?  97  ARG A CG  1 
ATOM   695  C  CD  . ARG A 1 81 ? -7.778  4.349   -12.413 1.00 79.65 ?  97  ARG A CD  1 
ATOM   696  N  NE  . ARG A 1 81 ? -9.184  3.987   -12.524 1.00 85.74 ?  97  ARG A NE  1 
ATOM   697  C  CZ  . ARG A 1 81 ? -9.633  2.749   -12.702 1.00 89.57 ?  97  ARG A CZ  1 
ATOM   698  N  NH1 . ARG A 1 81 ? -10.932 2.523   -12.789 1.00 86.83 ?  97  ARG A NH1 1 
ATOM   699  N  NH2 . ARG A 1 81 ? -8.782  1.743   -12.793 1.00 80.37 ?  97  ARG A NH2 1 
ATOM   700  N  N   . LYS A 1 82 ? -7.082  5.342   -6.993  1.00 32.06 ?  98  LYS A N   1 
ATOM   701  C  CA  . LYS A 1 82 ? -6.614  6.419   -6.129  1.00 34.00 ?  98  LYS A CA  1 
ATOM   702  C  C   . LYS A 1 82 ? -5.536  5.915   -5.176  1.00 28.36 ?  98  LYS A C   1 
ATOM   703  O  O   . LYS A 1 82 ? -4.488  6.555   -4.999  1.00 32.36 ?  98  LYS A O   1 
ATOM   704  C  CB  . LYS A 1 82 ? -7.816  6.990   -5.358  1.00 40.00 ?  98  LYS A CB  1 
ATOM   705  C  CG  . LYS A 1 82 ? -7.575  8.211   -4.423  1.00 43.12 ?  98  LYS A CG  1 
ATOM   706  C  CD  . LYS A 1 82 ? -8.919  8.558   -3.717  1.00 46.32 ?  98  LYS A CD  1 
ATOM   707  C  CE  . LYS A 1 82 ? -8.823  9.624   -2.610  1.00 58.71 ?  98  LYS A CE  1 
ATOM   708  N  NZ  . LYS A 1 82 ? -9.824  9.372   -1.489  1.00 56.29 ?  98  LYS A NZ  1 
ATOM   709  N  N   . ILE A 1 83 ? -5.765  4.742   -4.580  1.00 30.69 ?  99  ILE A N   1 
ATOM   710  C  CA  . ILE A 1 83 ? -4.795  4.179   -3.647  1.00 25.94 ?  99  ILE A CA  1 
ATOM   711  C  C   . ILE A 1 83 ? -3.501  3.842   -4.356  1.00 31.00 ?  99  ILE A C   1 
ATOM   712  O  O   . ILE A 1 83 ? -2.402  4.178   -3.887  1.00 28.26 ?  99  ILE A O   1 
ATOM   713  C  CB  . ILE A 1 83 ? -5.381  2.951   -2.952  1.00 27.89 ?  99  ILE A CB  1 
ATOM   714  C  CG1 . ILE A 1 83 ? -6.473  3.379   -1.999  1.00 35.55 ?  99  ILE A CG1 1 
ATOM   715  C  CG2 . ILE A 1 83 ? -4.252  2.105   -2.223  1.00 33.64 ?  99  ILE A CG2 1 
ATOM   716  C  CD1 . ILE A 1 83 ? -7.277  2.185   -1.480  1.00 33.57 ?  99  ILE A CD1 1 
ATOM   717  N  N   . TYR A 1 84 ? -3.607  3.248   -5.542  1.00 32.69 ?  100 TYR A N   1 
ATOM   718  C  CA  . TYR A 1 84 ? -2.402  2.985   -6.307  1.00 40.27 ?  100 TYR A CA  1 
ATOM   719  C  C   . TYR A 1 84 ? -1.658  4.281   -6.581  1.00 33.90 ?  100 TYR A C   1 
ATOM   720  O  O   . TYR A 1 84 ? -0.436  4.364   -6.399  1.00 42.07 ?  100 TYR A O   1 
ATOM   721  C  CB  . TYR A 1 84 ? -2.763  2.240   -7.606  1.00 45.16 ?  100 TYR A CB  1 
ATOM   722  C  CG  . TYR A 1 84 ? -1.576  1.696   -8.355  1.00 54.44 ?  100 TYR A CG  1 
ATOM   723  C  CD1 . TYR A 1 84 ? -1.012  0.461   -8.030  1.00 55.28 ?  100 TYR A CD1 1 
ATOM   724  C  CD2 . TYR A 1 84 ? -1.024  2.415   -9.410  1.00 69.44 ?  100 TYR A CD2 1 
ATOM   725  C  CE1 . TYR A 1 84 ? 0.096   -0.027  -8.738  1.00 57.31 ?  100 TYR A CE1 1 
ATOM   726  C  CE2 . TYR A 1 84 ? 0.069   1.945   -10.116 1.00 70.37 ?  100 TYR A CE2 1 
ATOM   727  C  CZ  . TYR A 1 84 ? 0.630   0.731   -9.787  1.00 71.57 ?  100 TYR A CZ  1 
ATOM   728  O  OH  . TYR A 1 84 ? 1.725   0.307   -10.527 1.00 68.81 ?  100 TYR A OH  1 
ATOM   729  N  N   . THR A 1 85 ? -2.378  5.342   -6.920  1.00 39.36 ?  101 THR A N   1 
ATOM   730  C  CA  . THR A 1 85 ? -1.705  6.618   -7.124  1.00 35.70 ?  101 THR A CA  1 
ATOM   731  C  C   . THR A 1 85 ? -1.081  7.152   -5.837  1.00 38.97 ?  101 THR A C   1 
ATOM   732  O  O   . THR A 1 85 ? 0.037   7.679   -5.862  1.00 38.36 ?  101 THR A O   1 
ATOM   733  C  CB  . THR A 1 85 ? -2.683  7.647   -7.675  1.00 44.77 ?  101 THR A CB  1 
ATOM   734  O  OG1 . THR A 1 85 ? -3.182  7.190   -8.939  1.00 55.39 ?  101 THR A OG1 1 
ATOM   735  C  CG2 . THR A 1 85 ? -1.987  8.969   -7.847  1.00 47.07 ?  101 THR A CG2 1 
ATOM   736  N  N   . MET A 1 86 ? -1.788  7.034   -4.706  1.00 34.28 ?  102 MET A N   1 
ATOM   737  C  CA  . MET A 1 86 ? -1.251  7.540   -3.441  1.00 30.37 ?  102 MET A CA  1 
ATOM   738  C  C   . MET A 1 86 ? 0.042   6.820   -3.061  1.00 35.29 ?  102 MET A C   1 
ATOM   739  O  O   . MET A 1 86 ? 0.995   7.424   -2.555  1.00 32.44 ?  102 MET A O   1 
ATOM   740  C  CB  . MET A 1 86 ? -2.316  7.384   -2.342  1.00 30.33 ?  102 MET A CB  1 
ATOM   741  C  CG  . MET A 1 86 ? -3.602  8.117   -2.711  1.00 34.79 ?  102 MET A CG  1 
ATOM   742  S  SD  . MET A 1 86 ? -4.703  8.543   -1.342  1.00 35.61 ?  102 MET A SD  1 
ATOM   743  C  CE  . MET A 1 86 ? -5.516  7.049   -0.980  1.00 32.00 ?  102 MET A CE  1 
ATOM   744  N  N   . ILE A 1 87 ? 0.076   5.513   -3.275  1.00 32.94 ?  103 ILE A N   1 
ATOM   745  C  CA  . ILE A 1 87 ? 1.267   4.733   -2.963  1.00 25.50 ?  103 ILE A CA  1 
ATOM   746  C  C   . ILE A 1 87 ? 2.433   5.150   -3.844  1.00 32.64 ?  103 ILE A C   1 
ATOM   747  O  O   . ILE A 1 87 ? 3.562   5.336   -3.371  1.00 32.64 ?  103 ILE A O   1 
ATOM   748  C  CB  . ILE A 1 87 ? 0.957   3.235   -3.147  1.00 32.17 ?  103 ILE A CB  1 
ATOM   749  C  CG1 . ILE A 1 87 ? -0.097  2.856   -2.132  1.00 29.72 ?  103 ILE A CG1 1 
ATOM   750  C  CG2 . ILE A 1 87 ? 2.234   2.413   -2.964  1.00 36.52 ?  103 ILE A CG2 1 
ATOM   751  C  CD1 . ILE A 1 87 ? -0.716  1.458   -2.352  1.00 32.52 ?  103 ILE A CD1 1 
ATOM   752  N  N   . TYR A 1 88 ? 2.173   5.281   -5.147  1.00 39.74 ?  104 TYR A N   1 
ATOM   753  C  CA  . TYR A 1 88 ? 3.240   5.472   -6.124  1.00 40.47 ?  104 TYR A CA  1 
ATOM   754  C  C   . TYR A 1 88 ? 4.029   6.730   -5.836  1.00 41.24 ?  104 TYR A C   1 
ATOM   755  O  O   . TYR A 1 88 ? 5.245   6.769   -6.034  1.00 38.88 ?  104 TYR A O   1 
ATOM   756  C  CB  . TYR A 1 88 ? 2.622   5.523   -7.513  1.00 46.77 ?  104 TYR A CB  1 
ATOM   757  C  CG  . TYR A 1 88 ? 3.268   4.659   -8.548  1.00 52.07 ?  104 TYR A CG  1 
ATOM   758  C  CD1 . TYR A 1 88 ? 3.014   3.287   -8.605  1.00 59.19 ?  104 TYR A CD1 1 
ATOM   759  C  CD2 . TYR A 1 88 ? 4.084   5.227   -9.526  1.00 63.00 ?  104 TYR A CD2 1 
ATOM   760  C  CE1 . TYR A 1 88 ? 3.599   2.490   -9.591  1.00 69.11 ?  104 TYR A CE1 1 
ATOM   761  C  CE2 . TYR A 1 88 ? 4.671   4.450   -10.517 1.00 67.62 ?  104 TYR A CE2 1 
ATOM   762  C  CZ  . TYR A 1 88 ? 4.430   3.080   -10.550 1.00 79.62 ?  104 TYR A CZ  1 
ATOM   763  O  OH  . TYR A 1 88 ? 5.021   2.319   -11.553 1.00 84.62 ?  104 TYR A OH  1 
ATOM   764  N  N   . ARG A 1 89 ? 3.370   7.743   -5.299  1.00 40.42 ?  105 ARG A N   1 
ATOM   765  C  CA  A ARG A 1 89 ? 4.055   8.981   -4.960  0.10 40.05 ?  105 ARG A CA  1 
ATOM   766  C  CA  B ARG A 1 89 ? 4.044   8.984   -4.951  0.35 40.01 ?  105 ARG A CA  1 
ATOM   767  C  CA  C ARG A 1 89 ? 4.025   8.986   -4.940  0.55 39.99 ?  105 ARG A CA  1 
ATOM   768  C  C   . ARG A 1 89 ? 4.959   8.845   -3.745  1.00 39.18 ?  105 ARG A C   1 
ATOM   769  O  O   . ARG A 1 89 ? 5.756   9.743   -3.484  1.00 40.46 ?  105 ARG A O   1 
ATOM   770  C  CB  A ARG A 1 89 ? 3.016   10.086  -4.753  0.10 44.40 ?  105 ARG A CB  1 
ATOM   771  C  CB  B ARG A 1 89 ? 2.994   10.076  -4.720  0.35 44.47 ?  105 ARG A CB  1 
ATOM   772  C  CB  C ARG A 1 89 ? 2.921   10.027  -4.717  0.55 44.49 ?  105 ARG A CB  1 
ATOM   773  C  CG  A ARG A 1 89 ? 2.034   10.169  -5.920  0.10 44.85 ?  105 ARG A CG  1 
ATOM   774  C  CG  B ARG A 1 89 ? 1.989   10.154  -5.869  0.35 44.84 ?  105 ARG A CG  1 
ATOM   775  C  CG  C ARG A 1 89 ? 2.054   10.148  -5.995  0.55 44.86 ?  105 ARG A CG  1 
ATOM   776  C  CD  A ARG A 1 89 ? 1.064   11.338  -5.819  0.10 48.61 ?  105 ARG A CD  1 
ATOM   777  C  CD  B ARG A 1 89 ? 1.016   11.323  -5.758  0.35 48.78 ?  105 ARG A CD  1 
ATOM   778  C  CD  C ARG A 1 89 ? 0.708   10.853  -5.836  0.55 49.63 ?  105 ARG A CD  1 
ATOM   779  N  NE  A ARG A 1 89 ? 0.397   11.387  -4.523  0.10 48.66 ?  105 ARG A NE  1 
ATOM   780  N  NE  B ARG A 1 89 ? 0.338   11.359  -4.467  0.35 48.94 ?  105 ARG A NE  1 
ATOM   781  N  NE  C ARG A 1 89 ? 0.153   11.257  -7.133  0.55 48.26 ?  105 ARG A NE  1 
ATOM   782  C  CZ  A ARG A 1 89 ? -0.838  11.840  -4.329  0.10 46.01 ?  105 ARG A CZ  1 
ATOM   783  C  CZ  B ARG A 1 89 ? -0.901  11.805  -4.278  0.35 46.03 ?  105 ARG A CZ  1 
ATOM   784  C  CZ  C ARG A 1 89 ? -0.967  11.957  -7.291  0.55 48.89 ?  105 ARG A CZ  1 
ATOM   785  N  NH1 A ARG A 1 89 ? -1.563  12.277  -5.344  0.10 46.15 ?  105 ARG A NH1 1 
ATOM   786  N  NH1 B ARG A 1 89 ? -1.622  12.249  -5.293  0.35 46.05 ?  105 ARG A NH1 1 
ATOM   787  N  NH1 C ARG A 1 89 ? -1.662  12.341  -6.232  0.55 50.97 ?  105 ARG A NH1 1 
ATOM   788  N  NH2 A ARG A 1 89 ? -1.348  11.840  -3.106  0.10 41.97 ?  105 ARG A NH2 1 
ATOM   789  N  NH2 B ARG A 1 89 ? -1.417  11.792  -3.057  0.35 41.86 ?  105 ARG A NH2 1 
ATOM   790  N  NH2 C ARG A 1 89 ? -1.389  12.280  -8.508  0.55 50.36 ?  105 ARG A NH2 1 
ATOM   791  N  N   . ASN A 1 90 ? 4.887   7.724   -3.003  1.00 33.14 ?  106 ASN A N   1 
ATOM   792  C  CA  . ASN A 1 90 ? 5.792   7.463   -1.881  1.00 32.46 ?  106 ASN A CA  1 
ATOM   793  C  C   . ASN A 1 90 ? 6.887   6.427   -2.195  1.00 32.30 ?  106 ASN A C   1 
ATOM   794  O  O   . ASN A 1 90 ? 7.501   5.861   -1.280  1.00 30.05 ?  106 ASN A O   1 
ATOM   795  C  CB  . ASN A 1 90 ? 4.938   7.030   -0.697  1.00 36.78 ?  106 ASN A CB  1 
ATOM   796  C  CG  . ASN A 1 90 ? 4.175   8.191   -0.139  1.00 33.98 ?  106 ASN A CG  1 
ATOM   797  O  OD1 . ASN A 1 90 ? 4.743   8.966   0.630   1.00 36.99 ?  106 ASN A OD1 1 
ATOM   798  N  ND2 . ASN A 1 90 ? 2.914   8.381   -0.584  1.00 31.12 ?  106 ASN A ND2 1 
ATOM   799  N  N   A LEU A 1 91 ? 7.180   6.183   -3.461  0.61 35.39 ?  107 LEU A N   1 
ATOM   800  N  N   B LEU A 1 91 ? 7.155   6.219   -3.483  0.39 35.34 ?  107 LEU A N   1 
ATOM   801  C  CA  A LEU A 1 91 ? 8.274   5.273   -3.755  0.61 33.39 ?  107 LEU A CA  1 
ATOM   802  C  CA  B LEU A 1 91 ? 8.006   5.157   -3.990  0.39 34.38 ?  107 LEU A CA  1 
ATOM   803  C  C   A LEU A 1 91 ? 8.866   5.610   -5.101  0.61 31.97 ?  107 LEU A C   1 
ATOM   804  C  C   B LEU A 1 91 ? 8.945   5.726   -5.047  0.39 31.97 ?  107 LEU A C   1 
ATOM   805  O  O   A LEU A 1 91 ? 8.255   6.303   -5.926  0.61 34.28 ?  107 LEU A O   1 
ATOM   806  O  O   B LEU A 1 91 ? 8.712   6.803   -5.590  0.39 37.96 ?  107 LEU A O   1 
ATOM   807  C  CB  A LEU A 1 91 ? 7.805   3.824   -3.780  0.61 31.06 ?  107 LEU A CB  1 
ATOM   808  C  CB  B LEU A 1 91 ? 7.146   4.042   -4.609  0.39 29.10 ?  107 LEU A CB  1 
ATOM   809  C  CG  A LEU A 1 91 ? 6.541   3.681   -4.660  0.61 30.85 ?  107 LEU A CG  1 
ATOM   810  C  CG  B LEU A 1 91 ? 6.050   3.357   -3.769  0.39 32.18 ?  107 LEU A CG  1 
ATOM   811  C  CD1 A LEU A 1 91 ? 6.747   3.530   -6.172  0.61 35.99 ?  107 LEU A CD1 1 
ATOM   812  C  CD1 B LEU A 1 91 ? 5.296   2.413   -4.658  0.39 34.71 ?  107 LEU A CD1 1 
ATOM   813  C  CD2 A LEU A 1 91 ? 5.777   2.477   -4.133  0.61 34.69 ?  107 LEU A CD2 1 
ATOM   814  C  CD2 B LEU A 1 91 ? 6.641   2.592   -2.596  0.39 31.26 ?  107 LEU A CD2 1 
ATOM   815  N  N   . VAL A 1 92 ? 10.006  4.988   -5.358  1.00 29.42 ?  108 VAL A N   1 
ATOM   816  C  CA  . VAL A 1 92 ? 10.718  5.159   -6.612  1.00 29.52 ?  108 VAL A CA  1 
ATOM   817  C  C   . VAL A 1 92 ? 10.825  3.793   -7.277  1.00 32.00 ?  108 VAL A C   1 
ATOM   818  O  O   . VAL A 1 92 ? 11.146  2.801   -6.609  1.00 29.67 ?  108 VAL A O   1 
ATOM   819  C  CB  . VAL A 1 92 ? 12.090  5.795   -6.370  1.00 36.34 ?  108 VAL A CB  1 
ATOM   820  C  CG1 . VAL A 1 92 ? 12.893  5.837   -7.648  1.00 41.65 ?  108 VAL A CG1 1 
ATOM   821  C  CG2 . VAL A 1 92 ? 11.870  7.205   -5.830  1.00 38.01 ?  108 VAL A CG2 1 
ATOM   822  N  N   . VAL A 1 93 ? 10.465  3.741   -8.562  1.00 34.20 ?  109 VAL A N   1 
ATOM   823  C  CA  . VAL A 1 93 ? 10.520  2.501   -9.330  1.00 32.02 ?  109 VAL A CA  1 
ATOM   824  C  C   . VAL A 1 93 ? 11.979  2.138   -9.572  1.00 40.10 ?  109 VAL A C   1 
ATOM   825  O  O   . VAL A 1 93 ? 12.829  2.999   -9.846  1.00 37.29 ?  109 VAL A O   1 
ATOM   826  C  CB  . VAL A 1 93 ? 9.712   2.651   -10.627 1.00 38.64 ?  109 VAL A CB  1 
ATOM   827  C  CG1 . VAL A 1 93 ? 9.940   1.452   -11.586 1.00 42.46 ?  109 VAL A CG1 1 
ATOM   828  C  CG2 . VAL A 1 93 ? 8.248   2.778   -10.294 1.00 44.36 ?  109 VAL A CG2 1 
ATOM   829  N  N   . VAL A 1 94 ? 12.297  0.868   -9.387  1.00 29.78 ?  110 VAL A N   1 
ATOM   830  C  CA  . VAL A 1 94 ? 13.657  0.363   -9.578  1.00 33.67 ?  110 VAL A CA  1 
ATOM   831  C  C   . VAL A 1 94 ? 13.673  -0.291  -10.948 1.00 40.28 ?  110 VAL A C   1 
ATOM   832  O  O   . VAL A 1 94 ? 12.873  -1.189  -11.220 1.00 36.06 ?  110 VAL A O   1 
ATOM   833  C  CB  . VAL A 1 94 ? 14.039  -0.619  -8.462  1.00 31.55 ?  110 VAL A CB  1 
ATOM   834  C  CG1 . VAL A 1 94 ? 15.330  -1.352  -8.778  1.00 32.87 ?  110 VAL A CG1 1 
ATOM   835  C  CG2 . VAL A 1 94 ? 14.159  0.133   -7.143  1.00 37.03 ?  110 VAL A CG2 1 
ATOM   836  N  N   . ASN A 1 95 ? 14.510  0.204   -11.840 1.00 39.47 ?  111 ASN A N   1 
ATOM   837  C  CA  . ASN A 1 95 ? 14.556  -0.392  -13.169 1.00 39.43 ?  111 ASN A CA  1 
ATOM   838  C  C   . ASN A 1 95 ? 15.506  -1.579  -13.128 1.00 32.57 ?  111 ASN A C   1 
ATOM   839  O  O   . ASN A 1 95 ? 16.397  -1.683  -12.297 1.00 31.81 ?  111 ASN A O   1 
ATOM   840  C  CB  . ASN A 1 95 ? 15.010  0.623   -14.229 1.00 51.21 ?  111 ASN A CB  1 
ATOM   841  C  CG  . ASN A 1 95 ? 15.217  -0.020  -15.617 1.00 54.73 ?  111 ASN A CG  1 
ATOM   842  O  OD1 . ASN A 1 95 ? 16.351  -0.370  -16.021 1.00 56.55 ?  111 ASN A OD1 1 
ATOM   843  N  ND2 . ASN A 1 95 ? 14.121  -0.169  -16.352 1.00 56.68 ?  111 ASN A ND2 1 
ATOM   844  O  OXT . ASN A 1 95 ? 15.373  -2.496  -13.914 1.00 42.18 -1 111 ASN A OXT 1 
HETATM 845  N  N   . DPR B 2 3  ? -11.343 -13.914 7.162   1.00 47.25 ?  2   DPR B N   1 
HETATM 846  C  CA  . DPR B 2 3  ? -11.067 -12.934 6.139   1.00 47.15 ?  2   DPR B CA  1 
HETATM 847  C  CB  . DPR B 2 3  ? -9.692  -13.264 5.594   1.00 47.03 ?  2   DPR B CB  1 
HETATM 848  C  CG  . DPR B 2 3  ? -9.079  -14.262 6.565   1.00 45.23 ?  2   DPR B CG  1 
HETATM 849  C  CD  . DPR B 2 3  ? -10.197 -14.719 7.492   1.00 42.82 ?  2   DPR B CD  1 
HETATM 850  C  C   . DPR B 2 3  ? -10.969 -11.564 6.701   1.00 37.03 ?  2   DPR B C   1 
HETATM 851  O  O   . DPR B 2 3  ? -10.438 -11.389 7.804   1.00 40.80 ?  2   DPR B O   1 
HETATM 852  N  N   . DAL B 2 4  ? -11.446 -10.578 5.959   1.00 38.17 ?  3   DAL B N   1 
HETATM 853  C  CA  . DAL B 2 4  ? -11.385 -9.206  6.403   1.00 39.69 ?  3   DAL B CA  1 
HETATM 854  C  CB  . DAL B 2 4  ? -12.285 -8.339  5.535   1.00 34.38 ?  3   DAL B CB  1 
HETATM 855  C  C   . DAL B 2 4  ? -9.977  -8.709  6.281   1.00 33.10 ?  3   DAL B C   1 
HETATM 856  O  O   . DAL B 2 4  ? -9.208  -9.190  5.434   1.00 30.48 ?  3   DAL B O   1 
HETATM 857  N  N   . DTR B 2 5  ? -9.619  -7.743  7.113   1.00 33.54 ?  4   DTR B N   1 
HETATM 858  C  CA  . DTR B 2 5  ? -8.285  -7.171  7.079   1.00 29.03 ?  4   DTR B CA  1 
HETATM 859  C  CB  . DTR B 2 5  ? -8.187  -6.020  8.095   1.00 27.17 ?  4   DTR B CB  1 
HETATM 860  C  CG  . DTR B 2 5  ? -8.837  -4.754  7.596   1.00 29.61 ?  4   DTR B CG  1 
HETATM 861  C  CD1 . DTR B 2 5  ? -10.111 -4.280  7.869   1.00 32.65 ?  4   DTR B CD1 1 
HETATM 862  N  NE1 . DTR B 2 5  ? -10.340 -3.107  7.227   1.00 28.18 ?  4   DTR B NE1 1 
HETATM 863  C  CE2 . DTR B 2 5  ? -9.282  -2.728  6.503   1.00 26.30 ?  4   DTR B CE2 1 
HETATM 864  C  CZ2 . DTR B 2 5  ? -8.990  -1.657  5.683   1.00 27.40 ?  4   DTR B CZ2 1 
HETATM 865  C  CH2 . DTR B 2 5  ? -7.745  -1.593  5.073   1.00 28.69 ?  4   DTR B CH2 1 
HETATM 866  C  CZ3 . DTR B 2 5  ? -6.778  -2.573  5.265   1.00 27.90 ?  4   DTR B CZ3 1 
HETATM 867  C  CE3 . DTR B 2 5  ? -7.021  -3.669  6.077   1.00 27.86 ?  4   DTR B CE3 1 
HETATM 868  C  CD2 . DTR B 2 5  ? -8.246  -3.742  6.703   1.00 29.69 ?  4   DTR B CD2 1 
HETATM 869  C  C   . DTR B 2 5  ? -7.727  -6.759  5.728   1.00 29.93 ?  4   DTR B C   1 
HETATM 870  O  O   . DTR B 2 5  ? -6.508  -6.903  5.559   1.00 28.60 ?  4   DTR B O   1 
HETATM 871  N  N   . DTY B 2 6  ? -8.544  -6.318  4.774   1.00 25.05 ?  5   DTY B N   1 
HETATM 872  C  CA  . DTY B 2 6  ? -8.044  -5.819  3.520   1.00 28.56 ?  5   DTY B CA  1 
HETATM 873  C  C   . DTY B 2 6  ? -8.044  -6.788  2.392   1.00 25.75 ?  5   DTY B C   1 
HETATM 874  O  O   . DTY B 2 6  ? -7.648  -6.383  1.292   1.00 25.62 ?  5   DTY B O   1 
HETATM 875  C  CB  . DTY B 2 6  ? -8.932  -4.651  3.108   1.00 26.28 ?  5   DTY B CB  1 
HETATM 876  C  CG  . DTY B 2 6  ? -10.374 -5.094  3.091   1.00 30.74 ?  5   DTY B CG  1 
HETATM 877  C  CD1 . DTY B 2 6  ? -11.236 -4.725  4.114   1.00 30.31 ?  5   DTY B CD1 1 
HETATM 878  C  CD2 . DTY B 2 6  ? -10.845 -5.878  2.054   1.00 29.61 ?  5   DTY B CD2 1 
HETATM 879  C  CE1 . DTY B 2 6  ? -12.557 -5.141  4.097   1.00 30.59 ?  5   DTY B CE1 1 
HETATM 880  C  CE2 . DTY B 2 6  ? -12.165 -6.292  2.034   1.00 32.66 ?  5   DTY B CE2 1 
HETATM 881  C  CZ  . DTY B 2 6  ? -13.023 -5.924  3.053   1.00 36.31 ?  5   DTY B CZ  1 
HETATM 882  O  OH  . DTY B 2 6  ? -14.315 -6.335  3.028   1.00 45.11 ?  5   DTY B OH  1 
HETATM 883  N  N   . DGL B 2 7  ? -8.453  -8.027  2.625   1.00 28.40 ?  6   DGL B N   1 
HETATM 884  C  CA  . DGL B 2 7  ? -8.526  -9.014  1.557   1.00 32.63 ?  6   DGL B CA  1 
HETATM 885  C  C   . DGL B 2 7  ? -7.214  -9.142  0.806   1.00 31.74 ?  6   DGL B C   1 
HETATM 886  O  O   . DGL B 2 7  ? -7.212  -9.068  -0.429  1.00 27.09 ?  6   DGL B O   1 
HETATM 887  C  CB  . DGL B 2 7  ? -9.159  -10.315 2.080   1.00 33.04 ?  6   DGL B CB  1 
HETATM 888  C  CG  . DGL B 2 7  ? -10.686 -10.142 2.125   1.00 41.97 ?  6   DGL B CG  1 
HETATM 889  C  CD  . DGL B 2 7  ? -11.551 -11.216 2.783   1.00 45.53 ?  6   DGL B CD  1 
HETATM 890  O  OE1 . DGL B 2 7  ? -12.333 -10.908 3.683   1.00 47.58 ?  6   DGL B OE1 1 
HETATM 891  O  OE2 . DGL B 2 7  ? -11.531 -12.402 2.449   1.00 46.52 ?  6   DGL B OE2 1 
HETATM 892  N  N   . DCY B 2 8  ? -6.103  -9.254  1.520   1.00 27.30 ?  7   DCY B N   1 
HETATM 893  C  CA  . DCY B 2 8  ? -4.814  -9.393  0.881   1.00 27.41 ?  7   DCY B CA  1 
HETATM 894  C  C   . DCY B 2 8  ? -4.446  -8.172  0.088   1.00 29.65 ?  7   DCY B C   1 
HETATM 895  O  O   . DCY B 2 8  ? -4.106  -8.278  -1.097  1.00 29.43 ?  7   DCY B O   1 
HETATM 896  C  CB  . DCY B 2 8  ? -3.824  -9.674  2.000   1.00 43.84 ?  7   DCY B CB  1 
HETATM 897  S  SG  . DCY B 2 8  ? -2.136  -9.895  1.434   1.00 65.32 ?  7   DCY B SG  1 
HETATM 898  N  N   . DNE B 2 9  ? -4.517  -7.013  0.706   1.00 28.69 ?  8   DNE B N   1 
HETATM 899  C  CA  . DNE B 2 9  ? -4.178  -5.768  0.057   1.00 24.80 ?  8   DNE B CA  1 
HETATM 900  C  C   . DNE B 2 9  ? -5.047  -5.477  -1.132  1.00 30.68 ?  8   DNE B C   1 
HETATM 901  O  O   . DNE B 2 9  ? -4.521  -5.044  -2.163  1.00 28.70 ?  8   DNE B O   1 
HETATM 902  C  CB  . DNE B 2 9  ? -4.337  -4.653  1.077   1.00 23.42 ?  8   DNE B CB  1 
HETATM 903  C  CG  . DNE B 2 9  ? -4.159  -3.265  0.486   1.00 24.63 ?  8   DNE B CG  1 
HETATM 904  C  CD  . DNE B 2 9  ? -4.373  -2.229  1.580   1.00 31.28 ?  8   DNE B CD  1 
HETATM 905  C  CE  . DNE B 2 9  ? -4.099  -0.834  1.082   1.00 29.22 ?  8   DNE B CE  1 
HETATM 906  N  N   . DGL B 2 10 ? -6.350  -5.690  -1.017  1.00 25.40 ?  9   DGL B N   1 
HETATM 907  C  CA  . DGL B 2 10 ? -7.251  -5.401  -2.117  1.00 27.14 ?  9   DGL B CA  1 
HETATM 908  C  C   . DGL B 2 10 ? -7.059  -6.364  -3.251  1.00 27.89 ?  9   DGL B C   1 
HETATM 909  O  O   . DGL B 2 10 ? -7.120  -5.945  -4.409  1.00 31.33 ?  9   DGL B O   1 
HETATM 910  C  CB  . DGL B 2 10 ? -8.710  -5.402  -1.681  1.00 29.05 ?  9   DGL B CB  1 
HETATM 911  C  CG  . DGL B 2 10 ? -9.537  -4.726  -2.762  1.00 33.53 ?  9   DGL B CG  1 
HETATM 912  C  CD  . DGL B 2 10 ? -10.993 -4.594  -2.387  1.00 33.68 ?  9   DGL B CD  1 
HETATM 913  O  OE1 . DGL B 2 10 ? -11.676 -3.803  -3.049  1.00 37.02 ?  9   DGL B OE1 1 
HETATM 914  O  OE2 . DGL B 2 10 ? -11.457 -5.273  -1.461  1.00 34.61 ?  9   DGL B OE2 1 
HETATM 915  N  N   . DAL B 2 11 ? -6.832  -7.636  -2.953  1.00 32.53 ?  10  DAL B N   1 
HETATM 916  C  CA  . DAL B 2 11 ? -6.631  -8.626  -3.991  1.00 30.40 ?  10  DAL B CA  1 
HETATM 917  C  CB  . DAL B 2 11 ? -6.448  -10.004 -3.380  1.00 31.88 ?  10  DAL B CB  1 
HETATM 918  C  C   . DAL B 2 11 ? -5.413  -8.253  -4.778  1.00 40.34 ?  10  DAL B C   1 
HETATM 919  O  O   . DAL B 2 11 ? -5.426  -8.301  -6.015  1.00 33.79 ?  10  DAL B O   1 
HETATM 920  N  N   . DAL B 2 12 ? -4.355  -7.847  -4.089  1.00 35.29 ?  11  DAL B N   1 
HETATM 921  C  CA  . DAL B 2 12 ? -3.136  -7.457  -4.759  1.00 32.31 ?  11  DAL B CA  1 
HETATM 922  C  CB  . DAL B 2 12 ? -2.033  -7.202  -3.743  1.00 32.63 ?  11  DAL B CB  1 
HETATM 923  C  C   . DAL B 2 12 ? -3.373  -6.228  -5.584  1.00 28.84 ?  11  DAL B C   1 
HETATM 924  O  O   . DAL B 2 12 ? -2.841  -6.133  -6.692  1.00 37.67 ?  11  DAL B O   1 
HETATM 925  N  N   . DNE B 2 13 ? -4.152  -5.285  -5.078  1.00 33.27 ?  12  DNE B N   1 
HETATM 926  C  CA  . DNE B 2 13 ? -4.446  -4.073  -5.805  1.00 31.99 ?  12  DNE B CA  1 
HETATM 927  C  C   . DNE B 2 13 ? -5.239  -4.368  -7.047  1.00 43.09 ?  12  DNE B C   1 
HETATM 928  O  O   . DNE B 2 13 ? -5.013  -3.713  -8.075  1.00 44.08 ?  12  DNE B O   1 
HETATM 929  C  CB  . DNE B 2 13 ? -5.256  -3.139  -4.918  1.00 37.51 ?  12  DNE B CB  1 
HETATM 930  C  CG  . DNE B 2 13 ? -4.549  -1.808  -4.710  1.00 40.64 ?  12  DNE B CG  1 
HETATM 931  C  CD  . DNE B 2 13 ? -5.460  -0.788  -4.039  1.00 38.94 ?  12  DNE B CD  1 
HETATM 932  C  CE  . DNE B 2 13 ? -6.218  -1.387  -2.879  1.00 36.16 ?  12  DNE B CE  1 
HETATM 933  N  N   . DNE B 2 14 ? -6.159  -5.321  -6.984  1.00 36.64 ?  13  DNE B N   1 
HETATM 934  C  CA  . DNE B 2 14 ? -6.977  -5.668  -8.137  1.00 38.60 ?  13  DNE B CA  1 
HETATM 935  C  C   . DNE B 2 14 ? -6.145  -6.286  -9.217  1.00 36.90 ?  13  DNE B C   1 
HETATM 936  O  O   . DNE B 2 14 ? -6.381  -6.018  -10.399 1.00 47.22 ?  13  DNE B O   1 
HETATM 937  C  CB  . DNE B 2 14 ? -8.065  -6.649  -7.750  1.00 44.85 ?  13  DNE B CB  1 
HETATM 938  C  CG  . DNE B 2 14 ? -9.335  -5.931  -7.335  1.00 43.64 ?  13  DNE B CG  1 
HETATM 939  C  CD  . DNE B 2 14 ? -10.208 -6.887  -6.548  1.00 41.09 ?  13  DNE B CD  1 
HETATM 940  C  CE  . DNE B 2 14 ? -11.540 -6.255  -6.230  1.00 54.64 ?  13  DNE B CE  1 
HETATM 941  N  N   . DCY B 2 15 ? -5.138  -7.069  -8.843  1.00 39.57 ?  14  DCY B N   1 
HETATM 942  C  CA  . DCY B 2 15 ? -4.242  -7.711  -9.796  1.00 41.62 ?  14  DCY B CA  1 
HETATM 943  C  C   . DCY B 2 15 ? -3.401  -6.701  -10.556 1.00 46.75 ?  14  DCY B C   1 
HETATM 944  O  O   . DCY B 2 15 ? -3.006  -7.000  -11.689 1.00 44.11 ?  14  DCY B O   1 
HETATM 945  C  CB  . DCY B 2 15 ? -3.421  -8.756  -9.051  1.00 32.43 ?  14  DCY B CB  1 
HETATM 946  S  SG  . DCY B 2 15 ? -2.198  -9.679  -10.005 1.00 40.18 ?  14  DCY B SG  1 
HETATM 947  N  N   . DGN B 2 16 ? -3.106  -5.536  -9.979  1.00 54.89 ?  15  DGN B N   1 
HETATM 948  C  CA  . DGN B 2 16 ? -2.356  -4.506  -10.670 1.00 53.28 ?  15  DGN B CA  1 
HETATM 949  C  C   . DGN B 2 16 ? -3.255  -3.464  -11.291 1.00 57.27 ?  15  DGN B C   1 
HETATM 950  O  O   . DGN B 2 16 ? -2.755  -2.644  -12.081 1.00 65.05 ?  15  DGN B O   1 
HETATM 951  C  CB  . DGN B 2 16 ? -1.439  -3.802  -9.681  1.00 65.11 ?  15  DGN B CB  1 
HETATM 952  C  CG  . DGN B 2 16 ? -0.755  -4.788  -8.741  1.00 53.54 ?  15  DGN B CG  1 
HETATM 953  C  CD  . DGN B 2 16 ? 0.704   -4.874  -9.085  1.00 63.79 ?  15  DGN B CD  1 
HETATM 954  O  OE1 . DGN B 2 16 ? 1.312   -3.870  -9.402  1.00 54.70 ?  15  DGN B OE1 1 
HETATM 955  N  NE2 . DGN B 2 16 ? 1.251   -6.093  -9.023  1.00 71.87 ?  15  DGN B NE2 1 
HETATM 956  N  N   . DGN B 2 17 ? -4.549  -3.463  -10.986 1.00 56.62 ?  16  DGN B N   1 
HETATM 957  C  CA  . DGN B 2 17 ? -5.455  -2.461  -11.544 1.00 46.81 ?  16  DGN B CA  1 
HETATM 958  C  C   . DGN B 2 17 ? -6.467  -3.045  -12.492 1.00 64.55 ?  16  DGN B C   1 
HETATM 959  O  O   . DGN B 2 17 ? -7.243  -2.287  -13.113 1.00 68.29 ?  16  DGN B O   1 
HETATM 960  C  CB  . DGN B 2 17 ? -6.176  -1.750  -10.405 1.00 63.21 ?  16  DGN B CB  1 
HETATM 961  C  CG  . DGN B 2 17 ? -7.257  -0.783  -10.871 1.00 58.49 ?  16  DGN B CG  1 
HETATM 962  C  CD  . DGN B 2 17 ? -8.608  -1.357  -10.527 1.00 75.88 ?  16  DGN B CD  1 
HETATM 963  O  OE1 . DGN B 2 17 ? -8.683  -2.377  -9.867  1.00 73.96 ?  16  DGN B OE1 1 
HETATM 964  N  NE2 . DGN B 2 17 ? -9.685  -0.711  -10.967 1.00 63.79 ?  16  DGN B NE2 1 
HETATM 965  N  N   . DVA B 2 18 ? -6.474  -4.366  -12.616 1.00 60.83 ?  17  DVA B N   1 
HETATM 966  C  CA  . DVA B 2 18 ? -7.381  -5.089  -13.496 1.00 64.47 ?  17  DVA B CA  1 
HETATM 967  C  CB  . DVA B 2 18 ? -7.061  -4.892  -14.980 1.00 53.27 ?  17  DVA B CB  1 
HETATM 968  C  CG1 . DVA B 2 18 ? -6.923  -6.220  -15.691 1.00 51.79 ?  17  DVA B CG1 1 
HETATM 969  C  CG2 . DVA B 2 18 ? -8.116  -4.043  -15.665 1.00 48.48 ?  17  DVA B CG2 1 
HETATM 970  C  C   . DVA B 2 18 ? -8.804  -4.737  -13.214 1.00 62.26 ?  17  DVA B C   1 
HETATM 971  O  O   . DVA B 2 18 ? -9.644  -5.635  -13.410 1.00 58.52 ?  17  DVA B O   1 
HETATM 972  S  S   . SO4 C 3 .  ? -18.611 -3.683  4.799   1.00 94.21 ?  201 SO4 A S   1 
HETATM 973  O  O1  . SO4 C 3 .  ? -18.955 -2.256  4.784   1.00 66.49 -1 201 SO4 A O1  1 
HETATM 974  O  O2  . SO4 C 3 .  ? -19.831 -4.494  4.651   1.00 81.09 ?  201 SO4 A O2  1 
HETATM 975  O  O3  . SO4 C 3 .  ? -17.891 -4.013  6.050   1.00 57.80 ?  201 SO4 A O3  1 
HETATM 976  O  O4  . SO4 C 3 .  ? -17.738 -3.940  3.656   1.00 67.19 ?  201 SO4 A O4  1 
HETATM 977  S  S   . SO4 D 3 .  ? 3.715   -6.188  -24.882 1.00 89.81 ?  202 SO4 A S   1 
HETATM 978  O  O1  . SO4 D 3 .  ? 2.741   -5.971  -23.810 1.00 74.54 ?  202 SO4 A O1  1 
HETATM 979  O  O2  . SO4 D 3 .  ? 3.429   -5.350  -26.055 1.00 80.34 ?  202 SO4 A O2  1 
HETATM 980  O  O3  . SO4 D 3 .  ? 5.043   -5.858  -24.336 1.00 83.16 -1 202 SO4 A O3  1 
HETATM 981  O  O4  . SO4 D 3 .  ? 3.632   -7.596  -25.293 1.00 78.78 ?  202 SO4 A O4  1 
HETATM 982  CL CL  . CL  E 4 .  ? 2.402   0.105   14.441  1.00 70.93 ?  203 CL  A CL  1 
HETATM 983  C  CA  . WHL F 5 .  ? -0.736  -11.362 -3.616  1.00 36.34 ?  101 WHL B CA  1 
HETATM 984  C  CB  . WHL F 5 .  ? -0.887  -11.357 -5.007  1.00 35.17 ?  101 WHL B CB  1 
HETATM 985  N  NB  . WHL F 5 .  ? -2.403  -11.323 -6.947  1.00 34.85 ?  101 WHL B NB  1 
HETATM 986  O  OB  . WHL F 5 .  ? -3.465  -12.639 -0.796  1.00 34.54 ?  101 WHL B OB  1 
HETATM 987  C  CG  . WHL F 5 .  ? -2.547  -11.968 -0.447  1.00 31.80 ?  101 WHL B CG  1 
HETATM 988  C  CD  . WHL F 5 .  ? -3.295  -11.310 -4.735  1.00 31.44 ?  101 WHL B CD  1 
HETATM 989  C  CE  . WHL F 5 .  ? -3.149  -11.304 -3.355  1.00 27.39 ?  101 WHL B CE  1 
HETATM 990  C  CH  . WHL F 5 .  ? -2.105  -11.748 1.010   1.00 43.07 ?  101 WHL B CH  1 
HETATM 991  C  CC  . WHL F 5 .  ? -2.164  -11.306 -5.531  1.00 37.09 ?  101 WHL B CC  1 
HETATM 992  C  CF  . WHL F 5 .  ? -1.871  -11.344 -2.818  1.00 33.60 ?  101 WHL B CF  1 
HETATM 993  C  CJ  . WHL F 5 .  ? -1.419  -11.176 -7.985  1.00 49.73 ?  101 WHL B CJ  1 
HETATM 994  C  CK  . WHL F 5 .  ? -1.933  -11.263 -9.424  1.00 36.17 ?  101 WHL B CK  1 
HETATM 995  N  NA  . WHL F 5 .  ? -1.704  -11.326 -1.389  1.00 30.27 ?  101 WHL B NA  1 
HETATM 996  O  OA  . WHL F 5 .  ? -0.273  -11.005 -7.750  1.00 51.50 ?  101 WHL B OA  1 
HETATM 997  O  O   . HOH G 6 .  ? -17.309 -0.940  3.825   1.00 41.40 ?  301 HOH A O   1 
HETATM 998  O  O   . HOH G 6 .  ? 2.744   -9.723  -25.885 1.00 50.91 ?  302 HOH A O   1 
HETATM 999  O  O   . HOH G 6 .  ? 3.759   -13.866 -16.108 1.00 42.19 ?  303 HOH A O   1 
HETATM 1000 O  O   . HOH G 6 .  ? 1.163   -6.339  -21.909 1.00 42.42 ?  304 HOH A O   1 
HETATM 1001 O  O   . HOH G 6 .  ? 6.946   -11.014 -14.632 1.00 35.85 ?  305 HOH A O   1 
HETATM 1002 O  O   . HOH G 6 .  ? 16.341  -2.262  5.154   1.00 50.96 ?  306 HOH A O   1 
HETATM 1003 O  O   . HOH G 6 .  ? 13.576  -0.329  -18.841 1.00 50.19 ?  307 HOH A O   1 
HETATM 1004 O  O   . HOH G 6 .  ? 9.561   -8.110  3.799   1.00 30.14 ?  308 HOH A O   1 
HETATM 1005 O  O   . HOH G 6 .  ? -1.010  -8.347  -16.192 1.00 33.13 ?  309 HOH A O   1 
HETATM 1006 O  O   . HOH G 6 .  ? 1.667   15.243  3.827   1.00 47.38 ?  310 HOH A O   1 
HETATM 1007 O  O   . HOH G 6 .  ? 11.167  -7.760  -0.966  1.00 41.54 ?  311 HOH A O   1 
HETATM 1008 O  O   . HOH G 6 .  ? -0.322  6.321   16.153  1.00 44.81 ?  312 HOH A O   1 
HETATM 1009 O  O   . HOH G 6 .  ? 13.619  1.894   0.385   1.00 32.89 ?  313 HOH A O   1 
HETATM 1010 O  O   . HOH G 6 .  ? 8.658   -16.221 -27.324 1.00 51.87 ?  314 HOH A O   1 
HETATM 1011 O  O   . HOH G 6 .  ? 7.665   -11.877 -11.136 1.00 44.79 ?  315 HOH A O   1 
HETATM 1012 O  O   . HOH G 6 .  ? 9.678   -8.862  1.119   1.00 33.39 ?  316 HOH A O   1 
HETATM 1013 O  O   . HOH G 6 .  ? -2.418  -9.434  5.942   1.00 43.00 ?  317 HOH A O   1 
HETATM 1014 O  O   . HOH G 6 .  ? 10.435  -2.319  -11.879 1.00 29.82 ?  318 HOH A O   1 
HETATM 1015 O  O   . HOH G 6 .  ? 9.470   2.034   11.802  1.00 46.55 ?  319 HOH A O   1 
HETATM 1016 O  O   . HOH G 6 .  ? 13.161  5.364   6.545   1.00 39.63 ?  320 HOH A O   1 
HETATM 1017 O  O   . HOH G 6 .  ? -2.096  -7.469  4.346   1.00 29.68 ?  321 HOH A O   1 
HETATM 1018 O  O   . HOH G 6 .  ? 16.208  2.408   -11.407 1.00 43.89 ?  322 HOH A O   1 
HETATM 1019 O  O   . HOH G 6 .  ? 13.089  -14.818 -28.262 1.00 48.44 ?  323 HOH A O   1 
HETATM 1020 O  O   . HOH G 6 .  ? 20.079  0.258   3.771   1.00 51.17 ?  324 HOH A O   1 
HETATM 1021 O  O   . HOH G 6 .  ? 1.417   -13.774 -8.438  1.00 45.67 ?  325 HOH A O   1 
HETATM 1022 O  O   . HOH G 6 .  ? 14.070  5.219   1.551   1.00 44.58 ?  326 HOH A O   1 
HETATM 1023 O  O   . HOH G 6 .  ? -2.845  13.678  7.612   1.00 44.35 ?  327 HOH A O   1 
HETATM 1024 O  O   . HOH G 6 .  ? -11.354 -7.144  9.445   1.00 38.86 ?  328 HOH A O   1 
HETATM 1025 O  O   . HOH G 6 .  ? -19.268 -2.693  1.576   1.00 64.76 ?  329 HOH A O   1 
HETATM 1026 O  O   . HOH G 6 .  ? -12.341 -5.805  14.142  1.00 53.32 ?  330 HOH A O   1 
HETATM 1027 O  O   . HOH G 6 .  ? -10.712 10.931  9.014   1.00 35.45 ?  331 HOH A O   1 
HETATM 1028 O  O   . HOH G 6 .  ? -4.735  15.373  -1.782  1.00 46.59 ?  332 HOH A O   1 
HETATM 1029 O  O   . HOH G 6 .  ? 7.317   8.247   1.823   1.00 37.43 ?  333 HOH A O   1 
HETATM 1030 O  O   . HOH G 6 .  ? 4.874   11.890  0.730   1.00 54.30 ?  334 HOH A O   1 
HETATM 1031 O  O   . HOH G 6 .  ? -11.705 -2.200  15.376  1.00 52.87 ?  335 HOH A O   1 
HETATM 1032 O  O   . HOH G 6 .  ? 9.421   6.190   -9.905  1.00 47.19 ?  336 HOH A O   1 
HETATM 1033 O  O   . HOH G 6 .  ? -1.680  16.852  8.255   1.00 42.28 ?  337 HOH A O   1 
HETATM 1034 O  O   . HOH G 6 .  ? 21.100  -0.136  -5.623  1.00 61.28 ?  338 HOH A O   1 
HETATM 1035 O  O   . HOH G 6 .  ? -13.129 8.673   0.049   1.00 49.77 ?  339 HOH A O   1 
HETATM 1036 O  O   . HOH G 6 .  ? 13.990  -11.462 1.012   1.00 39.76 ?  340 HOH A O   1 
HETATM 1037 O  O   . HOH G 6 .  ? 9.462   10.290  2.574   1.00 38.21 ?  341 HOH A O   1 
HETATM 1038 O  O   . HOH G 6 .  ? 10.786  -8.888  -27.602 1.00 50.14 ?  342 HOH A O   1 
HETATM 1039 O  O   . HOH G 6 .  ? 9.761   13.314  -3.312  1.00 66.57 ?  343 HOH A O   1 
HETATM 1040 O  O   . HOH G 6 .  ? -4.510  12.625  -9.012  1.00 54.50 ?  344 HOH A O   1 
HETATM 1041 O  O   . HOH G 6 .  ? -11.285 7.996   -6.323  1.00 58.63 ?  345 HOH A O   1 
HETATM 1042 O  O   . HOH G 6 .  ? 7.434   -0.818  15.273  1.00 58.86 ?  346 HOH A O   1 
HETATM 1043 O  O   . HOH G 6 .  ? 6.580   -3.012  -14.256 1.00 50.85 ?  347 HOH A O   1 
HETATM 1044 O  O   . HOH G 6 .  ? 18.037  1.928   -0.510  1.00 55.59 ?  348 HOH A O   1 
HETATM 1045 O  O   . HOH G 6 .  ? 16.257  3.823   -6.645  1.00 47.67 ?  349 HOH A O   1 
HETATM 1046 O  O   . HOH G 6 .  ? -17.929 -3.138  -4.712  1.00 56.46 ?  350 HOH A O   1 
HETATM 1047 O  O   . HOH G 6 .  ? -20.116 1.105   -2.656  1.00 62.75 ?  351 HOH A O   1 
HETATM 1048 O  O   . HOH G 6 .  ? -15.879 -7.195  -0.064  1.00 58.93 ?  352 HOH A O   1 
HETATM 1049 O  O   . HOH G 6 .  ? 8.000   -4.756  14.043  1.00 57.89 ?  353 HOH A O   1 
HETATM 1050 O  O   . HOH G 6 .  ? 10.514  -0.552  13.545  1.00 64.63 ?  354 HOH A O   1 
HETATM 1051 O  O   . HOH G 6 .  ? -4.765  15.038  5.163   1.00 47.66 ?  355 HOH A O   1 
HETATM 1052 O  O   . HOH G 6 .  ? 14.409  6.457   -0.559  1.00 56.98 ?  356 HOH A O   1 
HETATM 1053 O  O   . HOH G 6 .  ? 16.020  2.786   0.808   1.00 43.23 ?  357 HOH A O   1 
HETATM 1054 O  O   . HOH G 6 .  ? 12.889  -10.579 -28.501 1.00 61.30 ?  358 HOH A O   1 
HETATM 1055 O  O   . HOH G 6 .  ? 5.832   13.962  7.477   1.00 42.64 ?  359 HOH A O   1 
HETATM 1056 O  O   . HOH G 6 .  ? 8.184   14.529  -2.024  1.00 67.42 ?  360 HOH A O   1 
HETATM 1057 O  O   . HOH G 6 .  ? 12.269  3.430   11.859  1.00 66.95 ?  361 HOH A O   1 
HETATM 1058 O  O   . HOH G 6 .  ? 14.748  11.279  -0.016  1.00 57.97 ?  362 HOH A O   1 
HETATM 1059 O  O   . HOH G 6 .  ? 16.696  7.472   5.052   1.00 58.37 ?  363 HOH A O   1 
HETATM 1060 O  O   . HOH G 6 .  ? 15.150  13.895  -2.090  1.00 57.62 ?  364 HOH A O   1 
HETATM 1061 O  O   . HOH H 6 .  ? -15.849 -5.945  5.015   1.00 48.72 ?  201 HOH B O   1 
HETATM 1062 O  O   . HOH H 6 .  ? -11.248 -7.849  -1.165  1.00 42.30 ?  202 HOH B O   1 
HETATM 1063 O  O   . HOH H 6 .  ? -14.028 -5.823  -1.251  1.00 43.19 ?  203 HOH B O   1 
HETATM 1064 O  O   . HOH H 6 .  ? -9.593  -9.727  -1.452  1.00 38.39 ?  204 HOH B O   1 
HETATM 1065 O  O   . HOH H 6 .  ? -4.680  -6.838  3.573   1.00 26.95 ?  205 HOH B O   1 
HETATM 1066 O  O   . HOH H 6 .  ? -4.961  -7.590  -13.484 1.00 32.88 ?  206 HOH B O   1 
HETATM 1067 O  O   . HOH H 6 .  ? -14.157 -4.040  -4.218  1.00 42.57 ?  207 HOH B O   1 
HETATM 1068 O  O   . HOH H 6 .  ? -6.746  -10.496 -7.066  1.00 44.79 ?  208 HOH B O   1 
HETATM 1069 O  O   . HOH H 6 .  ? -1.282  -6.485  -13.837 1.00 47.55 ?  209 HOH B O   1 
HETATM 1070 O  O   . HOH H 6 .  ? -10.223 -12.263 -0.251  1.00 55.36 ?  210 HOH B O   1 
HETATM 1071 O  O   . HOH H 6 .  ? 1.004   -9.948  -0.685  1.00 41.48 ?  211 HOH B O   1 
HETATM 1072 O  O   . HOH H 6 .  ? -7.151  -13.359 -1.225  1.00 49.84 ?  212 HOH B O   1 
HETATM 1073 O  O   . HOH H 6 .  ? -13.755 -9.091  -0.385  1.00 51.02 ?  213 HOH B O   1 
# 
loop_
_pdbx_poly_seq_scheme.asym_id 
_pdbx_poly_seq_scheme.entity_id 
_pdbx_poly_seq_scheme.seq_id 
_pdbx_poly_seq_scheme.mon_id 
_pdbx_poly_seq_scheme.ndb_seq_num 
_pdbx_poly_seq_scheme.pdb_seq_num 
_pdbx_poly_seq_scheme.auth_seq_num 
_pdbx_poly_seq_scheme.pdb_mon_id 
_pdbx_poly_seq_scheme.auth_mon_id 
_pdbx_poly_seq_scheme.pdb_strand_id 
_pdbx_poly_seq_scheme.pdb_ins_code 
_pdbx_poly_seq_scheme.hetero 
A 1 1  SER 1  17  17  SER SER A . n 
A 1 2  GLN 2  18  18  GLN GLN A . n 
A 1 3  ILE 3  19  19  ILE ILE A . n 
A 1 4  PRO 4  20  20  PRO PRO A . n 
A 1 5  ALA 5  21  21  ALA ALA A . n 
A 1 6  SER 6  22  22  SER SER A . n 
A 1 7  GLU 7  23  23  GLU GLU A . n 
A 1 8  GLN 8  24  24  GLN GLN A . n 
A 1 9  GLU 9  25  25  GLU GLU A . n 
A 1 10 THR 10 26  26  THR THR A . n 
A 1 11 LEU 11 27  27  LEU LEU A . n 
A 1 12 VAL 12 28  28  VAL VAL A . n 
A 1 13 ARG 13 29  29  ARG ARG A . n 
A 1 14 PRO 14 30  30  PRO PRO A . n 
A 1 15 LYS 15 31  31  LYS LYS A . n 
A 1 16 PRO 16 32  32  PRO PRO A . n 
A 1 17 LEU 17 33  33  LEU LEU A . n 
A 1 18 LEU 18 34  34  LEU LEU A . n 
A 1 19 LEU 19 35  35  LEU LEU A . n 
A 1 20 LYS 20 36  36  LYS LYS A . n 
A 1 21 LEU 21 37  37  LEU LEU A . n 
A 1 22 LEU 22 38  38  LEU LEU A . n 
A 1 23 LYS 23 39  39  LYS LYS A . n 
A 1 24 SER 24 40  40  SER SER A . n 
A 1 25 VAL 25 41  41  VAL VAL A . n 
A 1 26 GLY 26 42  42  GLY GLY A . n 
A 1 27 ALA 27 43  43  ALA ALA A . n 
A 1 28 GLN 28 44  44  GLN GLN A . n 
A 1 29 LYS 29 45  45  LYS LYS A . n 
A 1 30 ASP 30 46  46  ASP ASP A . n 
A 1 31 THR 31 47  47  THR THR A . n 
A 1 32 TYR 32 48  48  TYR TYR A . n 
A 1 33 THR 33 49  49  THR THR A . n 
A 1 34 MET 34 50  50  MET MET A . n 
A 1 35 LYS 35 51  51  LYS LYS A . n 
A 1 36 GLU 36 52  52  GLU GLU A . n 
A 1 37 VAL 37 53  53  VAL VAL A . n 
A 1 38 LEU 38 54  54  LEU LEU A . n 
A 1 39 PHE 39 55  55  PHE PHE A . n 
A 1 40 TYR 40 56  56  TYR TYR A . n 
A 1 41 LEU 41 57  57  LEU LEU A . n 
A 1 42 GLY 42 58  58  GLY GLY A . n 
A 1 43 GLN 43 59  59  GLN GLN A . n 
A 1 44 TYR 44 60  60  TYR TYR A . n 
A 1 45 ILE 45 61  61  ILE ILE A . n 
A 1 46 MET 46 62  62  MET MET A . n 
A 1 47 THR 47 63  63  THR THR A . n 
A 1 48 LYS 48 64  64  LYS LYS A . n 
A 1 49 ARG 49 65  65  ARG ARG A . n 
A 1 50 LEU 50 66  66  LEU LEU A . n 
A 1 51 TYR 51 67  67  TYR TYR A . n 
A 1 52 ASP 52 68  68  ASP ASP A . n 
A 1 53 GLU 53 69  69  GLU GLU A . n 
A 1 54 LYS 54 70  70  LYS LYS A . n 
A 1 55 GLN 55 71  71  GLN GLN A . n 
A 1 56 GLN 56 72  72  GLN GLN A . n 
A 1 57 HIS 57 73  73  HIS HIS A . n 
A 1 58 ILE 58 74  74  ILE ILE A . n 
A 1 59 VAL 59 75  75  VAL VAL A . n 
A 1 60 TYR 60 76  76  TYR TYR A . n 
A 1 61 CYS 61 77  77  CYS CYS A . n 
A 1 62 SER 62 78  78  SER SER A . n 
A 1 63 ASN 63 79  79  ASN ASN A . n 
A 1 64 ASP 64 80  80  ASP ASP A . n 
A 1 65 LEU 65 81  81  LEU LEU A . n 
A 1 66 LEU 66 82  82  LEU LEU A . n 
A 1 67 GLY 67 83  83  GLY GLY A . n 
A 1 68 ASP 68 84  84  ASP ASP A . n 
A 1 69 LEU 69 85  85  LEU LEU A . n 
A 1 70 PHE 70 86  86  PHE PHE A . n 
A 1 71 GLY 71 87  87  GLY GLY A . n 
A 1 72 VAL 72 88  88  VAL VAL A . n 
A 1 73 PRO 73 89  89  PRO PRO A . n 
A 1 74 SER 74 90  90  SER SER A . n 
A 1 75 PHE 75 91  91  PHE PHE A . n 
A 1 76 SER 76 92  92  SER SER A . n 
A 1 77 VAL 77 93  93  VAL VAL A . n 
A 1 78 LYS 78 94  94  LYS LYS A . n 
A 1 79 GLU 79 95  95  GLU GLU A . n 
A 1 80 HIS 80 96  96  HIS HIS A . n 
A 1 81 ARG 81 97  97  ARG ARG A . n 
A 1 82 LYS 82 98  98  LYS LYS A . n 
A 1 83 ILE 83 99  99  ILE ILE A . n 
A 1 84 TYR 84 100 100 TYR TYR A . n 
A 1 85 THR 85 101 101 THR THR A . n 
A 1 86 MET 86 102 102 MET MET A . n 
A 1 87 ILE 87 103 103 ILE ILE A . n 
A 1 88 TYR 88 104 104 TYR TYR A . n 
A 1 89 ARG 89 105 105 ARG ARG A . n 
A 1 90 ASN 90 106 106 ASN ASN A . n 
A 1 91 LEU 91 107 107 LEU LEU A . n 
A 1 92 VAL 92 108 108 VAL VAL A . n 
A 1 93 VAL 93 109 109 VAL VAL A . n 
A 1 94 VAL 94 110 110 VAL VAL A . n 
A 1 95 ASN 95 111 111 ASN ASN A . n 
B 2 1  ACE 1  0   ?   ?   ?   B . n 
B 2 2  DAS 2  1   ?   ?   ?   B . n 
B 2 3  DPR 3  2   2   DPR DPR B . n 
B 2 4  DAL 4  3   3   DAL DAL B . n 
B 2 5  DTR 5  4   4   DTR DTR B . n 
B 2 6  DTY 6  5   5   DTY DTY B . n 
B 2 7  DGL 7  6   6   DGL DGL B . n 
B 2 8  DCY 8  7   7   DCY DCY B . n 
B 2 9  DNE 9  8   8   DNE DNE B . n 
B 2 10 DGL 10 9   9   DGL DGL B . n 
B 2 11 DAL 11 10  10  DAL DAL B . n 
B 2 12 DAL 12 11  11  DAL DAL B . n 
B 2 13 DNE 13 12  12  DNE DNE B . n 
B 2 14 DNE 14 13  13  DNE DNE B . n 
B 2 15 DCY 15 14  14  DCY DCY B . n 
B 2 16 DGN 16 15  15  DGN DGN B . n 
B 2 17 DGN 17 16  16  DGN DGN B . n 
B 2 18 DVA 18 17  17  DVA DVA B . n 
B 2 19 NH2 19 18  ?   ?   ?   B . n 
# 
_pdbx_contact_author.id                 2 
_pdbx_contact_author.email              jmcgee@fogpharma.com 
_pdbx_contact_author.name_first         John 
_pdbx_contact_author.name_last          McGee 
_pdbx_contact_author.name_mi            H 
_pdbx_contact_author.role               'principal investigator/group leader' 
_pdbx_contact_author.identifier_ORCID   0000-0002-3440-5247 
# 
loop_
_pdbx_nonpoly_scheme.asym_id 
_pdbx_nonpoly_scheme.entity_id 
_pdbx_nonpoly_scheme.mon_id 
_pdbx_nonpoly_scheme.ndb_seq_num 
_pdbx_nonpoly_scheme.pdb_seq_num 
_pdbx_nonpoly_scheme.auth_seq_num 
_pdbx_nonpoly_scheme.pdb_mon_id 
_pdbx_nonpoly_scheme.auth_mon_id 
_pdbx_nonpoly_scheme.pdb_strand_id 
_pdbx_nonpoly_scheme.pdb_ins_code 
C 3 SO4 1  201 1   SO4 SO4 A . 
D 3 SO4 1  202 2   SO4 SO4 A . 
E 4 CL  1  203 1   CL  CL  A . 
F 5 WHL 1  101 101 WHL WHL B . 
G 6 HOH 1  301 78  HOH HOH A . 
G 6 HOH 2  302 20  HOH HOH A . 
G 6 HOH 3  303 81  HOH HOH A . 
G 6 HOH 4  304 50  HOH HOH A . 
G 6 HOH 5  305 39  HOH HOH A . 
G 6 HOH 6  306 55  HOH HOH A . 
G 6 HOH 7  307 52  HOH HOH A . 
G 6 HOH 8  308 8   HOH HOH A . 
G 6 HOH 9  309 12  HOH HOH A . 
G 6 HOH 10 310 58  HOH HOH A . 
G 6 HOH 11 311 41  HOH HOH A . 
G 6 HOH 12 312 24  HOH HOH A . 
G 6 HOH 13 313 14  HOH HOH A . 
G 6 HOH 14 314 67  HOH HOH A . 
G 6 HOH 15 315 64  HOH HOH A . 
G 6 HOH 16 316 77  HOH HOH A . 
G 6 HOH 17 317 107 HOH HOH A . 
G 6 HOH 18 318 4   HOH HOH A . 
G 6 HOH 19 319 28  HOH HOH A . 
G 6 HOH 20 320 19  HOH HOH A . 
G 6 HOH 21 321 1   HOH HOH A . 
G 6 HOH 22 322 13  HOH HOH A . 
G 6 HOH 23 323 17  HOH HOH A . 
G 6 HOH 24 324 32  HOH HOH A . 
G 6 HOH 25 325 35  HOH HOH A . 
G 6 HOH 26 326 88  HOH HOH A . 
G 6 HOH 27 327 34  HOH HOH A . 
G 6 HOH 28 328 6   HOH HOH A . 
G 6 HOH 29 329 30  HOH HOH A . 
G 6 HOH 30 330 33  HOH HOH A . 
G 6 HOH 31 331 7   HOH HOH A . 
G 6 HOH 32 332 18  HOH HOH A . 
G 6 HOH 33 333 10  HOH HOH A . 
G 6 HOH 34 334 21  HOH HOH A . 
G 6 HOH 35 335 47  HOH HOH A . 
G 6 HOH 36 336 25  HOH HOH A . 
G 6 HOH 37 337 92  HOH HOH A . 
G 6 HOH 38 338 116 HOH HOH A . 
G 6 HOH 39 339 22  HOH HOH A . 
G 6 HOH 40 340 23  HOH HOH A . 
G 6 HOH 41 341 9   HOH HOH A . 
G 6 HOH 42 342 3   HOH HOH A . 
G 6 HOH 43 343 61  HOH HOH A . 
G 6 HOH 44 344 53  HOH HOH A . 
G 6 HOH 45 345 49  HOH HOH A . 
G 6 HOH 46 346 114 HOH HOH A . 
G 6 HOH 47 347 74  HOH HOH A . 
G 6 HOH 48 348 42  HOH HOH A . 
G 6 HOH 49 349 44  HOH HOH A . 
G 6 HOH 50 350 94  HOH HOH A . 
G 6 HOH 51 351 93  HOH HOH A . 
G 6 HOH 52 352 70  HOH HOH A . 
G 6 HOH 53 353 115 HOH HOH A . 
G 6 HOH 54 354 66  HOH HOH A . 
G 6 HOH 55 355 112 HOH HOH A . 
G 6 HOH 56 356 89  HOH HOH A . 
G 6 HOH 57 357 26  HOH HOH A . 
G 6 HOH 58 358 69  HOH HOH A . 
G 6 HOH 59 359 86  HOH HOH A . 
G 6 HOH 60 360 97  HOH HOH A . 
G 6 HOH 61 361 37  HOH HOH A . 
G 6 HOH 62 362 113 HOH HOH A . 
G 6 HOH 63 363 72  HOH HOH A . 
G 6 HOH 64 364 95  HOH HOH A . 
H 6 HOH 1  201 100 HOH HOH B . 
H 6 HOH 2  202 31  HOH HOH B . 
H 6 HOH 3  203 48  HOH HOH B . 
H 6 HOH 4  204 43  HOH HOH B . 
H 6 HOH 5  205 76  HOH HOH B . 
H 6 HOH 6  206 15  HOH HOH B . 
H 6 HOH 7  207 36  HOH HOH B . 
H 6 HOH 8  208 87  HOH HOH B . 
H 6 HOH 9  209 59  HOH HOH B . 
H 6 HOH 10 210 101 HOH HOH B . 
H 6 HOH 11 211 83  HOH HOH B . 
H 6 HOH 12 212 85  HOH HOH B . 
H 6 HOH 13 213 71  HOH HOH B . 
# 
_pdbx_struct_assembly.id                   1 
_pdbx_struct_assembly.details              author_and_software_defined_assembly 
_pdbx_struct_assembly.method_details       PISA 
_pdbx_struct_assembly.oligomeric_details   dimeric 
_pdbx_struct_assembly.oligomeric_count     2 
# 
_pdbx_struct_assembly_gen.assembly_id       1 
_pdbx_struct_assembly_gen.oper_expression   1 
_pdbx_struct_assembly_gen.asym_id_list      A,B,C,D,E,F,G,H 
# 
loop_
_pdbx_struct_assembly_prop.biol_id 
_pdbx_struct_assembly_prop.type 
_pdbx_struct_assembly_prop.value 
_pdbx_struct_assembly_prop.details 
1 'ABSA (A^2)' 1980 ? 
1 MORE         -44  ? 
1 'SSA (A^2)'  6870 ? 
# 
_pdbx_struct_oper_list.id                   1 
_pdbx_struct_oper_list.type                 'identity operation' 
_pdbx_struct_oper_list.name                 1_555 
_pdbx_struct_oper_list.symmetry_operation   x,y,z 
_pdbx_struct_oper_list.matrix[1][1]         1.0000000000 
_pdbx_struct_oper_list.matrix[1][2]         0.0000000000 
_pdbx_struct_oper_list.matrix[1][3]         0.0000000000 
_pdbx_struct_oper_list.vector[1]            0.0000000000 
_pdbx_struct_oper_list.matrix[2][1]         0.0000000000 
_pdbx_struct_oper_list.matrix[2][2]         1.0000000000 
_pdbx_struct_oper_list.matrix[2][3]         0.0000000000 
_pdbx_struct_oper_list.vector[2]            0.0000000000 
_pdbx_struct_oper_list.matrix[3][1]         0.0000000000 
_pdbx_struct_oper_list.matrix[3][2]         0.0000000000 
_pdbx_struct_oper_list.matrix[3][3]         1.0000000000 
_pdbx_struct_oper_list.vector[3]            0.0000000000 
# 
loop_
_pdbx_audit_revision_history.ordinal 
_pdbx_audit_revision_history.data_content_type 
_pdbx_audit_revision_history.major_revision 
_pdbx_audit_revision_history.minor_revision 
_pdbx_audit_revision_history.revision_date 
1 'Structure model' 1 0 2023-02-15 
2 'Structure model' 1 1 2023-10-25 
3 'Structure model' 1 2 2023-11-15 
# 
_pdbx_audit_revision_details.ordinal             1 
_pdbx_audit_revision_details.revision_ordinal    1 
_pdbx_audit_revision_details.data_content_type   'Structure model' 
_pdbx_audit_revision_details.provider            repository 
_pdbx_audit_revision_details.type                'Initial release' 
_pdbx_audit_revision_details.description         ? 
_pdbx_audit_revision_details.details             ? 
# 
loop_
_pdbx_audit_revision_group.ordinal 
_pdbx_audit_revision_group.revision_ordinal 
_pdbx_audit_revision_group.data_content_type 
_pdbx_audit_revision_group.group 
1 2 'Structure model' 'Data collection'        
2 2 'Structure model' 'Refinement description' 
3 3 'Structure model' 'Data collection'        
# 
loop_
_pdbx_audit_revision_category.ordinal 
_pdbx_audit_revision_category.revision_ordinal 
_pdbx_audit_revision_category.data_content_type 
_pdbx_audit_revision_category.category 
1 2 'Structure model' chem_comp_atom                
2 2 'Structure model' chem_comp_bond                
3 2 'Structure model' pdbx_initial_refinement_model 
4 3 'Structure model' chem_comp_atom                
5 3 'Structure model' chem_comp_bond                
# 
loop_
_pdbx_audit_revision_item.ordinal 
_pdbx_audit_revision_item.revision_ordinal 
_pdbx_audit_revision_item.data_content_type 
_pdbx_audit_revision_item.item 
1 3 'Structure model' '_chem_comp_atom.atom_id'   
2 3 'Structure model' '_chem_comp_bond.atom_id_2' 
# 
loop_
_software.citation_id 
_software.classification 
_software.compiler_name 
_software.compiler_version 
_software.contact_author 
_software.contact_author_email 
_software.date 
_software.description 
_software.dependencies 
_software.hardware 
_software.language 
_software.location 
_software.mods 
_software.name 
_software.os 
_software.os_version 
_software.type 
_software.version 
_software.pdbx_ordinal 
? refinement        ? ? ? ? ? ? ? ? ? ? ? PHENIX      ? ? ? 1.18.2_3874 1 
? 'data extraction' ? ? ? ? ? ? ? ? ? ? ? PDB_EXTRACT ? ? ? 3.27        2 
? 'data reduction'  ? ? ? ? ? ? ? ? ? ? ? XDS         ? ? ? .           3 
? 'data scaling'    ? ? ? ? ? ? ? ? ? ? ? Aimless     ? ? ? .           4 
? phasing           ? ? ? ? ? ? ? ? ? ? ? PHASER      ? ? ? .           5 
# 
_pdbx_entry_details.entry_id                 8F12 
_pdbx_entry_details.has_ligand_of_interest   N 
_pdbx_entry_details.compound_details         ? 
_pdbx_entry_details.source_details           ? 
_pdbx_entry_details.nonpolymer_details       ? 
_pdbx_entry_details.sequence_details         ? 
# 
_pdbx_validate_torsion.id              1 
_pdbx_validate_torsion.PDB_model_num   1 
_pdbx_validate_torsion.auth_comp_id    CYS 
_pdbx_validate_torsion.auth_asym_id    A 
_pdbx_validate_torsion.auth_seq_id     77 
_pdbx_validate_torsion.PDB_ins_code    ? 
_pdbx_validate_torsion.label_alt_id    ? 
_pdbx_validate_torsion.phi             -146.48 
_pdbx_validate_torsion.psi             16.18 
# 
_pdbx_distant_solvent_atoms.id                                1 
_pdbx_distant_solvent_atoms.PDB_model_num                     1 
_pdbx_distant_solvent_atoms.auth_atom_id                      O 
_pdbx_distant_solvent_atoms.label_alt_id                      ? 
_pdbx_distant_solvent_atoms.auth_asym_id                      A 
_pdbx_distant_solvent_atoms.auth_comp_id                      HOH 
_pdbx_distant_solvent_atoms.auth_seq_id                       364 
_pdbx_distant_solvent_atoms.PDB_ins_code                      ? 
_pdbx_distant_solvent_atoms.neighbor_macromolecule_distance   7.72 
_pdbx_distant_solvent_atoms.neighbor_ligand_distance          . 
# 
loop_
_pdbx_unobs_or_zero_occ_residues.id 
_pdbx_unobs_or_zero_occ_residues.PDB_model_num 
_pdbx_unobs_or_zero_occ_residues.polymer_flag 
_pdbx_unobs_or_zero_occ_residues.occupancy_flag 
_pdbx_unobs_or_zero_occ_residues.auth_asym_id 
_pdbx_unobs_or_zero_occ_residues.auth_comp_id 
_pdbx_unobs_or_zero_occ_residues.auth_seq_id 
_pdbx_unobs_or_zero_occ_residues.PDB_ins_code 
_pdbx_unobs_or_zero_occ_residues.label_asym_id 
_pdbx_unobs_or_zero_occ_residues.label_comp_id 
_pdbx_unobs_or_zero_occ_residues.label_seq_id 
1 1 Y 1 B ACE 0  ? B ACE 1  
2 1 Y 1 B DAS 1  ? B DAS 2  
3 1 Y 1 B NH2 18 ? B NH2 19 
# 
loop_
_chem_comp_atom.comp_id 
_chem_comp_atom.atom_id 
_chem_comp_atom.type_symbol 
_chem_comp_atom.pdbx_aromatic_flag 
_chem_comp_atom.pdbx_stereo_config 
_chem_comp_atom.pdbx_ordinal 
ACE C    C  N N 1   
ACE O    O  N N 2   
ACE CH3  C  N N 3   
ACE H    H  N N 4   
ACE H1   H  N N 5   
ACE H2   H  N N 6   
ACE H3   H  N N 7   
ALA N    N  N N 8   
ALA CA   C  N S 9   
ALA C    C  N N 10  
ALA O    O  N N 11  
ALA CB   C  N N 12  
ALA OXT  O  N N 13  
ALA H    H  N N 14  
ALA H2   H  N N 15  
ALA HA   H  N N 16  
ALA HB1  H  N N 17  
ALA HB2  H  N N 18  
ALA HB3  H  N N 19  
ALA HXT  H  N N 20  
ARG N    N  N N 21  
ARG CA   C  N S 22  
ARG C    C  N N 23  
ARG O    O  N N 24  
ARG CB   C  N N 25  
ARG CG   C  N N 26  
ARG CD   C  N N 27  
ARG NE   N  N N 28  
ARG CZ   C  N N 29  
ARG NH1  N  N N 30  
ARG NH2  N  N N 31  
ARG OXT  O  N N 32  
ARG H    H  N N 33  
ARG H2   H  N N 34  
ARG HA   H  N N 35  
ARG HB2  H  N N 36  
ARG HB3  H  N N 37  
ARG HG2  H  N N 38  
ARG HG3  H  N N 39  
ARG HD2  H  N N 40  
ARG HD3  H  N N 41  
ARG HE   H  N N 42  
ARG HH11 H  N N 43  
ARG HH12 H  N N 44  
ARG HH21 H  N N 45  
ARG HH22 H  N N 46  
ARG HXT  H  N N 47  
ASN N    N  N N 48  
ASN CA   C  N S 49  
ASN C    C  N N 50  
ASN O    O  N N 51  
ASN CB   C  N N 52  
ASN CG   C  N N 53  
ASN OD1  O  N N 54  
ASN ND2  N  N N 55  
ASN OXT  O  N N 56  
ASN H    H  N N 57  
ASN H2   H  N N 58  
ASN HA   H  N N 59  
ASN HB2  H  N N 60  
ASN HB3  H  N N 61  
ASN HD21 H  N N 62  
ASN HD22 H  N N 63  
ASN HXT  H  N N 64  
ASP N    N  N N 65  
ASP CA   C  N S 66  
ASP C    C  N N 67  
ASP O    O  N N 68  
ASP CB   C  N N 69  
ASP CG   C  N N 70  
ASP OD1  O  N N 71  
ASP OD2  O  N N 72  
ASP OXT  O  N N 73  
ASP H    H  N N 74  
ASP H2   H  N N 75  
ASP HA   H  N N 76  
ASP HB2  H  N N 77  
ASP HB3  H  N N 78  
ASP HD2  H  N N 79  
ASP HXT  H  N N 80  
CL  CL   CL N N 81  
CYS N    N  N N 82  
CYS CA   C  N R 83  
CYS C    C  N N 84  
CYS O    O  N N 85  
CYS CB   C  N N 86  
CYS SG   S  N N 87  
CYS OXT  O  N N 88  
CYS H    H  N N 89  
CYS H2   H  N N 90  
CYS HA   H  N N 91  
CYS HB2  H  N N 92  
CYS HB3  H  N N 93  
CYS HG   H  N N 94  
CYS HXT  H  N N 95  
DAL N    N  N N 96  
DAL CA   C  N R 97  
DAL CB   C  N N 98  
DAL C    C  N N 99  
DAL O    O  N N 100 
DAL OXT  O  N N 101 
DAL H    H  N N 102 
DAL H2   H  N N 103 
DAL HA   H  N N 104 
DAL HB1  H  N N 105 
DAL HB2  H  N N 106 
DAL HB3  H  N N 107 
DAL HXT  H  N N 108 
DAS N    N  N N 109 
DAS CA   C  N R 110 
DAS C    C  N N 111 
DAS O    O  N N 112 
DAS CB   C  N N 113 
DAS CG   C  N N 114 
DAS OD1  O  N N 115 
DAS OD2  O  N N 116 
DAS OXT  O  N N 117 
DAS H    H  N N 118 
DAS H2   H  N N 119 
DAS HA   H  N N 120 
DAS HB2  H  N N 121 
DAS HB3  H  N N 122 
DAS HD2  H  N N 123 
DAS HXT  H  N N 124 
DCY N    N  N N 125 
DCY CA   C  N S 126 
DCY C    C  N N 127 
DCY O    O  N N 128 
DCY CB   C  N N 129 
DCY SG   S  N N 130 
DCY OXT  O  N N 131 
DCY H    H  N N 132 
DCY H2   H  N N 133 
DCY HA   H  N N 134 
DCY HB2  H  N N 135 
DCY HB3  H  N N 136 
DCY HG   H  N N 137 
DCY HXT  H  N N 138 
DGL N    N  N N 139 
DGL CA   C  N R 140 
DGL C    C  N N 141 
DGL O    O  N N 142 
DGL CB   C  N N 143 
DGL CG   C  N N 144 
DGL CD   C  N N 145 
DGL OE1  O  N N 146 
DGL OE2  O  N N 147 
DGL OXT  O  N N 148 
DGL H    H  N N 149 
DGL H2   H  N N 150 
DGL HA   H  N N 151 
DGL HB2  H  N N 152 
DGL HB3  H  N N 153 
DGL HG2  H  N N 154 
DGL HG3  H  N N 155 
DGL HE2  H  N N 156 
DGL HXT  H  N N 157 
DGN N    N  N N 158 
DGN CA   C  N R 159 
DGN C    C  N N 160 
DGN O    O  N N 161 
DGN OXT  O  N N 162 
DGN CB   C  N N 163 
DGN CG   C  N N 164 
DGN CD   C  N N 165 
DGN OE1  O  N N 166 
DGN NE2  N  N N 167 
DGN H    H  N N 168 
DGN H2   H  N N 169 
DGN HA   H  N N 170 
DGN HXT  H  N N 171 
DGN HB2  H  N N 172 
DGN HB3  H  N N 173 
DGN HG2  H  N N 174 
DGN HG3  H  N N 175 
DGN HE21 H  N N 176 
DGN HE22 H  N N 177 
DNE N    N  N N 178 
DNE CA   C  N R 179 
DNE C    C  N N 180 
DNE O    O  N N 181 
DNE CB   C  N N 182 
DNE CG   C  N N 183 
DNE CD   C  N N 184 
DNE CE   C  N N 185 
DNE OXT  O  N N 186 
DNE H    H  N N 187 
DNE H2   H  N N 188 
DNE HA   H  N N 189 
DNE HB2  H  N N 190 
DNE HB3  H  N N 191 
DNE HG2  H  N N 192 
DNE HG3  H  N N 193 
DNE HD2  H  N N 194 
DNE HD3  H  N N 195 
DNE HE1  H  N N 196 
DNE HE2  H  N N 197 
DNE HE3  H  N N 198 
DNE HXT  H  N N 199 
DPR N    N  N N 200 
DPR CA   C  N R 201 
DPR CB   C  N N 202 
DPR CG   C  N N 203 
DPR CD   C  N N 204 
DPR C    C  N N 205 
DPR O    O  N N 206 
DPR OXT  O  N N 207 
DPR H    H  N N 208 
DPR HA   H  N N 209 
DPR HB2  H  N N 210 
DPR HB3  H  N N 211 
DPR HG2  H  N N 212 
DPR HG3  H  N N 213 
DPR HD2  H  N N 214 
DPR HD3  H  N N 215 
DPR HXT  H  N N 216 
DTR N    N  N N 217 
DTR CA   C  N R 218 
DTR CB   C  N N 219 
DTR CG   C  Y N 220 
DTR CD1  C  Y N 221 
DTR NE1  N  Y N 222 
DTR CE2  C  Y N 223 
DTR CZ2  C  Y N 224 
DTR CH2  C  Y N 225 
DTR CZ3  C  Y N 226 
DTR CE3  C  Y N 227 
DTR CD2  C  Y N 228 
DTR C    C  N N 229 
DTR O    O  N N 230 
DTR OXT  O  N N 231 
DTR H    H  N N 232 
DTR H2   H  N N 233 
DTR HA   H  N N 234 
DTR HB2  H  N N 235 
DTR HB3  H  N N 236 
DTR HD1  H  N N 237 
DTR HE1  H  N N 238 
DTR HZ2  H  N N 239 
DTR HH2  H  N N 240 
DTR HZ3  H  N N 241 
DTR HE3  H  N N 242 
DTR HXT  H  N N 243 
DTY N    N  N N 244 
DTY CA   C  N R 245 
DTY C    C  N N 246 
DTY O    O  N N 247 
DTY CB   C  N N 248 
DTY CG   C  Y N 249 
DTY CD1  C  Y N 250 
DTY CD2  C  Y N 251 
DTY CE1  C  Y N 252 
DTY CE2  C  Y N 253 
DTY CZ   C  Y N 254 
DTY OH   O  N N 255 
DTY OXT  O  N N 256 
DTY H    H  N N 257 
DTY H2   H  N N 258 
DTY HA   H  N N 259 
DTY HB2  H  N N 260 
DTY HB3  H  N N 261 
DTY HD1  H  N N 262 
DTY HD2  H  N N 263 
DTY HE1  H  N N 264 
DTY HE2  H  N N 265 
DTY HH   H  N N 266 
DTY HXT  H  N N 267 
DVA N    N  N N 268 
DVA CA   C  N R 269 
DVA CB   C  N N 270 
DVA CG1  C  N N 271 
DVA CG2  C  N N 272 
DVA C    C  N N 273 
DVA O    O  N N 274 
DVA OXT  O  N N 275 
DVA H    H  N N 276 
DVA H2   H  N N 277 
DVA HA   H  N N 278 
DVA HB   H  N N 279 
DVA HG11 H  N N 280 
DVA HG12 H  N N 281 
DVA HG13 H  N N 282 
DVA HG21 H  N N 283 
DVA HG22 H  N N 284 
DVA HG23 H  N N 285 
DVA HXT  H  N N 286 
GLN N    N  N N 287 
GLN CA   C  N S 288 
GLN C    C  N N 289 
GLN O    O  N N 290 
GLN CB   C  N N 291 
GLN CG   C  N N 292 
GLN CD   C  N N 293 
GLN OE1  O  N N 294 
GLN NE2  N  N N 295 
GLN OXT  O  N N 296 
GLN H    H  N N 297 
GLN H2   H  N N 298 
GLN HA   H  N N 299 
GLN HB2  H  N N 300 
GLN HB3  H  N N 301 
GLN HG2  H  N N 302 
GLN HG3  H  N N 303 
GLN HE21 H  N N 304 
GLN HE22 H  N N 305 
GLN HXT  H  N N 306 
GLU N    N  N N 307 
GLU CA   C  N S 308 
GLU C    C  N N 309 
GLU O    O  N N 310 
GLU CB   C  N N 311 
GLU CG   C  N N 312 
GLU CD   C  N N 313 
GLU OE1  O  N N 314 
GLU OE2  O  N N 315 
GLU OXT  O  N N 316 
GLU H    H  N N 317 
GLU H2   H  N N 318 
GLU HA   H  N N 319 
GLU HB2  H  N N 320 
GLU HB3  H  N N 321 
GLU HG2  H  N N 322 
GLU HG3  H  N N 323 
GLU HE2  H  N N 324 
GLU HXT  H  N N 325 
GLY N    N  N N 326 
GLY CA   C  N N 327 
GLY C    C  N N 328 
GLY O    O  N N 329 
GLY OXT  O  N N 330 
GLY H    H  N N 331 
GLY H2   H  N N 332 
GLY HA2  H  N N 333 
GLY HA3  H  N N 334 
GLY HXT  H  N N 335 
HIS N    N  N N 336 
HIS CA   C  N S 337 
HIS C    C  N N 338 
HIS O    O  N N 339 
HIS CB   C  N N 340 
HIS CG   C  Y N 341 
HIS ND1  N  Y N 342 
HIS CD2  C  Y N 343 
HIS CE1  C  Y N 344 
HIS NE2  N  Y N 345 
HIS OXT  O  N N 346 
HIS H    H  N N 347 
HIS H2   H  N N 348 
HIS HA   H  N N 349 
HIS HB2  H  N N 350 
HIS HB3  H  N N 351 
HIS HD1  H  N N 352 
HIS HD2  H  N N 353 
HIS HE1  H  N N 354 
HIS HE2  H  N N 355 
HIS HXT  H  N N 356 
HOH O    O  N N 357 
HOH H1   H  N N 358 
HOH H2   H  N N 359 
ILE N    N  N N 360 
ILE CA   C  N S 361 
ILE C    C  N N 362 
ILE O    O  N N 363 
ILE CB   C  N S 364 
ILE CG1  C  N N 365 
ILE CG2  C  N N 366 
ILE CD1  C  N N 367 
ILE OXT  O  N N 368 
ILE H    H  N N 369 
ILE H2   H  N N 370 
ILE HA   H  N N 371 
ILE HB   H  N N 372 
ILE HG12 H  N N 373 
ILE HG13 H  N N 374 
ILE HG21 H  N N 375 
ILE HG22 H  N N 376 
ILE HG23 H  N N 377 
ILE HD11 H  N N 378 
ILE HD12 H  N N 379 
ILE HD13 H  N N 380 
ILE HXT  H  N N 381 
LEU N    N  N N 382 
LEU CA   C  N S 383 
LEU C    C  N N 384 
LEU O    O  N N 385 
LEU CB   C  N N 386 
LEU CG   C  N N 387 
LEU CD1  C  N N 388 
LEU CD2  C  N N 389 
LEU OXT  O  N N 390 
LEU H    H  N N 391 
LEU H2   H  N N 392 
LEU HA   H  N N 393 
LEU HB2  H  N N 394 
LEU HB3  H  N N 395 
LEU HG   H  N N 396 
LEU HD11 H  N N 397 
LEU HD12 H  N N 398 
LEU HD13 H  N N 399 
LEU HD21 H  N N 400 
LEU HD22 H  N N 401 
LEU HD23 H  N N 402 
LEU HXT  H  N N 403 
LYS N    N  N N 404 
LYS CA   C  N S 405 
LYS C    C  N N 406 
LYS O    O  N N 407 
LYS CB   C  N N 408 
LYS CG   C  N N 409 
LYS CD   C  N N 410 
LYS CE   C  N N 411 
LYS NZ   N  N N 412 
LYS OXT  O  N N 413 
LYS H    H  N N 414 
LYS H2   H  N N 415 
LYS HA   H  N N 416 
LYS HB2  H  N N 417 
LYS HB3  H  N N 418 
LYS HG2  H  N N 419 
LYS HG3  H  N N 420 
LYS HD2  H  N N 421 
LYS HD3  H  N N 422 
LYS HE2  H  N N 423 
LYS HE3  H  N N 424 
LYS HZ1  H  N N 425 
LYS HZ2  H  N N 426 
LYS HZ3  H  N N 427 
LYS HXT  H  N N 428 
MET N    N  N N 429 
MET CA   C  N S 430 
MET C    C  N N 431 
MET O    O  N N 432 
MET CB   C  N N 433 
MET CG   C  N N 434 
MET SD   S  N N 435 
MET CE   C  N N 436 
MET OXT  O  N N 437 
MET H    H  N N 438 
MET H2   H  N N 439 
MET HA   H  N N 440 
MET HB2  H  N N 441 
MET HB3  H  N N 442 
MET HG2  H  N N 443 
MET HG3  H  N N 444 
MET HE1  H  N N 445 
MET HE2  H  N N 446 
MET HE3  H  N N 447 
MET HXT  H  N N 448 
NH2 N    N  N N 449 
NH2 HN1  H  N N 450 
NH2 HN2  H  N N 451 
PHE N    N  N N 452 
PHE CA   C  N S 453 
PHE C    C  N N 454 
PHE O    O  N N 455 
PHE CB   C  N N 456 
PHE CG   C  Y N 457 
PHE CD1  C  Y N 458 
PHE CD2  C  Y N 459 
PHE CE1  C  Y N 460 
PHE CE2  C  Y N 461 
PHE CZ   C  Y N 462 
PHE OXT  O  N N 463 
PHE H    H  N N 464 
PHE H2   H  N N 465 
PHE HA   H  N N 466 
PHE HB2  H  N N 467 
PHE HB3  H  N N 468 
PHE HD1  H  N N 469 
PHE HD2  H  N N 470 
PHE HE1  H  N N 471 
PHE HE2  H  N N 472 
PHE HZ   H  N N 473 
PHE HXT  H  N N 474 
PRO N    N  N N 475 
PRO CA   C  N S 476 
PRO C    C  N N 477 
PRO O    O  N N 478 
PRO CB   C  N N 479 
PRO CG   C  N N 480 
PRO CD   C  N N 481 
PRO OXT  O  N N 482 
PRO H    H  N N 483 
PRO HA   H  N N 484 
PRO HB2  H  N N 485 
PRO HB3  H  N N 486 
PRO HG2  H  N N 487 
PRO HG3  H  N N 488 
PRO HD2  H  N N 489 
PRO HD3  H  N N 490 
PRO HXT  H  N N 491 
SER N    N  N N 492 
SER CA   C  N S 493 
SER C    C  N N 494 
SER O    O  N N 495 
SER CB   C  N N 496 
SER OG   O  N N 497 
SER OXT  O  N N 498 
SER H    H  N N 499 
SER H2   H  N N 500 
SER HA   H  N N 501 
SER HB2  H  N N 502 
SER HB3  H  N N 503 
SER HG   H  N N 504 
SER HXT  H  N N 505 
SO4 S    S  N N 506 
SO4 O1   O  N N 507 
SO4 O2   O  N N 508 
SO4 O3   O  N N 509 
SO4 O4   O  N N 510 
THR N    N  N N 511 
THR CA   C  N S 512 
THR C    C  N N 513 
THR O    O  N N 514 
THR CB   C  N R 515 
THR OG1  O  N N 516 
THR CG2  C  N N 517 
THR OXT  O  N N 518 
THR H    H  N N 519 
THR H2   H  N N 520 
THR HA   H  N N 521 
THR HB   H  N N 522 
THR HG1  H  N N 523 
THR HG21 H  N N 524 
THR HG22 H  N N 525 
THR HG23 H  N N 526 
THR HXT  H  N N 527 
TYR N    N  N N 528 
TYR CA   C  N S 529 
TYR C    C  N N 530 
TYR O    O  N N 531 
TYR CB   C  N N 532 
TYR CG   C  Y N 533 
TYR CD1  C  Y N 534 
TYR CD2  C  Y N 535 
TYR CE1  C  Y N 536 
TYR CE2  C  Y N 537 
TYR CZ   C  Y N 538 
TYR OH   O  N N 539 
TYR OXT  O  N N 540 
TYR H    H  N N 541 
TYR H2   H  N N 542 
TYR HA   H  N N 543 
TYR HB2  H  N N 544 
TYR HB3  H  N N 545 
TYR HD1  H  N N 546 
TYR HD2  H  N N 547 
TYR HE1  H  N N 548 
TYR HE2  H  N N 549 
TYR HH   H  N N 550 
TYR HXT  H  N N 551 
VAL N    N  N N 552 
VAL CA   C  N S 553 
VAL C    C  N N 554 
VAL O    O  N N 555 
VAL CB   C  N N 556 
VAL CG1  C  N N 557 
VAL CG2  C  N N 558 
VAL OXT  O  N N 559 
VAL H    H  N N 560 
VAL H2   H  N N 561 
VAL HA   H  N N 562 
VAL HB   H  N N 563 
VAL HG11 H  N N 564 
VAL HG12 H  N N 565 
VAL HG13 H  N N 566 
VAL HG21 H  N N 567 
VAL HG22 H  N N 568 
VAL HG23 H  N N 569 
VAL HXT  H  N N 570 
WHL CA   C  Y N 571 
WHL CB   C  Y N 572 
WHL NB   N  N N 573 
WHL OB   O  N N 574 
WHL CG   C  N N 575 
WHL CD   C  Y N 576 
WHL CE   C  Y N 577 
WHL CH   C  N N 578 
WHL CC   C  Y N 579 
WHL CF   C  Y N 580 
WHL CJ   C  N N 581 
WHL CK   C  N N 582 
WHL NA   N  N N 583 
WHL OA   O  N N 584 
WHL H1   H  N N 585 
WHL H2   H  N N 586 
WHL H3   H  N N 587 
WHL H4   H  N N 588 
WHL H5   H  N N 589 
WHL H6   H  N N 590 
WHL H7   H  N N 591 
WHL H8   H  N N 592 
WHL H9   H  N N 593 
WHL H10  H  N N 594 
WHL H11  H  N N 595 
WHL H12  H  N N 596 
# 
loop_
_chem_comp_bond.comp_id 
_chem_comp_bond.atom_id_1 
_chem_comp_bond.atom_id_2 
_chem_comp_bond.value_order 
_chem_comp_bond.pdbx_aromatic_flag 
_chem_comp_bond.pdbx_stereo_config 
_chem_comp_bond.pdbx_ordinal 
ACE C   O    doub N N 1   
ACE C   CH3  sing N N 2   
ACE C   H    sing N N 3   
ACE CH3 H1   sing N N 4   
ACE CH3 H2   sing N N 5   
ACE CH3 H3   sing N N 6   
ALA N   CA   sing N N 7   
ALA N   H    sing N N 8   
ALA N   H2   sing N N 9   
ALA CA  C    sing N N 10  
ALA CA  CB   sing N N 11  
ALA CA  HA   sing N N 12  
ALA C   O    doub N N 13  
ALA C   OXT  sing N N 14  
ALA CB  HB1  sing N N 15  
ALA CB  HB2  sing N N 16  
ALA CB  HB3  sing N N 17  
ALA OXT HXT  sing N N 18  
ARG N   CA   sing N N 19  
ARG N   H    sing N N 20  
ARG N   H2   sing N N 21  
ARG CA  C    sing N N 22  
ARG CA  CB   sing N N 23  
ARG CA  HA   sing N N 24  
ARG C   O    doub N N 25  
ARG C   OXT  sing N N 26  
ARG CB  CG   sing N N 27  
ARG CB  HB2  sing N N 28  
ARG CB  HB3  sing N N 29  
ARG CG  CD   sing N N 30  
ARG CG  HG2  sing N N 31  
ARG CG  HG3  sing N N 32  
ARG CD  NE   sing N N 33  
ARG CD  HD2  sing N N 34  
ARG CD  HD3  sing N N 35  
ARG NE  CZ   sing N N 36  
ARG NE  HE   sing N N 37  
ARG CZ  NH1  sing N N 38  
ARG CZ  NH2  doub N N 39  
ARG NH1 HH11 sing N N 40  
ARG NH1 HH12 sing N N 41  
ARG NH2 HH21 sing N N 42  
ARG NH2 HH22 sing N N 43  
ARG OXT HXT  sing N N 44  
ASN N   CA   sing N N 45  
ASN N   H    sing N N 46  
ASN N   H2   sing N N 47  
ASN CA  C    sing N N 48  
ASN CA  CB   sing N N 49  
ASN CA  HA   sing N N 50  
ASN C   O    doub N N 51  
ASN C   OXT  sing N N 52  
ASN CB  CG   sing N N 53  
ASN CB  HB2  sing N N 54  
ASN CB  HB3  sing N N 55  
ASN CG  OD1  doub N N 56  
ASN CG  ND2  sing N N 57  
ASN ND2 HD21 sing N N 58  
ASN ND2 HD22 sing N N 59  
ASN OXT HXT  sing N N 60  
ASP N   CA   sing N N 61  
ASP N   H    sing N N 62  
ASP N   H2   sing N N 63  
ASP CA  C    sing N N 64  
ASP CA  CB   sing N N 65  
ASP CA  HA   sing N N 66  
ASP C   O    doub N N 67  
ASP C   OXT  sing N N 68  
ASP CB  CG   sing N N 69  
ASP CB  HB2  sing N N 70  
ASP CB  HB3  sing N N 71  
ASP CG  OD1  doub N N 72  
ASP CG  OD2  sing N N 73  
ASP OD2 HD2  sing N N 74  
ASP OXT HXT  sing N N 75  
CYS N   CA   sing N N 76  
CYS N   H    sing N N 77  
CYS N   H2   sing N N 78  
CYS CA  C    sing N N 79  
CYS CA  CB   sing N N 80  
CYS CA  HA   sing N N 81  
CYS C   O    doub N N 82  
CYS C   OXT  sing N N 83  
CYS CB  SG   sing N N 84  
CYS CB  HB2  sing N N 85  
CYS CB  HB3  sing N N 86  
CYS SG  HG   sing N N 87  
CYS OXT HXT  sing N N 88  
DAL N   CA   sing N N 89  
DAL N   H    sing N N 90  
DAL N   H2   sing N N 91  
DAL CA  CB   sing N N 92  
DAL CA  C    sing N N 93  
DAL CA  HA   sing N N 94  
DAL CB  HB1  sing N N 95  
DAL CB  HB2  sing N N 96  
DAL CB  HB3  sing N N 97  
DAL C   O    doub N N 98  
DAL C   OXT  sing N N 99  
DAL OXT HXT  sing N N 100 
DAS N   CA   sing N N 101 
DAS N   H    sing N N 102 
DAS N   H2   sing N N 103 
DAS CA  C    sing N N 104 
DAS CA  CB   sing N N 105 
DAS CA  HA   sing N N 106 
DAS C   O    doub N N 107 
DAS C   OXT  sing N N 108 
DAS CB  CG   sing N N 109 
DAS CB  HB2  sing N N 110 
DAS CB  HB3  sing N N 111 
DAS CG  OD1  doub N N 112 
DAS CG  OD2  sing N N 113 
DAS OD2 HD2  sing N N 114 
DAS OXT HXT  sing N N 115 
DCY N   CA   sing N N 116 
DCY N   H    sing N N 117 
DCY N   H2   sing N N 118 
DCY CA  C    sing N N 119 
DCY CA  CB   sing N N 120 
DCY CA  HA   sing N N 121 
DCY C   O    doub N N 122 
DCY C   OXT  sing N N 123 
DCY CB  SG   sing N N 124 
DCY CB  HB2  sing N N 125 
DCY CB  HB3  sing N N 126 
DCY SG  HG   sing N N 127 
DCY OXT HXT  sing N N 128 
DGL N   CA   sing N N 129 
DGL N   H    sing N N 130 
DGL N   H2   sing N N 131 
DGL CA  C    sing N N 132 
DGL CA  CB   sing N N 133 
DGL CA  HA   sing N N 134 
DGL C   O    doub N N 135 
DGL C   OXT  sing N N 136 
DGL CB  CG   sing N N 137 
DGL CB  HB2  sing N N 138 
DGL CB  HB3  sing N N 139 
DGL CG  CD   sing N N 140 
DGL CG  HG2  sing N N 141 
DGL CG  HG3  sing N N 142 
DGL CD  OE1  doub N N 143 
DGL CD  OE2  sing N N 144 
DGL OE2 HE2  sing N N 145 
DGL OXT HXT  sing N N 146 
DGN N   CA   sing N N 147 
DGN N   H    sing N N 148 
DGN N   H2   sing N N 149 
DGN CA  C    sing N N 150 
DGN CA  CB   sing N N 151 
DGN CA  HA   sing N N 152 
DGN C   O    doub N N 153 
DGN C   OXT  sing N N 154 
DGN OXT HXT  sing N N 155 
DGN CB  CG   sing N N 156 
DGN CB  HB2  sing N N 157 
DGN CB  HB3  sing N N 158 
DGN CG  CD   sing N N 159 
DGN CG  HG2  sing N N 160 
DGN CG  HG3  sing N N 161 
DGN CD  OE1  doub N N 162 
DGN CD  NE2  sing N N 163 
DGN NE2 HE21 sing N N 164 
DGN NE2 HE22 sing N N 165 
DNE N   CA   sing N N 166 
DNE N   H    sing N N 167 
DNE N   H2   sing N N 168 
DNE CA  C    sing N N 169 
DNE CA  CB   sing N N 170 
DNE CA  HA   sing N N 171 
DNE C   O    doub N N 172 
DNE C   OXT  sing N N 173 
DNE CB  CG   sing N N 174 
DNE CB  HB2  sing N N 175 
DNE CB  HB3  sing N N 176 
DNE CG  CD   sing N N 177 
DNE CG  HG2  sing N N 178 
DNE CG  HG3  sing N N 179 
DNE CD  CE   sing N N 180 
DNE CD  HD2  sing N N 181 
DNE CD  HD3  sing N N 182 
DNE CE  HE1  sing N N 183 
DNE CE  HE2  sing N N 184 
DNE CE  HE3  sing N N 185 
DNE OXT HXT  sing N N 186 
DPR N   CA   sing N N 187 
DPR N   CD   sing N N 188 
DPR N   H    sing N N 189 
DPR CA  CB   sing N N 190 
DPR CA  C    sing N N 191 
DPR CA  HA   sing N N 192 
DPR CB  CG   sing N N 193 
DPR CB  HB2  sing N N 194 
DPR CB  HB3  sing N N 195 
DPR CG  CD   sing N N 196 
DPR CG  HG2  sing N N 197 
DPR CG  HG3  sing N N 198 
DPR CD  HD2  sing N N 199 
DPR CD  HD3  sing N N 200 
DPR C   O    doub N N 201 
DPR C   OXT  sing N N 202 
DPR OXT HXT  sing N N 203 
DTR N   CA   sing N N 204 
DTR N   H    sing N N 205 
DTR N   H2   sing N N 206 
DTR CA  CB   sing N N 207 
DTR CA  C    sing N N 208 
DTR CA  HA   sing N N 209 
DTR CB  CG   sing N N 210 
DTR CB  HB2  sing N N 211 
DTR CB  HB3  sing N N 212 
DTR CG  CD1  doub Y N 213 
DTR CG  CD2  sing Y N 214 
DTR CD1 NE1  sing Y N 215 
DTR CD1 HD1  sing N N 216 
DTR NE1 CE2  sing Y N 217 
DTR NE1 HE1  sing N N 218 
DTR CE2 CZ2  doub Y N 219 
DTR CE2 CD2  sing Y N 220 
DTR CZ2 CH2  sing Y N 221 
DTR CZ2 HZ2  sing N N 222 
DTR CH2 CZ3  doub Y N 223 
DTR CH2 HH2  sing N N 224 
DTR CZ3 CE3  sing Y N 225 
DTR CZ3 HZ3  sing N N 226 
DTR CE3 CD2  doub Y N 227 
DTR CE3 HE3  sing N N 228 
DTR C   O    doub N N 229 
DTR C   OXT  sing N N 230 
DTR OXT HXT  sing N N 231 
DTY N   CA   sing N N 232 
DTY N   H    sing N N 233 
DTY N   H2   sing N N 234 
DTY CA  C    sing N N 235 
DTY CA  CB   sing N N 236 
DTY CA  HA   sing N N 237 
DTY C   O    doub N N 238 
DTY C   OXT  sing N N 239 
DTY CB  CG   sing N N 240 
DTY CB  HB2  sing N N 241 
DTY CB  HB3  sing N N 242 
DTY CG  CD1  doub Y N 243 
DTY CG  CD2  sing Y N 244 
DTY CD1 CE1  sing Y N 245 
DTY CD1 HD1  sing N N 246 
DTY CD2 CE2  doub Y N 247 
DTY CD2 HD2  sing N N 248 
DTY CE1 CZ   doub Y N 249 
DTY CE1 HE1  sing N N 250 
DTY CE2 CZ   sing Y N 251 
DTY CE2 HE2  sing N N 252 
DTY CZ  OH   sing N N 253 
DTY OH  HH   sing N N 254 
DTY OXT HXT  sing N N 255 
DVA N   CA   sing N N 256 
DVA N   H    sing N N 257 
DVA N   H2   sing N N 258 
DVA CA  CB   sing N N 259 
DVA CA  C    sing N N 260 
DVA CA  HA   sing N N 261 
DVA CB  CG1  sing N N 262 
DVA CB  CG2  sing N N 263 
DVA CB  HB   sing N N 264 
DVA CG1 HG11 sing N N 265 
DVA CG1 HG12 sing N N 266 
DVA CG1 HG13 sing N N 267 
DVA CG2 HG21 sing N N 268 
DVA CG2 HG22 sing N N 269 
DVA CG2 HG23 sing N N 270 
DVA C   O    doub N N 271 
DVA C   OXT  sing N N 272 
DVA OXT HXT  sing N N 273 
GLN N   CA   sing N N 274 
GLN N   H    sing N N 275 
GLN N   H2   sing N N 276 
GLN CA  C    sing N N 277 
GLN CA  CB   sing N N 278 
GLN CA  HA   sing N N 279 
GLN C   O    doub N N 280 
GLN C   OXT  sing N N 281 
GLN CB  CG   sing N N 282 
GLN CB  HB2  sing N N 283 
GLN CB  HB3  sing N N 284 
GLN CG  CD   sing N N 285 
GLN CG  HG2  sing N N 286 
GLN CG  HG3  sing N N 287 
GLN CD  OE1  doub N N 288 
GLN CD  NE2  sing N N 289 
GLN NE2 HE21 sing N N 290 
GLN NE2 HE22 sing N N 291 
GLN OXT HXT  sing N N 292 
GLU N   CA   sing N N 293 
GLU N   H    sing N N 294 
GLU N   H2   sing N N 295 
GLU CA  C    sing N N 296 
GLU CA  CB   sing N N 297 
GLU CA  HA   sing N N 298 
GLU C   O    doub N N 299 
GLU C   OXT  sing N N 300 
GLU CB  CG   sing N N 301 
GLU CB  HB2  sing N N 302 
GLU CB  HB3  sing N N 303 
GLU CG  CD   sing N N 304 
GLU CG  HG2  sing N N 305 
GLU CG  HG3  sing N N 306 
GLU CD  OE1  doub N N 307 
GLU CD  OE2  sing N N 308 
GLU OE2 HE2  sing N N 309 
GLU OXT HXT  sing N N 310 
GLY N   CA   sing N N 311 
GLY N   H    sing N N 312 
GLY N   H2   sing N N 313 
GLY CA  C    sing N N 314 
GLY CA  HA2  sing N N 315 
GLY CA  HA3  sing N N 316 
GLY C   O    doub N N 317 
GLY C   OXT  sing N N 318 
GLY OXT HXT  sing N N 319 
HIS N   CA   sing N N 320 
HIS N   H    sing N N 321 
HIS N   H2   sing N N 322 
HIS CA  C    sing N N 323 
HIS CA  CB   sing N N 324 
HIS CA  HA   sing N N 325 
HIS C   O    doub N N 326 
HIS C   OXT  sing N N 327 
HIS CB  CG   sing N N 328 
HIS CB  HB2  sing N N 329 
HIS CB  HB3  sing N N 330 
HIS CG  ND1  sing Y N 331 
HIS CG  CD2  doub Y N 332 
HIS ND1 CE1  doub Y N 333 
HIS ND1 HD1  sing N N 334 
HIS CD2 NE2  sing Y N 335 
HIS CD2 HD2  sing N N 336 
HIS CE1 NE2  sing Y N 337 
HIS CE1 HE1  sing N N 338 
HIS NE2 HE2  sing N N 339 
HIS OXT HXT  sing N N 340 
HOH O   H1   sing N N 341 
HOH O   H2   sing N N 342 
ILE N   CA   sing N N 343 
ILE N   H    sing N N 344 
ILE N   H2   sing N N 345 
ILE CA  C    sing N N 346 
ILE CA  CB   sing N N 347 
ILE CA  HA   sing N N 348 
ILE C   O    doub N N 349 
ILE C   OXT  sing N N 350 
ILE CB  CG1  sing N N 351 
ILE CB  CG2  sing N N 352 
ILE CB  HB   sing N N 353 
ILE CG1 CD1  sing N N 354 
ILE CG1 HG12 sing N N 355 
ILE CG1 HG13 sing N N 356 
ILE CG2 HG21 sing N N 357 
ILE CG2 HG22 sing N N 358 
ILE CG2 HG23 sing N N 359 
ILE CD1 HD11 sing N N 360 
ILE CD1 HD12 sing N N 361 
ILE CD1 HD13 sing N N 362 
ILE OXT HXT  sing N N 363 
LEU N   CA   sing N N 364 
LEU N   H    sing N N 365 
LEU N   H2   sing N N 366 
LEU CA  C    sing N N 367 
LEU CA  CB   sing N N 368 
LEU CA  HA   sing N N 369 
LEU C   O    doub N N 370 
LEU C   OXT  sing N N 371 
LEU CB  CG   sing N N 372 
LEU CB  HB2  sing N N 373 
LEU CB  HB3  sing N N 374 
LEU CG  CD1  sing N N 375 
LEU CG  CD2  sing N N 376 
LEU CG  HG   sing N N 377 
LEU CD1 HD11 sing N N 378 
LEU CD1 HD12 sing N N 379 
LEU CD1 HD13 sing N N 380 
LEU CD2 HD21 sing N N 381 
LEU CD2 HD22 sing N N 382 
LEU CD2 HD23 sing N N 383 
LEU OXT HXT  sing N N 384 
LYS N   CA   sing N N 385 
LYS N   H    sing N N 386 
LYS N   H2   sing N N 387 
LYS CA  C    sing N N 388 
LYS CA  CB   sing N N 389 
LYS CA  HA   sing N N 390 
LYS C   O    doub N N 391 
LYS C   OXT  sing N N 392 
LYS CB  CG   sing N N 393 
LYS CB  HB2  sing N N 394 
LYS CB  HB3  sing N N 395 
LYS CG  CD   sing N N 396 
LYS CG  HG2  sing N N 397 
LYS CG  HG3  sing N N 398 
LYS CD  CE   sing N N 399 
LYS CD  HD2  sing N N 400 
LYS CD  HD3  sing N N 401 
LYS CE  NZ   sing N N 402 
LYS CE  HE2  sing N N 403 
LYS CE  HE3  sing N N 404 
LYS NZ  HZ1  sing N N 405 
LYS NZ  HZ2  sing N N 406 
LYS NZ  HZ3  sing N N 407 
LYS OXT HXT  sing N N 408 
MET N   CA   sing N N 409 
MET N   H    sing N N 410 
MET N   H2   sing N N 411 
MET CA  C    sing N N 412 
MET CA  CB   sing N N 413 
MET CA  HA   sing N N 414 
MET C   O    doub N N 415 
MET C   OXT  sing N N 416 
MET CB  CG   sing N N 417 
MET CB  HB2  sing N N 418 
MET CB  HB3  sing N N 419 
MET CG  SD   sing N N 420 
MET CG  HG2  sing N N 421 
MET CG  HG3  sing N N 422 
MET SD  CE   sing N N 423 
MET CE  HE1  sing N N 424 
MET CE  HE2  sing N N 425 
MET CE  HE3  sing N N 426 
MET OXT HXT  sing N N 427 
NH2 N   HN1  sing N N 428 
NH2 N   HN2  sing N N 429 
PHE N   CA   sing N N 430 
PHE N   H    sing N N 431 
PHE N   H2   sing N N 432 
PHE CA  C    sing N N 433 
PHE CA  CB   sing N N 434 
PHE CA  HA   sing N N 435 
PHE C   O    doub N N 436 
PHE C   OXT  sing N N 437 
PHE CB  CG   sing N N 438 
PHE CB  HB2  sing N N 439 
PHE CB  HB3  sing N N 440 
PHE CG  CD1  doub Y N 441 
PHE CG  CD2  sing Y N 442 
PHE CD1 CE1  sing Y N 443 
PHE CD1 HD1  sing N N 444 
PHE CD2 CE2  doub Y N 445 
PHE CD2 HD2  sing N N 446 
PHE CE1 CZ   doub Y N 447 
PHE CE1 HE1  sing N N 448 
PHE CE2 CZ   sing Y N 449 
PHE CE2 HE2  sing N N 450 
PHE CZ  HZ   sing N N 451 
PHE OXT HXT  sing N N 452 
PRO N   CA   sing N N 453 
PRO N   CD   sing N N 454 
PRO N   H    sing N N 455 
PRO CA  C    sing N N 456 
PRO CA  CB   sing N N 457 
PRO CA  HA   sing N N 458 
PRO C   O    doub N N 459 
PRO C   OXT  sing N N 460 
PRO CB  CG   sing N N 461 
PRO CB  HB2  sing N N 462 
PRO CB  HB3  sing N N 463 
PRO CG  CD   sing N N 464 
PRO CG  HG2  sing N N 465 
PRO CG  HG3  sing N N 466 
PRO CD  HD2  sing N N 467 
PRO CD  HD3  sing N N 468 
PRO OXT HXT  sing N N 469 
SER N   CA   sing N N 470 
SER N   H    sing N N 471 
SER N   H2   sing N N 472 
SER CA  C    sing N N 473 
SER CA  CB   sing N N 474 
SER CA  HA   sing N N 475 
SER C   O    doub N N 476 
SER C   OXT  sing N N 477 
SER CB  OG   sing N N 478 
SER CB  HB2  sing N N 479 
SER CB  HB3  sing N N 480 
SER OG  HG   sing N N 481 
SER OXT HXT  sing N N 482 
SO4 S   O1   doub N N 483 
SO4 S   O2   doub N N 484 
SO4 S   O3   sing N N 485 
SO4 S   O4   sing N N 486 
THR N   CA   sing N N 487 
THR N   H    sing N N 488 
THR N   H2   sing N N 489 
THR CA  C    sing N N 490 
THR CA  CB   sing N N 491 
THR CA  HA   sing N N 492 
THR C   O    doub N N 493 
THR C   OXT  sing N N 494 
THR CB  OG1  sing N N 495 
THR CB  CG2  sing N N 496 
THR CB  HB   sing N N 497 
THR OG1 HG1  sing N N 498 
THR CG2 HG21 sing N N 499 
THR CG2 HG22 sing N N 500 
THR CG2 HG23 sing N N 501 
THR OXT HXT  sing N N 502 
TYR N   CA   sing N N 503 
TYR N   H    sing N N 504 
TYR N   H2   sing N N 505 
TYR CA  C    sing N N 506 
TYR CA  CB   sing N N 507 
TYR CA  HA   sing N N 508 
TYR C   O    doub N N 509 
TYR C   OXT  sing N N 510 
TYR CB  CG   sing N N 511 
TYR CB  HB2  sing N N 512 
TYR CB  HB3  sing N N 513 
TYR CG  CD1  doub Y N 514 
TYR CG  CD2  sing Y N 515 
TYR CD1 CE1  sing Y N 516 
TYR CD1 HD1  sing N N 517 
TYR CD2 CE2  doub Y N 518 
TYR CD2 HD2  sing N N 519 
TYR CE1 CZ   doub Y N 520 
TYR CE1 HE1  sing N N 521 
TYR CE2 CZ   sing Y N 522 
TYR CE2 HE2  sing N N 523 
TYR CZ  OH   sing N N 524 
TYR OH  HH   sing N N 525 
TYR OXT HXT  sing N N 526 
VAL N   CA   sing N N 527 
VAL N   H    sing N N 528 
VAL N   H2   sing N N 529 
VAL CA  C    sing N N 530 
VAL CA  CB   sing N N 531 
VAL CA  HA   sing N N 532 
VAL C   O    doub N N 533 
VAL C   OXT  sing N N 534 
VAL CB  CG1  sing N N 535 
VAL CB  CG2  sing N N 536 
VAL CB  HB   sing N N 537 
VAL CG1 HG11 sing N N 538 
VAL CG1 HG12 sing N N 539 
VAL CG1 HG13 sing N N 540 
VAL CG2 HG21 sing N N 541 
VAL CG2 HG22 sing N N 542 
VAL CG2 HG23 sing N N 543 
VAL OXT HXT  sing N N 544 
WHL CK  CJ   sing N N 545 
WHL CJ  NB   sing N N 546 
WHL CJ  OA   doub N N 547 
WHL NB  CC   sing N N 548 
WHL CC  CB   doub Y N 549 
WHL CC  CD   sing Y N 550 
WHL CB  CA   sing Y N 551 
WHL CD  CE   doub Y N 552 
WHL CA  CF   doub Y N 553 
WHL CE  CF   sing Y N 554 
WHL CF  NA   sing N N 555 
WHL OB  CG   doub N N 556 
WHL NA  CG   sing N N 557 
WHL CG  CH   sing N N 558 
WHL CA  H1   sing N N 559 
WHL CB  H2   sing N N 560 
WHL NB  H3   sing N N 561 
WHL CD  H4   sing N N 562 
WHL CE  H5   sing N N 563 
WHL CH  H6   sing N N 564 
WHL CH  H7   sing N N 565 
WHL CH  H8   sing N N 566 
WHL CK  H9   sing N N 567 
WHL CK  H10  sing N N 568 
WHL CK  H11  sing N N 569 
WHL NA  H12  sing N N 570 
# 
loop_
_pdbx_audit_support.funding_organization 
_pdbx_audit_support.country 
_pdbx_audit_support.grant_number 
_pdbx_audit_support.ordinal 
'Other private'                    'United States' 'FOG Pharmaceuticals'                                 1 
'Other private'                    'United States' 'MIT School of Science Fellowship in Cancer Research' 2 
'German Research Foundation (DFG)' Germany         'LE 4224/1-1'                                         3 
# 
loop_
_pdbx_entity_nonpoly.entity_id 
_pdbx_entity_nonpoly.name 
_pdbx_entity_nonpoly.comp_id 
3 'SULFATE ION'                     SO4 
4 'CHLORIDE ION'                    CL  
5 "N,N'-(1,4-phenylene)diacetamide" WHL 
6 water                             HOH 
# 
_pdbx_initial_refinement_model.id               1 
_pdbx_initial_refinement_model.entity_id_list   ? 
_pdbx_initial_refinement_model.type             'experimental model' 
_pdbx_initial_refinement_model.source_name      PDB 
_pdbx_initial_refinement_model.accession_code   3G03 
_pdbx_initial_refinement_model.details          ? 
# 
_pdbx_struct_assembly_auth_evidence.id                     1 
_pdbx_struct_assembly_auth_evidence.assembly_id            1 
_pdbx_struct_assembly_auth_evidence.experimental_support   'surface plasmon resonance' 
_pdbx_struct_assembly_auth_evidence.details                ? 
# 
